data_6NMW
# 
_entry.id   6NMW 
# 
_audit_conform.dict_name       mmcif_pdbx.dic 
_audit_conform.dict_version    5.379 
_audit_conform.dict_location   http://mmcif.pdb.org/dictionaries/ascii/mmcif_pdbx.dic 
# 
loop_
_database_2.database_id 
_database_2.database_code 
_database_2.pdbx_database_accession 
_database_2.pdbx_DOI 
PDB   6NMW         pdb_00006nmw 10.2210/pdb6nmw/pdb 
WWPDB D_1000239006 ?            ?                   
# 
_pdbx_database_status.status_code                     REL 
_pdbx_database_status.status_code_sf                  REL 
_pdbx_database_status.status_code_mr                  ? 
_pdbx_database_status.entry_id                        6NMW 
_pdbx_database_status.recvd_initial_deposition_date   2019-01-12 
_pdbx_database_status.SG_entry                        N 
_pdbx_database_status.deposit_site                    RCSB 
_pdbx_database_status.process_site                    RCSB 
_pdbx_database_status.status_code_cs                  ? 
_pdbx_database_status.methods_development_category    ? 
_pdbx_database_status.pdb_format_compatible           Y 
_pdbx_database_status.status_code_nmr_data            ? 
# 
loop_
_audit_author.name 
_audit_author.pdbx_ordinal 
_audit_author.identifier_ORCID 
'Berndt, S.'     1 0000-0002-9732-9413 
'Gurevich, V.V.' 2 0000-0002-3950-5351 
'Iverson, T.M.'  3 0000-0001-8816-6352 
# 
_citation.abstract                  ? 
_citation.abstract_id_CAS           ? 
_citation.book_id_ISBN              ? 
_citation.book_publisher            ? 
_citation.book_publisher_city       ? 
_citation.book_title                ? 
_citation.coordinate_linkage        ? 
_citation.country                   US 
_citation.database_id_Medline       ? 
_citation.details                   ? 
_citation.id                        primary 
_citation.journal_abbrev            'PLoS ONE' 
_citation.journal_id_ASTM           ? 
_citation.journal_id_CSD            ? 
_citation.journal_id_ISSN           1932-6203 
_citation.journal_full              ? 
_citation.journal_issue             ? 
_citation.journal_volume            14 
_citation.language                  ? 
_citation.page_first                e0215140 
_citation.page_last                 e0215140 
_citation.title                     'Crystal structure of the SH3 domain of human Lyn non-receptor tyrosine kinase.' 
_citation.year                      2019 
_citation.database_id_CSD           ? 
_citation.pdbx_database_id_DOI      10.1371/journal.pone.0215140 
_citation.pdbx_database_id_PubMed   30969999 
_citation.unpublished_flag          ? 
# 
loop_
_citation_author.citation_id 
_citation_author.name 
_citation_author.ordinal 
_citation_author.identifier_ORCID 
primary 'Berndt, S.'     1 0000-0002-9732-9413 
primary 'Gurevich, V.V.' 2 ?                   
primary 'Iverson, T.M.'  3 0000-0001-8816-6352 
# 
_cell.angle_alpha                  90.00 
_cell.angle_alpha_esd              ? 
_cell.angle_beta                   90.00 
_cell.angle_beta_esd               ? 
_cell.angle_gamma                  120.00 
_cell.angle_gamma_esd              ? 
_cell.entry_id                     6NMW 
_cell.details                      ? 
_cell.formula_units_Z              ? 
_cell.length_a                     46.722 
_cell.length_a_esd                 ? 
_cell.length_b                     46.722 
_cell.length_b_esd                 ? 
_cell.length_c                     55.696 
_cell.length_c_esd                 ? 
_cell.volume                       ? 
_cell.volume_esd                   ? 
_cell.Z_PDB                        6 
_cell.reciprocal_angle_alpha       ? 
_cell.reciprocal_angle_beta        ? 
_cell.reciprocal_angle_gamma       ? 
_cell.reciprocal_angle_alpha_esd   ? 
_cell.reciprocal_angle_beta_esd    ? 
_cell.reciprocal_angle_gamma_esd   ? 
_cell.reciprocal_length_a          ? 
_cell.reciprocal_length_b          ? 
_cell.reciprocal_length_c          ? 
_cell.reciprocal_length_a_esd      ? 
_cell.reciprocal_length_b_esd      ? 
_cell.reciprocal_length_c_esd      ? 
_cell.pdbx_unique_axis             ? 
# 
_symmetry.entry_id                         6NMW 
_symmetry.cell_setting                     ? 
_symmetry.Int_Tables_number                169 
_symmetry.space_group_name_Hall            ? 
_symmetry.space_group_name_H-M             'P 61' 
_symmetry.pdbx_full_space_group_name_H-M   ? 
# 
loop_
_entity.id 
_entity.type 
_entity.src_method 
_entity.pdbx_description 
_entity.formula_weight 
_entity.pdbx_number_of_molecules 
_entity.pdbx_ec 
_entity.pdbx_mutation 
_entity.pdbx_fragment 
_entity.details 
1 polymer man 'Tyrosine-protein kinase Lyn' 8075.152 1  2.7.10.2 ? 'UNP RESIDUES 42-104' ? 
2 water   nat water                         18.015   40 ?        ? ?                     ? 
# 
_entity_name_com.entity_id   1 
_entity_name_com.name        
'Lck/Yes-related novel protein tyrosine kinase,V-yes-1 Yamaguchi sarcoma viral related oncogene homolog,p53Lyn,p56Lyn' 
# 
_entity_poly.entity_id                      1 
_entity_poly.type                           'polypeptide(L)' 
_entity_poly.nstd_linkage                   no 
_entity_poly.nstd_monomer                   no 
_entity_poly.pdbx_seq_one_letter_code       EQGDIVVALYPYDGIHPDDLSFKKGEKMKVLEEHGEWWKAKSLLTKKEGFIPSNYVAKLNTLEHHHHHH 
_entity_poly.pdbx_seq_one_letter_code_can   EQGDIVVALYPYDGIHPDDLSFKKGEKMKVLEEHGEWWKAKSLLTKKEGFIPSNYVAKLNTLEHHHHHH 
_entity_poly.pdbx_strand_id                 A 
_entity_poly.pdbx_target_identifier         ? 
# 
loop_
_entity_poly_seq.entity_id 
_entity_poly_seq.num 
_entity_poly_seq.mon_id 
_entity_poly_seq.hetero 
1 1  GLU n 
1 2  GLN n 
1 3  GLY n 
1 4  ASP n 
1 5  ILE n 
1 6  VAL n 
1 7  VAL n 
1 8  ALA n 
1 9  LEU n 
1 10 TYR n 
1 11 PRO n 
1 12 TYR n 
1 13 ASP n 
1 14 GLY n 
1 15 ILE n 
1 16 HIS n 
1 17 PRO n 
1 18 ASP n 
1 19 ASP n 
1 20 LEU n 
1 21 SER n 
1 22 PHE n 
1 23 LYS n 
1 24 LYS n 
1 25 GLY n 
1 26 GLU n 
1 27 LYS n 
1 28 MET n 
1 29 LYS n 
1 30 VAL n 
1 31 LEU n 
1 32 GLU n 
1 33 GLU n 
1 34 HIS n 
1 35 GLY n 
1 36 GLU n 
1 37 TRP n 
1 38 TRP n 
1 39 LYS n 
1 40 ALA n 
1 41 LYS n 
1 42 SER n 
1 43 LEU n 
1 44 LEU n 
1 45 THR n 
1 46 LYS n 
1 47 LYS n 
1 48 GLU n 
1 49 GLY n 
1 50 PHE n 
1 51 ILE n 
1 52 PRO n 
1 53 SER n 
1 54 ASN n 
1 55 TYR n 
1 56 VAL n 
1 57 ALA n 
1 58 LYS n 
1 59 LEU n 
1 60 ASN n 
1 61 THR n 
1 62 LEU n 
1 63 GLU n 
1 64 HIS n 
1 65 HIS n 
1 66 HIS n 
1 67 HIS n 
1 68 HIS n 
1 69 HIS n 
# 
_entity_src_gen.entity_id                          1 
_entity_src_gen.pdbx_src_id                        1 
_entity_src_gen.pdbx_alt_source_flag               sample 
_entity_src_gen.pdbx_seq_type                      'Biological sequence' 
_entity_src_gen.pdbx_beg_seq_num                   1 
_entity_src_gen.pdbx_end_seq_num                   69 
_entity_src_gen.gene_src_common_name               Human 
_entity_src_gen.gene_src_genus                     ? 
_entity_src_gen.pdbx_gene_src_gene                 'LYN, JTK8' 
_entity_src_gen.gene_src_species                   ? 
_entity_src_gen.gene_src_strain                    ? 
_entity_src_gen.gene_src_tissue                    ? 
_entity_src_gen.gene_src_tissue_fraction           ? 
_entity_src_gen.gene_src_details                   ? 
_entity_src_gen.pdbx_gene_src_fragment             ? 
_entity_src_gen.pdbx_gene_src_scientific_name      'Homo sapiens' 
_entity_src_gen.pdbx_gene_src_ncbi_taxonomy_id     9606 
_entity_src_gen.pdbx_gene_src_variant              ? 
_entity_src_gen.pdbx_gene_src_cell_line            ? 
_entity_src_gen.pdbx_gene_src_atcc                 ? 
_entity_src_gen.pdbx_gene_src_organ                ? 
_entity_src_gen.pdbx_gene_src_organelle            ? 
_entity_src_gen.pdbx_gene_src_cell                 ? 
_entity_src_gen.pdbx_gene_src_cellular_location    ? 
_entity_src_gen.host_org_common_name               ? 
_entity_src_gen.pdbx_host_org_scientific_name      'Escherichia coli BL21(DE3)' 
_entity_src_gen.pdbx_host_org_ncbi_taxonomy_id     469008 
_entity_src_gen.host_org_genus                     ? 
_entity_src_gen.pdbx_host_org_gene                 ? 
_entity_src_gen.pdbx_host_org_organ                ? 
_entity_src_gen.host_org_species                   ? 
_entity_src_gen.pdbx_host_org_tissue               ? 
_entity_src_gen.pdbx_host_org_tissue_fraction      ? 
_entity_src_gen.pdbx_host_org_strain               ? 
_entity_src_gen.pdbx_host_org_variant              ? 
_entity_src_gen.pdbx_host_org_cell_line            ? 
_entity_src_gen.pdbx_host_org_atcc                 ? 
_entity_src_gen.pdbx_host_org_culture_collection   ? 
_entity_src_gen.pdbx_host_org_cell                 ? 
_entity_src_gen.pdbx_host_org_organelle            ? 
_entity_src_gen.pdbx_host_org_cellular_location    ? 
_entity_src_gen.pdbx_host_org_vector_type          ? 
_entity_src_gen.pdbx_host_org_vector               ? 
_entity_src_gen.host_org_details                   ? 
_entity_src_gen.expression_system_id               ? 
_entity_src_gen.plasmid_name                       ? 
_entity_src_gen.plasmid_details                    ? 
_entity_src_gen.pdbx_description                   ? 
# 
_struct_ref.id                         1 
_struct_ref.db_name                    UNP 
_struct_ref.db_code                    LYN_HUMAN 
_struct_ref.pdbx_db_accession          P07948 
_struct_ref.pdbx_db_isoform            P07948-2 
_struct_ref.entity_id                  1 
_struct_ref.pdbx_seq_one_letter_code   EQGDIVVALYPYDGIHPDDLSFKKGEKMKVLEEHGEWWKAKSLLTKKEGFIPSNYVAKLNTLE 
_struct_ref.pdbx_align_begin           42 
# 
_struct_ref_seq.align_id                      1 
_struct_ref_seq.ref_id                        1 
_struct_ref_seq.pdbx_PDB_id_code              6NMW 
_struct_ref_seq.pdbx_strand_id                A 
_struct_ref_seq.seq_align_beg                 1 
_struct_ref_seq.pdbx_seq_align_beg_ins_code   ? 
_struct_ref_seq.seq_align_end                 63 
_struct_ref_seq.pdbx_seq_align_end_ins_code   ? 
_struct_ref_seq.pdbx_db_accession             P07948 
_struct_ref_seq.db_align_beg                  42 
_struct_ref_seq.pdbx_db_align_beg_ins_code    ? 
_struct_ref_seq.db_align_end                  104 
_struct_ref_seq.pdbx_db_align_end_ins_code    ? 
_struct_ref_seq.pdbx_auth_seq_align_beg       63 
_struct_ref_seq.pdbx_auth_seq_align_end       125 
# 
loop_
_struct_ref_seq_dif.align_id 
_struct_ref_seq_dif.pdbx_pdb_id_code 
_struct_ref_seq_dif.mon_id 
_struct_ref_seq_dif.pdbx_pdb_strand_id 
_struct_ref_seq_dif.seq_num 
_struct_ref_seq_dif.pdbx_pdb_ins_code 
_struct_ref_seq_dif.pdbx_seq_db_name 
_struct_ref_seq_dif.pdbx_seq_db_accession_code 
_struct_ref_seq_dif.db_mon_id 
_struct_ref_seq_dif.pdbx_seq_db_seq_num 
_struct_ref_seq_dif.details 
_struct_ref_seq_dif.pdbx_auth_seq_num 
_struct_ref_seq_dif.pdbx_ordinal 
1 6NMW HIS A 64 ? UNP P07948 ? ? 'expression tag' 126 1 
1 6NMW HIS A 65 ? UNP P07948 ? ? 'expression tag' 127 2 
1 6NMW HIS A 66 ? UNP P07948 ? ? 'expression tag' 128 3 
1 6NMW HIS A 67 ? UNP P07948 ? ? 'expression tag' 129 4 
1 6NMW HIS A 68 ? UNP P07948 ? ? 'expression tag' 130 5 
1 6NMW HIS A 69 ? UNP P07948 ? ? 'expression tag' 131 6 
# 
loop_
_chem_comp.id 
_chem_comp.type 
_chem_comp.mon_nstd_flag 
_chem_comp.name 
_chem_comp.pdbx_synonyms 
_chem_comp.formula 
_chem_comp.formula_weight 
ALA 'L-peptide linking' y ALANINE         ? 'C3 H7 N O2'     89.093  
ASN 'L-peptide linking' y ASPARAGINE      ? 'C4 H8 N2 O3'    132.118 
ASP 'L-peptide linking' y 'ASPARTIC ACID' ? 'C4 H7 N O4'     133.103 
GLN 'L-peptide linking' y GLUTAMINE       ? 'C5 H10 N2 O3'   146.144 
GLU 'L-peptide linking' y 'GLUTAMIC ACID' ? 'C5 H9 N O4'     147.129 
GLY 'peptide linking'   y GLYCINE         ? 'C2 H5 N O2'     75.067  
HIS 'L-peptide linking' y HISTIDINE       ? 'C6 H10 N3 O2 1' 156.162 
HOH non-polymer         . WATER           ? 'H2 O'           18.015  
ILE 'L-peptide linking' y ISOLEUCINE      ? 'C6 H13 N O2'    131.173 
LEU 'L-peptide linking' y LEUCINE         ? 'C6 H13 N O2'    131.173 
LYS 'L-peptide linking' y LYSINE          ? 'C6 H15 N2 O2 1' 147.195 
MET 'L-peptide linking' y METHIONINE      ? 'C5 H11 N O2 S'  149.211 
PHE 'L-peptide linking' y PHENYLALANINE   ? 'C9 H11 N O2'    165.189 
PRO 'L-peptide linking' y PROLINE         ? 'C5 H9 N O2'     115.130 
SER 'L-peptide linking' y SERINE          ? 'C3 H7 N O3'     105.093 
THR 'L-peptide linking' y THREONINE       ? 'C4 H9 N O3'     119.119 
TRP 'L-peptide linking' y TRYPTOPHAN      ? 'C11 H12 N2 O2'  204.225 
TYR 'L-peptide linking' y TYROSINE        ? 'C9 H11 N O3'    181.189 
VAL 'L-peptide linking' y VALINE          ? 'C5 H11 N O2'    117.146 
# 
_exptl.absorpt_coefficient_mu     ? 
_exptl.absorpt_correction_T_max   ? 
_exptl.absorpt_correction_T_min   ? 
_exptl.absorpt_correction_type    ? 
_exptl.absorpt_process_details    ? 
_exptl.entry_id                   6NMW 
_exptl.crystals_number            1 
_exptl.details                    ? 
_exptl.method                     'X-RAY DIFFRACTION' 
_exptl.method_details             ? 
# 
_exptl_crystal.colour                      ? 
_exptl_crystal.density_diffrn              ? 
_exptl_crystal.density_Matthews            2.22 
_exptl_crystal.density_method              ? 
_exptl_crystal.density_percent_sol         44.71 
_exptl_crystal.description                 ? 
_exptl_crystal.F_000                       ? 
_exptl_crystal.id                          1 
_exptl_crystal.preparation                 ? 
_exptl_crystal.size_max                    ? 
_exptl_crystal.size_mid                    ? 
_exptl_crystal.size_min                    ? 
_exptl_crystal.size_rad                    ? 
_exptl_crystal.colour_lustre               ? 
_exptl_crystal.colour_modifier             ? 
_exptl_crystal.colour_primary              ? 
_exptl_crystal.density_meas                ? 
_exptl_crystal.density_meas_esd            ? 
_exptl_crystal.density_meas_gt             ? 
_exptl_crystal.density_meas_lt             ? 
_exptl_crystal.density_meas_temp           ? 
_exptl_crystal.density_meas_temp_esd       ? 
_exptl_crystal.density_meas_temp_gt        ? 
_exptl_crystal.density_meas_temp_lt        ? 
_exptl_crystal.pdbx_crystal_image_url      ? 
_exptl_crystal.pdbx_crystal_image_format   ? 
_exptl_crystal.pdbx_mosaicity              ? 
_exptl_crystal.pdbx_mosaicity_esd          ? 
# 
_exptl_crystal_grow.apparatus       ? 
_exptl_crystal_grow.atmosphere      ? 
_exptl_crystal_grow.crystal_id      1 
_exptl_crystal_grow.details         ? 
_exptl_crystal_grow.method          'VAPOR DIFFUSION, HANGING DROP' 
_exptl_crystal_grow.method_ref      ? 
_exptl_crystal_grow.pH              ? 
_exptl_crystal_grow.pressure        ? 
_exptl_crystal_grow.pressure_esd    ? 
_exptl_crystal_grow.seeding         ? 
_exptl_crystal_grow.seeding_ref     ? 
_exptl_crystal_grow.temp            298 
_exptl_crystal_grow.temp_details    ? 
_exptl_crystal_grow.temp_esd        ? 
_exptl_crystal_grow.time            ? 
_exptl_crystal_grow.pdbx_details    '0.1 M Na citrate, 3.2 M NaCl' 
_exptl_crystal_grow.pdbx_pH_range   ? 
# 
_diffrn.ambient_environment              ? 
_diffrn.ambient_temp                     105 
_diffrn.ambient_temp_details             ? 
_diffrn.ambient_temp_esd                 ? 
_diffrn.crystal_id                       1 
_diffrn.crystal_support                  ? 
_diffrn.crystal_treatment                ? 
_diffrn.details                          ? 
_diffrn.id                               1 
_diffrn.ambient_pressure                 ? 
_diffrn.ambient_pressure_esd             ? 
_diffrn.ambient_pressure_gt              ? 
_diffrn.ambient_pressure_lt              ? 
_diffrn.ambient_temp_gt                  ? 
_diffrn.ambient_temp_lt                  ? 
_diffrn.pdbx_serial_crystal_experiment   N 
# 
_diffrn_detector.details                      ? 
_diffrn_detector.detector                     PIXEL 
_diffrn_detector.diffrn_id                    1 
_diffrn_detector.type                         'DECTRIS PILATUS 6M' 
_diffrn_detector.area_resol_mean              ? 
_diffrn_detector.dtime                        ? 
_diffrn_detector.pdbx_frames_total            ? 
_diffrn_detector.pdbx_collection_time_total   ? 
_diffrn_detector.pdbx_collection_date         2018-07-07 
_diffrn_detector.pdbx_frequency               ? 
# 
_diffrn_radiation.collimation                      ? 
_diffrn_radiation.diffrn_id                        1 
_diffrn_radiation.filter_edge                      ? 
_diffrn_radiation.inhomogeneity                    ? 
_diffrn_radiation.monochromator                    ? 
_diffrn_radiation.polarisn_norm                    ? 
_diffrn_radiation.polarisn_ratio                   ? 
_diffrn_radiation.probe                            ? 
_diffrn_radiation.type                             ? 
_diffrn_radiation.xray_symbol                      ? 
_diffrn_radiation.wavelength_id                    1 
_diffrn_radiation.pdbx_monochromatic_or_laue_m_l   M 
_diffrn_radiation.pdbx_wavelength_list             ? 
_diffrn_radiation.pdbx_wavelength                  ? 
_diffrn_radiation.pdbx_diffrn_protocol             'SINGLE WAVELENGTH' 
_diffrn_radiation.pdbx_analyzer                    ? 
_diffrn_radiation.pdbx_scattering_type             x-ray 
# 
_diffrn_radiation_wavelength.id           1 
_diffrn_radiation_wavelength.wavelength   0.97945 
_diffrn_radiation_wavelength.wt           1.0 
# 
_diffrn_source.current                     ? 
_diffrn_source.details                     ? 
_diffrn_source.diffrn_id                   1 
_diffrn_source.power                       ? 
_diffrn_source.size                        ? 
_diffrn_source.source                      SYNCHROTRON 
_diffrn_source.target                      ? 
_diffrn_source.type                        'SSRL BEAMLINE BL9-2' 
_diffrn_source.voltage                     ? 
_diffrn_source.take-off_angle              ? 
_diffrn_source.pdbx_wavelength_list        0.97945 
_diffrn_source.pdbx_wavelength             ? 
_diffrn_source.pdbx_synchrotron_beamline   BL9-2 
_diffrn_source.pdbx_synchrotron_site       SSRL 
# 
_reflns.B_iso_Wilson_estimate            ? 
_reflns.entry_id                         6NMW 
_reflns.data_reduction_details           ? 
_reflns.data_reduction_method            ? 
_reflns.d_resolution_high                1.199 
_reflns.d_resolution_low                 50 
_reflns.details                          ? 
_reflns.limit_h_max                      ? 
_reflns.limit_h_min                      ? 
_reflns.limit_k_max                      ? 
_reflns.limit_k_min                      ? 
_reflns.limit_l_max                      ? 
_reflns.limit_l_min                      ? 
_reflns.number_all                       ? 
_reflns.number_obs                       18850 
_reflns.observed_criterion               ? 
_reflns.observed_criterion_F_max         ? 
_reflns.observed_criterion_F_min         ? 
_reflns.observed_criterion_I_max         ? 
_reflns.observed_criterion_I_min         ? 
_reflns.observed_criterion_sigma_F       ? 
_reflns.observed_criterion_sigma_I       ? 
_reflns.percent_possible_obs             87.09 
_reflns.R_free_details                   ? 
_reflns.Rmerge_F_all                     ? 
_reflns.Rmerge_F_obs                     ? 
_reflns.Friedel_coverage                 ? 
_reflns.number_gt                        ? 
_reflns.threshold_expression             ? 
_reflns.pdbx_redundancy                  5.7 
_reflns.pdbx_Rmerge_I_obs                ? 
_reflns.pdbx_Rmerge_I_all                ? 
_reflns.pdbx_Rsym_value                  0.038 
_reflns.pdbx_netI_over_av_sigmaI         ? 
_reflns.pdbx_netI_over_sigmaI            3.55 
_reflns.pdbx_res_netI_over_av_sigmaI_2   ? 
_reflns.pdbx_res_netI_over_sigmaI_2      ? 
_reflns.pdbx_chi_squared                 ? 
_reflns.pdbx_scaling_rejects             ? 
_reflns.pdbx_d_res_high_opt              ? 
_reflns.pdbx_d_res_low_opt               ? 
_reflns.pdbx_d_res_opt_method            ? 
_reflns.phase_calculation_details        ? 
_reflns.pdbx_Rrim_I_all                  ? 
_reflns.pdbx_Rpim_I_all                  0.012 
_reflns.pdbx_d_opt                       ? 
_reflns.pdbx_number_measured_all         ? 
_reflns.pdbx_diffrn_id                   1 
_reflns.pdbx_ordinal                     1 
_reflns.pdbx_CC_half                     0.994 
_reflns.pdbx_R_split                     ? 
# 
_reflns_shell.d_res_high                  1.20 
_reflns_shell.d_res_low                   1.22 
_reflns_shell.meanI_over_sigI_all         ? 
_reflns_shell.meanI_over_sigI_obs         ? 
_reflns_shell.number_measured_all         ? 
_reflns_shell.number_measured_obs         ? 
_reflns_shell.number_possible             ? 
_reflns_shell.number_unique_all           ? 
_reflns_shell.number_unique_obs           12664 
_reflns_shell.percent_possible_all        81.8 
_reflns_shell.percent_possible_obs        ? 
_reflns_shell.Rmerge_F_all                ? 
_reflns_shell.Rmerge_F_obs                ? 
_reflns_shell.Rmerge_I_all                ? 
_reflns_shell.Rmerge_I_obs                ? 
_reflns_shell.meanI_over_sigI_gt          ? 
_reflns_shell.meanI_over_uI_all           ? 
_reflns_shell.meanI_over_uI_gt            ? 
_reflns_shell.number_measured_gt          ? 
_reflns_shell.number_unique_gt            ? 
_reflns_shell.percent_possible_gt         ? 
_reflns_shell.Rmerge_F_gt                 ? 
_reflns_shell.Rmerge_I_gt                 ? 
_reflns_shell.pdbx_redundancy             ? 
_reflns_shell.pdbx_Rsym_value             0.512 
_reflns_shell.pdbx_chi_squared            ? 
_reflns_shell.pdbx_netI_over_sigmaI_all   ? 
_reflns_shell.pdbx_netI_over_sigmaI_obs   ? 
_reflns_shell.pdbx_Rrim_I_all             ? 
_reflns_shell.pdbx_Rpim_I_all             0.171 
_reflns_shell.pdbx_rejects                ? 
_reflns_shell.pdbx_ordinal                1 
_reflns_shell.pdbx_diffrn_id              1 
_reflns_shell.pdbx_CC_half                0.923 
_reflns_shell.pdbx_R_split                ? 
# 
_refine.aniso_B[1][1]                            ? 
_refine.aniso_B[1][2]                            ? 
_refine.aniso_B[1][3]                            ? 
_refine.aniso_B[2][2]                            ? 
_refine.aniso_B[2][3]                            ? 
_refine.aniso_B[3][3]                            ? 
_refine.B_iso_max                                ? 
_refine.B_iso_mean                               ? 
_refine.B_iso_min                                ? 
_refine.correlation_coeff_Fo_to_Fc               ? 
_refine.correlation_coeff_Fo_to_Fc_free          ? 
_refine.details                                  ? 
_refine.diff_density_max                         ? 
_refine.diff_density_max_esd                     ? 
_refine.diff_density_min                         ? 
_refine.diff_density_min_esd                     ? 
_refine.diff_density_rms                         ? 
_refine.diff_density_rms_esd                     ? 
_refine.entry_id                                 6NMW 
_refine.pdbx_refine_id                           'X-RAY DIFFRACTION' 
_refine.ls_abs_structure_details                 ? 
_refine.ls_abs_structure_Flack                   ? 
_refine.ls_abs_structure_Flack_esd               ? 
_refine.ls_abs_structure_Rogers                  ? 
_refine.ls_abs_structure_Rogers_esd              ? 
_refine.ls_d_res_high                            1.199 
_refine.ls_d_res_low                             32.736 
_refine.ls_extinction_coef                       ? 
_refine.ls_extinction_coef_esd                   ? 
_refine.ls_extinction_expression                 ? 
_refine.ls_extinction_method                     ? 
_refine.ls_goodness_of_fit_all                   ? 
_refine.ls_goodness_of_fit_all_esd               ? 
_refine.ls_goodness_of_fit_obs                   ? 
_refine.ls_goodness_of_fit_obs_esd               ? 
_refine.ls_hydrogen_treatment                    ? 
_refine.ls_matrix_type                           ? 
_refine.ls_number_constraints                    ? 
_refine.ls_number_parameters                     ? 
_refine.ls_number_reflns_all                     ? 
_refine.ls_number_reflns_obs                     18850 
_refine.ls_number_reflns_R_free                  925 
_refine.ls_number_reflns_R_work                  ? 
_refine.ls_number_restraints                     ? 
_refine.ls_percent_reflns_obs                    87.10 
_refine.ls_percent_reflns_R_free                 4.91 
_refine.ls_R_factor_all                          ? 
_refine.ls_R_factor_obs                          0.1730 
_refine.ls_R_factor_R_free                       0.1827 
_refine.ls_R_factor_R_free_error                 ? 
_refine.ls_R_factor_R_free_error_details         ? 
_refine.ls_R_factor_R_work                       0.1725 
_refine.ls_R_Fsqd_factor_obs                     ? 
_refine.ls_R_I_factor_obs                        ? 
_refine.ls_redundancy_reflns_all                 ? 
_refine.ls_redundancy_reflns_obs                 ? 
_refine.ls_restrained_S_all                      ? 
_refine.ls_restrained_S_obs                      ? 
_refine.ls_shift_over_esd_max                    ? 
_refine.ls_shift_over_esd_mean                   ? 
_refine.ls_structure_factor_coef                 ? 
_refine.ls_weighting_details                     ? 
_refine.ls_weighting_scheme                      ? 
_refine.ls_wR_factor_all                         ? 
_refine.ls_wR_factor_obs                         ? 
_refine.ls_wR_factor_R_free                      ? 
_refine.ls_wR_factor_R_work                      ? 
_refine.occupancy_max                            ? 
_refine.occupancy_min                            ? 
_refine.solvent_model_details                    ? 
_refine.solvent_model_param_bsol                 ? 
_refine.solvent_model_param_ksol                 ? 
_refine.ls_R_factor_gt                           ? 
_refine.ls_goodness_of_fit_gt                    ? 
_refine.ls_goodness_of_fit_ref                   ? 
_refine.ls_shift_over_su_max                     ? 
_refine.ls_shift_over_su_max_lt                  ? 
_refine.ls_shift_over_su_mean                    ? 
_refine.ls_shift_over_su_mean_lt                 ? 
_refine.pdbx_ls_sigma_I                          ? 
_refine.pdbx_ls_sigma_F                          1.36 
_refine.pdbx_ls_sigma_Fsqd                       ? 
_refine.pdbx_data_cutoff_high_absF               ? 
_refine.pdbx_data_cutoff_high_rms_absF           ? 
_refine.pdbx_data_cutoff_low_absF                ? 
_refine.pdbx_isotropic_thermal_model             ? 
_refine.pdbx_ls_cross_valid_method               'FREE R-VALUE' 
_refine.pdbx_method_to_determine_struct          'MOLECULAR REPLACEMENT' 
_refine.pdbx_starting_model                      2IIM 
_refine.pdbx_stereochemistry_target_values       ? 
_refine.pdbx_R_Free_selection_details            ? 
_refine.pdbx_stereochem_target_val_spec_case     ? 
_refine.pdbx_overall_ESU_R                       ? 
_refine.pdbx_overall_ESU_R_Free                  ? 
_refine.pdbx_solvent_vdw_probe_radii             1.11 
_refine.pdbx_solvent_ion_probe_radii             ? 
_refine.pdbx_solvent_shrinkage_radii             0.90 
_refine.pdbx_real_space_R                        ? 
_refine.pdbx_density_correlation                 ? 
_refine.pdbx_pd_number_of_powder_patterns        ? 
_refine.pdbx_pd_number_of_points                 ? 
_refine.pdbx_pd_meas_number_of_points            ? 
_refine.pdbx_pd_proc_ls_prof_R_factor            ? 
_refine.pdbx_pd_proc_ls_prof_wR_factor           ? 
_refine.pdbx_pd_Marquardt_correlation_coeff      ? 
_refine.pdbx_pd_Fsqrd_R_factor                   ? 
_refine.pdbx_pd_ls_matrix_band_width             ? 
_refine.pdbx_overall_phase_error                 21.77 
_refine.pdbx_overall_SU_R_free_Cruickshank_DPI   ? 
_refine.pdbx_overall_SU_R_free_Blow_DPI          ? 
_refine.pdbx_overall_SU_R_Blow_DPI               ? 
_refine.pdbx_TLS_residual_ADP_flag               ? 
_refine.pdbx_diffrn_id                           1 
_refine.overall_SU_B                             ? 
_refine.overall_SU_ML                            0.11 
_refine.overall_SU_R_Cruickshank_DPI             ? 
_refine.overall_SU_R_free                        ? 
_refine.overall_FOM_free_R_set                   ? 
_refine.overall_FOM_work_R_set                   ? 
_refine.pdbx_average_fsc_overall                 ? 
_refine.pdbx_average_fsc_work                    ? 
_refine.pdbx_average_fsc_free                    ? 
# 
_refine_hist.pdbx_refine_id                   'X-RAY DIFFRACTION' 
_refine_hist.cycle_id                         LAST 
_refine_hist.details                          ? 
_refine_hist.d_res_high                       1.199 
_refine_hist.d_res_low                        32.736 
_refine_hist.number_atoms_solvent             40 
_refine_hist.number_atoms_total               551 
_refine_hist.number_reflns_all                ? 
_refine_hist.number_reflns_obs                ? 
_refine_hist.number_reflns_R_free             ? 
_refine_hist.number_reflns_R_work             ? 
_refine_hist.R_factor_all                     ? 
_refine_hist.R_factor_obs                     ? 
_refine_hist.R_factor_R_free                  ? 
_refine_hist.R_factor_R_work                  ? 
_refine_hist.pdbx_number_residues_total       ? 
_refine_hist.pdbx_B_iso_mean_ligand           ? 
_refine_hist.pdbx_B_iso_mean_solvent          ? 
_refine_hist.pdbx_number_atoms_protein        511 
_refine_hist.pdbx_number_atoms_nucleic_acid   0 
_refine_hist.pdbx_number_atoms_ligand         0 
_refine_hist.pdbx_number_atoms_lipid          ? 
_refine_hist.pdbx_number_atoms_carb           ? 
_refine_hist.pdbx_pseudo_atom_details         ? 
# 
loop_
_refine_ls_restr.pdbx_refine_id 
_refine_ls_restr.criterion 
_refine_ls_restr.dev_ideal 
_refine_ls_restr.dev_ideal_target 
_refine_ls_restr.number 
_refine_ls_restr.rejects 
_refine_ls_restr.type 
_refine_ls_restr.weight 
_refine_ls_restr.pdbx_restraint_function 
'X-RAY DIFFRACTION' ? 0.014  ? 554 ? f_bond_d           ? ? 
'X-RAY DIFFRACTION' ? 1.602  ? 749 ? f_angle_d          ? ? 
'X-RAY DIFFRACTION' ? 15.618 ? 213 ? f_dihedral_angle_d ? ? 
'X-RAY DIFFRACTION' ? 0.109  ? 77  ? f_chiral_restr     ? ? 
'X-RAY DIFFRACTION' ? 0.016  ? 95  ? f_plane_restr      ? ? 
# 
loop_
_refine_ls_shell.pdbx_refine_id 
_refine_ls_shell.d_res_high 
_refine_ls_shell.d_res_low 
_refine_ls_shell.number_reflns_all 
_refine_ls_shell.number_reflns_obs 
_refine_ls_shell.number_reflns_R_free 
_refine_ls_shell.number_reflns_R_work 
_refine_ls_shell.percent_reflns_obs 
_refine_ls_shell.percent_reflns_R_free 
_refine_ls_shell.R_factor_all 
_refine_ls_shell.R_factor_obs 
_refine_ls_shell.R_factor_R_free 
_refine_ls_shell.R_factor_R_free_error 
_refine_ls_shell.R_factor_R_work 
_refine_ls_shell.redundancy_reflns_all 
_refine_ls_shell.redundancy_reflns_obs 
_refine_ls_shell.wR_factor_all 
_refine_ls_shell.wR_factor_obs 
_refine_ls_shell.wR_factor_R_free 
_refine_ls_shell.wR_factor_R_work 
_refine_ls_shell.pdbx_total_number_of_bins_used 
_refine_ls_shell.pdbx_phase_error 
_refine_ls_shell.pdbx_fsc_work 
_refine_ls_shell.pdbx_fsc_free 
'X-RAY DIFFRACTION' 1.1993 1.2626  . . 84  1377 47.00 . . . 0.2551 . 0.2000 . . . . . . . . . . 
'X-RAY DIFFRACTION' 1.2626 1.3417  . . 133 2696 92.00 . . . 0.2126 . 0.1736 . . . . . . . . . . 
'X-RAY DIFFRACTION' 1.3417 1.4453  . . 110 2698 92.00 . . . 0.1544 . 0.1622 . . . . . . . . . . 
'X-RAY DIFFRACTION' 1.4453 1.5907  . . 132 2783 95.00 . . . 0.1913 . 0.1639 . . . . . . . . . . 
'X-RAY DIFFRACTION' 1.5907 1.8209  . . 141 2754 93.00 . . . 0.1664 . 0.1614 . . . . . . . . . . 
'X-RAY DIFFRACTION' 1.8209 2.2940  . . 161 2773 95.00 . . . 0.1832 . 0.1606 . . . . . . . . . . 
'X-RAY DIFFRACTION' 2.2940 32.7478 . . 164 2844 96.00 . . . 0.1823 . 0.1825 . . . . . . . . . . 
# 
_struct.entry_id                     6NMW 
_struct.title                        'Crystal structure of the human Lyn SH3 domain' 
_struct.pdbx_model_details           ? 
_struct.pdbx_formula_weight          ? 
_struct.pdbx_formula_weight_method   ? 
_struct.pdbx_model_type_details      ? 
_struct.pdbx_CASP_flag               N 
# 
_struct_keywords.entry_id        6NMW 
_struct_keywords.text            'LYN kinase, Src family kinase, non-receptor tyrosine kinase, SH3 domain, ONCOPROTEIN' 
_struct_keywords.pdbx_keywords   ONCOPROTEIN 
# 
loop_
_struct_asym.id 
_struct_asym.pdbx_blank_PDB_chainid_flag 
_struct_asym.pdbx_modified 
_struct_asym.entity_id 
_struct_asym.details 
A N N 1 ? 
B N N 2 ? 
# 
_struct_sheet.id               AA1 
_struct_sheet.type             ? 
_struct_sheet.number_strands   5 
_struct_sheet.details          ? 
# 
loop_
_struct_sheet_order.sheet_id 
_struct_sheet_order.range_id_1 
_struct_sheet_order.range_id_2 
_struct_sheet_order.offset 
_struct_sheet_order.sense 
AA1 1 2 ? anti-parallel 
AA1 2 3 ? anti-parallel 
AA1 3 4 ? anti-parallel 
AA1 4 5 ? anti-parallel 
# 
loop_
_struct_sheet_range.sheet_id 
_struct_sheet_range.id 
_struct_sheet_range.beg_label_comp_id 
_struct_sheet_range.beg_label_asym_id 
_struct_sheet_range.beg_label_seq_id 
_struct_sheet_range.pdbx_beg_PDB_ins_code 
_struct_sheet_range.end_label_comp_id 
_struct_sheet_range.end_label_asym_id 
_struct_sheet_range.end_label_seq_id 
_struct_sheet_range.pdbx_end_PDB_ins_code 
_struct_sheet_range.beg_auth_comp_id 
_struct_sheet_range.beg_auth_asym_id 
_struct_sheet_range.beg_auth_seq_id 
_struct_sheet_range.end_auth_comp_id 
_struct_sheet_range.end_auth_asym_id 
_struct_sheet_range.end_auth_seq_id 
AA1 1 GLU A 48 ? PRO A 52 ? GLU A 110 PRO A 114 
AA1 2 TRP A 37 ? SER A 42 ? TRP A 99  SER A 104 
AA1 3 LYS A 27 ? HIS A 34 ? LYS A 89  HIS A 96  
AA1 4 ILE A 5  ? ALA A 8  ? ILE A 67  ALA A 70  
AA1 5 VAL A 56 ? LYS A 58 ? VAL A 118 LYS A 120 
# 
loop_
_pdbx_struct_sheet_hbond.sheet_id 
_pdbx_struct_sheet_hbond.range_id_1 
_pdbx_struct_sheet_hbond.range_id_2 
_pdbx_struct_sheet_hbond.range_1_label_atom_id 
_pdbx_struct_sheet_hbond.range_1_label_comp_id 
_pdbx_struct_sheet_hbond.range_1_label_asym_id 
_pdbx_struct_sheet_hbond.range_1_label_seq_id 
_pdbx_struct_sheet_hbond.range_1_PDB_ins_code 
_pdbx_struct_sheet_hbond.range_1_auth_atom_id 
_pdbx_struct_sheet_hbond.range_1_auth_comp_id 
_pdbx_struct_sheet_hbond.range_1_auth_asym_id 
_pdbx_struct_sheet_hbond.range_1_auth_seq_id 
_pdbx_struct_sheet_hbond.range_2_label_atom_id 
_pdbx_struct_sheet_hbond.range_2_label_comp_id 
_pdbx_struct_sheet_hbond.range_2_label_asym_id 
_pdbx_struct_sheet_hbond.range_2_label_seq_id 
_pdbx_struct_sheet_hbond.range_2_PDB_ins_code 
_pdbx_struct_sheet_hbond.range_2_auth_atom_id 
_pdbx_struct_sheet_hbond.range_2_auth_comp_id 
_pdbx_struct_sheet_hbond.range_2_auth_asym_id 
_pdbx_struct_sheet_hbond.range_2_auth_seq_id 
AA1 1 2 O GLY A 49 ? O GLY A 111 N ALA A 40 ? N ALA A 102 
AA1 2 3 O LYS A 39 ? O LYS A 101 N LEU A 31 ? N LEU A 93  
AA1 3 4 O MET A 28 ? O MET A 90  N VAL A 6  ? N VAL A 68  
AA1 4 5 N VAL A 7  ? N VAL A 69  O ALA A 57 ? O ALA A 119 
# 
_atom_sites.entry_id                    6NMW 
_atom_sites.fract_transf_matrix[1][1]   0.01456399 
_atom_sites.fract_transf_matrix[1][2]   -0.00037344 
_atom_sites.fract_transf_matrix[1][3]   0.01996333 
_atom_sites.fract_transf_matrix[2][1]   0.02288433 
_atom_sites.fract_transf_matrix[2][2]   0.00925150 
_atom_sites.fract_transf_matrix[2][3]   -0.00122432 
_atom_sites.fract_transf_matrix[3][1]   -0.00625369 
_atom_sites.fract_transf_matrix[3][2]   0.01611266 
_atom_sites.fract_transf_matrix[3][3]   0.00486370 
_atom_sites.fract_transf_vector[1]      0.497813 
_atom_sites.fract_transf_vector[2]      0.362618 
_atom_sites.fract_transf_vector[3]      -0.029842 
# 
loop_
_atom_type.symbol 
C 
H 
N 
O 
S 
# 
loop_
_atom_site.group_PDB 
_atom_site.id 
_atom_site.type_symbol 
_atom_site.label_atom_id 
_atom_site.label_alt_id 
_atom_site.label_comp_id 
_atom_site.label_asym_id 
_atom_site.label_entity_id 
_atom_site.label_seq_id 
_atom_site.pdbx_PDB_ins_code 
_atom_site.Cartn_x 
_atom_site.Cartn_y 
_atom_site.Cartn_z 
_atom_site.occupancy 
_atom_site.B_iso_or_equiv 
_atom_site.pdbx_formal_charge 
_atom_site.auth_seq_id 
_atom_site.auth_comp_id 
_atom_site.auth_asym_id 
_atom_site.auth_atom_id 
_atom_site.pdbx_PDB_model_num 
ATOM   1    N N    . GLU A 1 1  ? 11.345  2.315   1.898   1.00 51.90 ? 63  GLU A N    1 
ATOM   2    C CA   . GLU A 1 1  ? 12.022  2.474   0.587   1.00 51.87 ? 63  GLU A CA   1 
ATOM   3    C C    . GLU A 1 1  ? 11.345  1.589   -0.464  1.00 49.53 ? 63  GLU A C    1 
ATOM   4    O O    . GLU A 1 1  ? 10.522  0.725   -0.076  1.00 49.60 ? 63  GLU A O    1 
ATOM   5    C CB   . GLU A 1 1  ? 13.499  2.116   0.715   1.00 53.27 ? 63  GLU A CB   1 
ATOM   6    C CG   . GLU A 1 1  ? 13.722  0.683   1.121   1.00 54.80 ? 63  GLU A CG   1 
ATOM   7    C CD   . GLU A 1 1  ? 14.910  0.510   2.040   1.00 56.08 ? 63  GLU A CD   1 
ATOM   8    O OE1  . GLU A 1 1  ? 15.919  1.207   1.815   1.00 56.48 ? 63  GLU A OE1  1 
ATOM   9    O OE2  . GLU A 1 1  ? 14.814  -0.321  2.975   1.00 56.32 ? 63  GLU A OE2  1 
ATOM   10   H H1   . GLU A 1 1  ? 11.767  2.674   2.556   1.00 62.31 ? 63  GLU A H1   1 
ATOM   11   H HA   . GLU A 1 1  ? 11.955  3.399   0.300   1.00 62.27 ? 63  GLU A HA   1 
ATOM   12   H HB2  . GLU A 1 1  ? 13.933  2.257   -0.140  1.00 63.95 ? 63  GLU A HB2  1 
ATOM   13   H HB3  . GLU A 1 1  ? 13.904  2.684   1.389   1.00 63.95 ? 63  GLU A HB3  1 
ATOM   14   H HG2  . GLU A 1 1  ? 12.937  0.362   1.586   1.00 65.78 ? 63  GLU A HG2  1 
ATOM   15   H HG3  . GLU A 1 1  ? 13.878  0.150   0.326   1.00 65.78 ? 63  GLU A HG3  1 
ATOM   16   N N    . GLN A 1 2  ? 11.746  1.762   -1.731  1.00 46.18 ? 64  GLN A N    1 
ATOM   17   C CA   . GLN A 1 2  ? 11.222  1.038   -2.920  1.00 42.34 ? 64  GLN A CA   1 
ATOM   18   C C    . GLN A 1 2  ? 11.449  -0.474  -2.762  1.00 36.26 ? 64  GLN A C    1 
ATOM   19   O O    . GLN A 1 2  ? 12.603  -0.869  -2.484  1.00 36.32 ? 64  GLN A O    1 
ATOM   20   C CB   . GLN A 1 2  ? 11.948  1.468   -4.195  1.00 44.83 ? 64  GLN A CB   1 
ATOM   21   C CG   . GLN A 1 2  ? 11.526  2.832   -4.714  1.00 47.53 ? 64  GLN A CG   1 
ATOM   22   C CD   . GLN A 1 2  ? 11.931  3.017   -6.153  1.00 49.25 ? 64  GLN A CD   1 
ATOM   23   O OE1  . GLN A 1 2  ? 12.950  2.513   -6.602  1.00 49.98 ? 64  GLN A OE1  1 
ATOM   24   N NE2  . GLN A 1 2  ? 11.112  3.744   -6.889  1.00 49.54 ? 64  GLN A NE2  1 
ATOM   25   H H    . GLN A 1 2  ? 12.358  2.327   -1.945  1.00 55.44 ? 64  GLN A H    1 
ATOM   26   H HA   . GLN A 1 2  ? 10.272  1.207   -3.022  1.00 50.84 ? 64  GLN A HA   1 
ATOM   27   H HB2  . GLN A 1 2  ? 12.901  1.501   -4.015  1.00 53.83 ? 64  GLN A HB2  1 
ATOM   28   H HB3  . GLN A 1 2  ? 11.767  0.817   -4.891  1.00 53.83 ? 64  GLN A HB3  1 
ATOM   29   H HG2  . GLN A 1 2  ? 10.562  2.917   -4.653  1.00 57.06 ? 64  GLN A HG2  1 
ATOM   30   H HG3  . GLN A 1 2  ? 11.957  3.522   -4.186  1.00 57.06 ? 64  GLN A HG3  1 
ATOM   31   H HE21 . GLN A 1 2  ? 10.403  4.081   -6.538  1.00 59.48 ? 64  GLN A HE21 1 
ATOM   32   H HE22 . GLN A 1 2  ? 11.290  3.884   -7.719  1.00 59.48 ? 64  GLN A HE22 1 
ATOM   33   N N    . GLY A 1 3  ? 10.392  -1.268  -2.931  1.00 31.17 ? 65  GLY A N    1 
ATOM   34   C CA   . GLY A 1 3  ? 10.421  -2.737  -2.839  1.00 27.33 ? 65  GLY A CA   1 
ATOM   35   C C    . GLY A 1 3  ? 10.018  -3.256  -1.467  1.00 24.72 ? 65  GLY A C    1 
ATOM   36   O O    . GLY A 1 3  ? 9.786   -4.427  -1.351  1.00 24.17 ? 65  GLY A O    1 
ATOM   37   H H    . GLY A 1 3  ? 9.607   -0.965  -3.109  1.00 37.44 ? 65  GLY A H    1 
ATOM   38   H HA2  . GLY A 1 3  ? 9.815   -3.112  -3.496  1.00 32.83 ? 65  GLY A HA2  1 
ATOM   39   H HA3  . GLY A 1 3  ? 11.317  -3.054  -3.034  1.00 32.83 ? 65  GLY A HA3  1 
ATOM   40   N N    . ASP A 1 4  ? 9.902   -2.404  -0.465  1.00 21.72 ? 66  ASP A N    1 
ATOM   41   C CA   . ASP A 1 4  ? 9.551   -2.853  0.905   1.00 18.97 ? 66  ASP A CA   1 
ATOM   42   C C    . ASP A 1 4  ? 8.156   -3.505  0.902   1.00 13.90 ? 66  ASP A C    1 
ATOM   43   O O    . ASP A 1 4  ? 7.282   -3.064  0.171   1.00 14.85 ? 66  ASP A O    1 
ATOM   44   C CB   . ASP A 1 4  ? 9.618   -1.691  1.896   1.00 24.51 ? 66  ASP A CB   1 
ATOM   45   C CG   . ASP A 1 4  ? 11.032  -1.294  2.306   1.00 28.91 ? 66  ASP A CG   1 
ATOM   46   O OD1  . ASP A 1 4  ? 11.979  -1.899  1.802   1.00 29.60 ? 66  ASP A OD1  1 
ATOM   47   O OD2  . ASP A 1 4  ? 11.159  -0.404  3.143   1.00 32.77 ? 66  ASP A OD2  1 
ATOM   48   H H    . ASP A 1 4  ? 10.019  -1.554  -0.534  1.00 26.10 ? 66  ASP A H    1 
ATOM   49   H HA   . ASP A 1 4  ? 10.192  -3.524  1.189   1.00 22.79 ? 66  ASP A HA   1 
ATOM   50   H HB2  . ASP A 1 4  ? 9.200   -0.915  1.492   1.00 29.44 ? 66  ASP A HB2  1 
ATOM   51   H HB3  . ASP A 1 4  ? 9.137   -1.941  2.699   1.00 29.44 ? 66  ASP A HB3  1 
ATOM   52   N N    . ILE A 1 5  ? 7.952   -4.513  1.734   1.00 11.88 ? 67  ILE A N    1 
ATOM   53   C CA   . ILE A 1 5  ? 6.625   -5.155  1.882   1.00 11.82 ? 67  ILE A CA   1 
ATOM   54   C C    . ILE A 1 5  ? 5.912   -4.450  3.041   1.00 11.33 ? 67  ILE A C    1 
ATOM   55   O O    . ILE A 1 5  ? 6.502   -4.303  4.102   1.00 11.79 ? 67  ILE A O    1 
ATOM   56   C CB   . ILE A 1 5  ? 6.737   -6.662  2.156   1.00 14.13 ? 67  ILE A CB   1 
ATOM   57   C CG1  . ILE A 1 5  ? 7.584   -7.380  1.102   1.00 18.18 ? 67  ILE A CG1  1 
ATOM   58   C CG2  . ILE A 1 5  ? 5.346   -7.241  2.284   1.00 15.01 ? 67  ILE A CG2  1 
ATOM   59   C CD1  . ILE A 1 5  ? 7.106   -7.193  -0.304  1.00 19.54 ? 67  ILE A CD1  1 
ATOM   60   H H    . ILE A 1 5  ? 8.562   -4.856  2.234   1.00 14.28 ? 67  ILE A H    1 
ATOM   61   H HA   . ILE A 1 5  ? 6.105   -5.024  1.074   1.00 14.21 ? 67  ILE A HA   1 
ATOM   62   H HB   . ILE A 1 5  ? 7.180   -6.773  3.011   1.00 16.99 ? 67  ILE A HB   1 
ATOM   63   H HG12 . ILE A 1 5  ? 8.493   -7.044  1.151   1.00 21.84 ? 67  ILE A HG12 1 
ATOM   64   H HG13 . ILE A 1 5  ? 7.576   -8.331  1.291   1.00 21.84 ? 67  ILE A HG13 1 
ATOM   65   H HG21 . ILE A 1 5  ? 5.403   -8.208  2.231   1.00 18.04 ? 67  ILE A HG21 1 
ATOM   66   H HG22 . ILE A 1 5  ? 4.968   -6.979  3.138   1.00 18.04 ? 67  ILE A HG22 1 
ATOM   67   H HG23 . ILE A 1 5  ? 4.796   -6.903  1.559   1.00 18.04 ? 67  ILE A HG23 1 
ATOM   68   H HD11 . ILE A 1 5  ? 7.580   -7.810  -0.884  1.00 23.48 ? 67  ILE A HD11 1 
ATOM   69   H HD12 . ILE A 1 5  ? 6.154   -7.370  -0.339  1.00 23.48 ? 67  ILE A HD12 1 
ATOM   70   H HD13 . ILE A 1 5  ? 7.281   -6.279  -0.578  1.00 23.48 ? 67  ILE A HD13 1 
ATOM   71   N N    . VAL A 1 6  ? 4.680   -4.036  2.836   1.00 10.92 ? 68  VAL A N    1 
ATOM   72   C CA   . VAL A 1 6  ? 3.888   -3.358  3.889   1.00 11.43 ? 68  VAL A CA   1 
ATOM   73   C C    . VAL A 1 6  ? 2.592   -4.132  4.076   1.00 10.84 ? 68  VAL A C    1 
ATOM   74   O O    . VAL A 1 6  ? 2.219   -4.915  3.220   1.00 11.35 ? 68  VAL A O    1 
ATOM   75   C CB   . VAL A 1 6  ? 3.620   -1.885  3.529   1.00 12.32 ? 68  VAL A CB   1 
ATOM   76   C CG1  . VAL A 1 6  ? 4.917   -1.091  3.430   1.00 13.96 ? 68  VAL A CG1  1 
ATOM   77   C CG2  . VAL A 1 6  ? 2.803   -1.764  2.245   1.00 13.24 ? 68  VAL A CG2  1 
ATOM   78   H H    . VAL A 1 6  ? 4.259   -4.129  2.092   1.00 13.13 ? 68  VAL A H    1 
ATOM   79   H HA   . VAL A 1 6  ? 4.376   -3.381  4.727   1.00 13.75 ? 68  VAL A HA   1 
ATOM   80   H HB   . VAL A 1 6  ? 3.095   -1.489  4.242   1.00 14.81 ? 68  VAL A HB   1 
ATOM   81   H HG11 . VAL A 1 6  ? 4.757   -0.291  2.906   1.00 16.78 ? 68  VAL A HG11 1 
ATOM   82   H HG12 . VAL A 1 6  ? 5.200   -0.848  4.324   1.00 16.78 ? 68  VAL A HG12 1 
ATOM   83   H HG13 . VAL A 1 6  ? 5.594   -1.637  3.000   1.00 16.78 ? 68  VAL A HG13 1 
ATOM   84   H HG21 . VAL A 1 6  ? 2.731   -0.826  2.004   1.00 15.92 ? 68  VAL A HG21 1 
ATOM   85   H HG22 . VAL A 1 6  ? 3.253   -2.253  1.538   1.00 15.92 ? 68  VAL A HG22 1 
ATOM   86   H HG23 . VAL A 1 6  ? 1.919   -2.134  2.393   1.00 15.92 ? 68  VAL A HG23 1 
ATOM   87   N N    . VAL A 1 7  ? 1.939   -3.865  5.188   1.00 11.03 ? 69  VAL A N    1 
ATOM   88   C CA   . VAL A 1 7  ? 0.637   -4.482  5.523   1.00 10.88 ? 69  VAL A CA   1 
ATOM   89   C C    . VAL A 1 7  ? -0.337  -3.345  5.831   1.00 10.42 ? 69  VAL A C    1 
ATOM   90   O O    . VAL A 1 7  ? 0.059   -2.373  6.484   1.00 11.16 ? 69  VAL A O    1 
ATOM   91   C CB   . VAL A 1 7  ? 0.781   -5.468  6.695   1.00 12.88 ? 69  VAL A CB   1 
ATOM   92   C CG1  . VAL A 1 7  ? 1.381   -4.821  7.940   1.00 15.52 ? 69  VAL A CG1  1 
ATOM   93   C CG2  . VAL A 1 7  ? -0.543  -6.130  7.001   1.00 14.44 ? 69  VAL A CG2  1 
ATOM   94   H H    . VAL A 1 7  ? 2.222   -3.319  5.789   1.00 13.27 ? 69  VAL A H    1 
ATOM   95   H HA   . VAL A 1 7  ? 0.303   -4.970  4.754   1.00 13.08 ? 69  VAL A HA   1 
ATOM   96   H HB   . VAL A 1 7  ? 1.391   -6.170  6.420   1.00 15.48 ? 69  VAL A HB   1 
ATOM   97   H HG11 . VAL A 1 7  ? 1.455   -5.490  8.637   1.00 18.66 ? 69  VAL A HG11 1 
ATOM   98   H HG12 . VAL A 1 7  ? 2.258   -4.470  7.722   1.00 18.66 ? 69  VAL A HG12 1 
ATOM   99   H HG13 . VAL A 1 7  ? 0.800   -4.102  8.234   1.00 18.66 ? 69  VAL A HG13 1 
ATOM   100  H HG21 . VAL A 1 7  ? -0.401  -6.827  7.660   1.00 17.36 ? 69  VAL A HG21 1 
ATOM   101  H HG22 . VAL A 1 7  ? -1.157  -5.465  7.352   1.00 17.36 ? 69  VAL A HG22 1 
ATOM   102  H HG23 . VAL A 1 7  ? -0.900  -6.514  6.185   1.00 17.36 ? 69  VAL A HG23 1 
ATOM   103  N N    . ALA A 1 8  ? -1.567  -3.455  5.354   1.00 9.93  ? 70  ALA A N    1 
ATOM   104  C CA   . ALA A 1 8  ? -2.623  -2.455  5.623   1.00 10.84 ? 70  ALA A CA   1 
ATOM   105  C C    . ALA A 1 8  ? -3.008  -2.536  7.110   1.00 10.90 ? 70  ALA A C    1 
ATOM   106  O O    . ALA A 1 8  ? -3.275  -3.642  7.590   1.00 11.20 ? 70  ALA A O    1 
ATOM   107  C CB   . ALA A 1 8  ? -3.828  -2.695  4.753   1.00 10.68 ? 70  ALA A CB   1 
ATOM   108  H H    . ALA A 1 8  ? -1.832  -4.108  4.861   1.00 11.95 ? 70  ALA A H    1 
ATOM   109  H HA   . ALA A 1 8  ? -2.283  -1.566  5.441   1.00 13.04 ? 70  ALA A HA   1 
ATOM   110  H HB1  . ALA A 1 8  ? -4.501  -2.026  4.954   1.00 12.84 ? 70  ALA A HB1  1 
ATOM   111  H HB2  . ALA A 1 8  ? -3.562  -2.630  3.822   1.00 12.84 ? 70  ALA A HB2  1 
ATOM   112  H HB3  . ALA A 1 8  ? -4.176  -3.581  4.937   1.00 12.84 ? 70  ALA A HB3  1 
ATOM   113  N N    . LEU A 1 9  ? -3.033  -1.403  7.799   1.00 11.86 ? 71  LEU A N    1 
ATOM   114  C CA   . LEU A 1 9  ? -3.466  -1.313  9.213   1.00 13.00 ? 71  LEU A CA   1 
ATOM   115  C C    . LEU A 1 9  ? -4.983  -1.190  9.286   1.00 12.98 ? 71  LEU A C    1 
ATOM   116  O O    . LEU A 1 9  ? -5.545  -1.516  10.316  1.00 15.10 ? 71  LEU A O    1 
ATOM   117  C CB   . LEU A 1 9  ? -2.812  -0.077  9.826   1.00 15.02 ? 71  LEU A CB   1 
ATOM   118  C CG   . LEU A 1 9  ? -1.292  -0.131  9.866   1.00 16.69 ? 71  LEU A CG   1 
ATOM   119  C CD1  . LEU A 1 9  ? -0.737  1.161   10.434  1.00 18.03 ? 71  LEU A CD1  1 
ATOM   120  C CD2  . LEU A 1 9  ? -0.811  -1.330  10.672  1.00 18.46 ? 71  LEU A CD2  1 
ATOM   121  H H    . LEU A 1 9  ? -2.800  -0.644  7.470   1.00 14.26 ? 71  LEU A H    1 
ATOM   122  H HA   . LEU A 1 9  ? -3.190  -2.104  9.701   1.00 15.64 ? 71  LEU A HA   1 
ATOM   123  H HB2  . LEU A 1 9  ? -3.067  0.700   9.305   1.00 18.05 ? 71  LEU A HB2  1 
ATOM   124  H HB3  . LEU A 1 9  ? -3.128  0.022   10.738  1.00 18.05 ? 71  LEU A HB3  1 
ATOM   125  H HG   . LEU A 1 9  ? -0.958  -0.226  8.961   1.00 20.06 ? 71  LEU A HG   1 
ATOM   126  H HD11 . LEU A 1 9  ? 0.232   1.110   10.447  1.00 21.66 ? 71  LEU A HD11 1 
ATOM   127  H HD12 . LEU A 1 9  ? -1.022  1.901   9.874   1.00 21.66 ? 71  LEU A HD12 1 
ATOM   128  H HD13 . LEU A 1 9  ? -1.074  1.279   11.336  1.00 21.66 ? 71  LEU A HD13 1 
ATOM   129  H HD21 . LEU A 1 9  ? 0.138   -1.233  10.842  1.00 22.18 ? 71  LEU A HD21 1 
ATOM   130  H HD22 . LEU A 1 9  ? -1.297  -1.360  11.511  1.00 22.18 ? 71  LEU A HD22 1 
ATOM   131  H HD23 . LEU A 1 9  ? -0.976  -2.140  10.164  1.00 22.18 ? 71  LEU A HD23 1 
ATOM   132  N N    . TYR A 1 10 ? -5.596  -0.602  8.264   1.00 14.00 ? 72  TYR A N    1 
ATOM   133  C CA   . TYR A 1 10 ? -7.053  -0.351  8.144   1.00 13.98 ? 72  TYR A CA   1 
ATOM   134  C C    . TYR A 1 10 ? -7.440  -0.572  6.693   1.00 13.54 ? 72  TYR A C    1 
ATOM   135  O O    . TYR A 1 10 ? -6.574  -0.437  5.822   1.00 13.20 ? 72  TYR A O    1 
ATOM   136  C CB   . TYR A 1 10 ? -7.410  1.096   8.516   1.00 16.17 ? 72  TYR A CB   1 
ATOM   137  C CG   . TYR A 1 10 ? -6.454  1.731   9.472   1.00 17.37 ? 72  TYR A CG   1 
ATOM   138  C CD1  . TYR A 1 10 ? -6.560  1.513   10.832  1.00 18.03 ? 72  TYR A CD1  1 
ATOM   139  C CD2  . TYR A 1 10 ? -5.455  2.553   9.008   1.00 20.02 ? 72  TYR A CD2  1 
ATOM   140  C CE1  . TYR A 1 10 ? -5.662  2.077   11.715  1.00 21.47 ? 72  TYR A CE1  1 
ATOM   141  C CE2  . TYR A 1 10 ? -4.552  3.126   9.871   1.00 21.05 ? 72  TYR A CE2  1 
ATOM   142  C CZ   . TYR A 1 10 ? -4.659  2.884   11.221  1.00 22.46 ? 72  TYR A CZ   1 
ATOM   143  O OH   . TYR A 1 10 ? -3.772  3.451   12.063  1.00 25.55 ? 72  TYR A OH   1 
ATOM   144  H H    . TYR A 1 10 ? -5.166  -0.316  7.577   1.00 16.82 ? 72  TYR A H    1 
ATOM   145  H HA   . TYR A 1 10 ? -7.547  -0.964  8.710   1.00 16.80 ? 72  TYR A HA   1 
ATOM   146  H HB2  . TYR A 1 10 ? -7.422  1.632   7.708   1.00 19.43 ? 72  TYR A HB2  1 
ATOM   147  H HB3  . TYR A 1 10 ? -8.288  1.104   8.928   1.00 19.43 ? 72  TYR A HB3  1 
ATOM   148  H HD1  . TYR A 1 10 ? -7.230  0.955   11.155  1.00 21.67 ? 72  TYR A HD1  1 
ATOM   149  H HD2  . TYR A 1 10 ? -5.373  2.703   8.094   1.00 24.05 ? 72  TYR A HD2  1 
ATOM   150  H HE1  . TYR A 1 10 ? -5.735  1.919   12.629  1.00 25.79 ? 72  TYR A HE1  1 
ATOM   151  H HE2  . TYR A 1 10 ? -3.873  3.672   9.545   1.00 25.28 ? 72  TYR A HE2  1 
ATOM   152  H HH   . TYR A 1 10 ? -3.926  3.205   12.851  1.00 30.69 ? 72  TYR A HH   1 
ATOM   153  N N    . PRO A 1 11 ? -8.713  -0.842  6.378   1.00 13.61 ? 73  PRO A N    1 
ATOM   154  C CA   . PRO A 1 11 ? -9.118  -0.975  5.003   1.00 14.39 ? 73  PRO A CA   1 
ATOM   155  C C    . PRO A 1 11 ? -9.209  0.419   4.373   1.00 14.29 ? 73  PRO A C    1 
ATOM   156  O O    . PRO A 1 11 ? -9.243  1.407   5.091   1.00 14.46 ? 73  PRO A O    1 
ATOM   157  C CB   . PRO A 1 11 ? -10.517 -1.577  5.106   1.00 14.94 ? 73  PRO A CB   1 
ATOM   158  C CG   . PRO A 1 11 ? -11.042 -0.978  6.383   1.00 15.20 ? 73  PRO A CG   1 
ATOM   159  C CD   . PRO A 1 11 ? -9.848  -0.941  7.307   1.00 15.11 ? 73  PRO A CD   1 
ATOM   160  H HA   . PRO A 1 11 ? -8.524  -1.553  4.499   1.00 17.29 ? 73  PRO A HA   1 
ATOM   161  H HB2  . PRO A 1 11 ? -11.054 -1.305  4.346   1.00 17.95 ? 73  PRO A HB2  1 
ATOM   162  H HB3  . PRO A 1 11 ? -10.461 -2.543  5.170   1.00 17.95 ? 73  PRO A HB3  1 
ATOM   163  H HG2  . PRO A 1 11 ? -11.374 -0.083  6.213   1.00 18.27 ? 73  PRO A HG2  1 
ATOM   164  H HG3  . PRO A 1 11 ? -11.741 -1.542  6.746   1.00 18.27 ? 73  PRO A HG3  1 
ATOM   165  H HD2  . PRO A 1 11 ? -9.888  -0.160  7.880   1.00 18.16 ? 73  PRO A HD2  1 
ATOM   166  H HD3  . PRO A 1 11 ? -9.794  -1.760  7.824   1.00 18.16 ? 73  PRO A HD3  1 
ATOM   167  N N    . TYR A 1 12 ? -9.228  0.470   3.053   1.00 14.16 ? 74  TYR A N    1 
ATOM   168  C CA   . TYR A 1 12 ? -9.382  1.746   2.324   1.00 14.27 ? 74  TYR A CA   1 
ATOM   169  C C    . TYR A 1 12 ? -10.048 1.473   0.970   1.00 14.55 ? 74  TYR A C    1 
ATOM   170  O O    . TYR A 1 12 ? -9.600  0.586   0.257   1.00 15.08 ? 74  TYR A O    1 
ATOM   171  C CB   . TYR A 1 12 ? -8.046  2.479   2.171   1.00 15.14 ? 74  TYR A CB   1 
ATOM   172  C CG   . TYR A 1 12 ? -8.243  3.875   1.634   1.00 17.29 ? 74  TYR A CG   1 
ATOM   173  C CD1  . TYR A 1 12 ? -8.811  4.861   2.418   1.00 18.81 ? 74  TYR A CD1  1 
ATOM   174  C CD2  . TYR A 1 12 ? -7.951  4.180   0.323   1.00 17.66 ? 74  TYR A CD2  1 
ATOM   175  C CE1  . TYR A 1 12 ? -9.051  6.128   1.922   1.00 20.82 ? 74  TYR A CE1  1 
ATOM   176  C CE2  . TYR A 1 12 ? -8.181  5.442   -0.194  1.00 19.22 ? 74  TYR A CE2  1 
ATOM   177  C CZ   . TYR A 1 12 ? -8.706  6.424   0.619   1.00 20.79 ? 74  TYR A CZ   1 
ATOM   178  O OH   . TYR A 1 12 ? -8.929  7.668   0.125   1.00 24.65 ? 74  TYR A OH   1 
ATOM   179  H H    . TYR A 1 12 ? -9.153  -0.217  2.541   1.00 17.01 ? 74  TYR A H    1 
ATOM   180  H HA   . TYR A 1 12 ? -9.975  2.321   2.832   1.00 17.16 ? 74  TYR A HA   1 
ATOM   181  H HB2  . TYR A 1 12 ? -7.614  2.544   3.036   1.00 18.20 ? 74  TYR A HB2  1 
ATOM   182  H HB3  . TYR A 1 12 ? -7.483  1.991   1.550   1.00 18.20 ? 74  TYR A HB3  1 
ATOM   183  H HD1  . TYR A 1 12 ? -9.033  4.669   3.301   1.00 22.60 ? 74  TYR A HD1  1 
ATOM   184  H HD2  . TYR A 1 12 ? -7.583  3.524   -0.225  1.00 21.22 ? 74  TYR A HD2  1 
ATOM   185  H HE1  . TYR A 1 12 ? -9.411  6.774   2.484   1.00 25.01 ? 74  TYR A HE1  1 
ATOM   186  H HE2  . TYR A 1 12 ? -7.951  5.636   -1.074  1.00 23.09 ? 74  TYR A HE2  1 
ATOM   187  H HH   . TYR A 1 12 ? -9.070  7.564   -0.714  1.00 29.60 ? 74  TYR A HH   1 
ATOM   188  N N    . ASP A 1 13 ? -11.099 2.215   0.652   1.00 14.92 ? 75  ASP A N    1 
ATOM   189  C CA   . ASP A 1 13 ? -11.804 2.113   -0.643  1.00 16.36 ? 75  ASP A CA   1 
ATOM   190  C C    . ASP A 1 13 ? -11.327 3.269   -1.524  1.00 18.03 ? 75  ASP A C    1 
ATOM   191  O O    . ASP A 1 13 ? -11.607 4.389   -1.158  1.00 19.70 ? 75  ASP A O    1 
ATOM   192  C CB   . ASP A 1 13 ? -13.316 2.209   -0.467  1.00 18.98 ? 75  ASP A CB   1 
ATOM   193  C CG   . ASP A 1 13 ? -13.913 1.053   0.302   1.00 24.00 ? 75  ASP A CG   1 
ATOM   194  O OD1  . ASP A 1 13 ? -13.395 -0.045  0.196   1.00 25.45 ? 75  ASP A OD1  1 
ATOM   195  O OD2  . ASP A 1 13 ? -14.927 1.278   0.952   1.00 26.47 ? 75  ASP A OD2  1 
ATOM   196  H H    . ASP A 1 13 ? -11.440 2.804   1.177   1.00 17.94 ? 75  ASP A H    1 
ATOM   197  H HA   . ASP A 1 13 ? -11.588 1.272   -1.077  1.00 19.66 ? 75  ASP A HA   1 
ATOM   198  H HB2  . ASP A 1 13 ? -13.523 3.025   0.016   1.00 22.81 ? 75  ASP A HB2  1 
ATOM   199  H HB3  . ASP A 1 13 ? -13.733 2.229   -1.342  1.00 22.81 ? 75  ASP A HB3  1 
ATOM   200  N N    . GLY A 1 14 ? -10.595 2.994   -2.590  1.00 19.37 ? 76  GLY A N    1 
ATOM   201  C CA   . GLY A 1 14 ? -10.116 4.035   -3.516  1.00 22.78 ? 76  GLY A CA   1 
ATOM   202  C C    . GLY A 1 14 ? -11.289 4.804   -4.116  1.00 24.85 ? 76  GLY A C    1 
ATOM   203  O O    . GLY A 1 14 ? -12.234 4.177   -4.494  1.00 26.03 ? 76  GLY A O    1 
ATOM   204  H H    . GLY A 1 14 ? -10.352 2.199   -2.812  1.00 23.27 ? 76  GLY A H    1 
ATOM   205  H HA2  . GLY A 1 14 ? -9.542  4.658   -3.042  1.00 27.36 ? 76  GLY A HA2  1 
ATOM   206  H HA3  . GLY A 1 14 ? -9.608  3.627   -4.235  1.00 27.36 ? 76  GLY A HA3  1 
ATOM   207  N N    . ILE A 1 15 ? -11.187 6.115   -4.223  1.00 26.06 ? 77  ILE A N    1 
ATOM   208  C CA   . ILE A 1 15 ? -12.252 6.982   -4.792  1.00 28.75 ? 77  ILE A CA   1 
ATOM   209  C C    . ILE A 1 15 ? -11.977 7.241   -6.285  1.00 25.05 ? 77  ILE A C    1 
ATOM   210  O O    . ILE A 1 15 ? -12.906 7.613   -7.006  1.00 26.01 ? 77  ILE A O    1 
ATOM   211  C CB   . ILE A 1 15 ? -12.299 8.256   -3.927  1.00 34.93 ? 77  ILE A CB   1 
ATOM   212  C CG1  . ILE A 1 15 ? -12.768 7.926   -2.505  1.00 38.68 ? 77  ILE A CG1  1 
ATOM   213  C CG2  . ILE A 1 15 ? -13.140 9.341   -4.551  1.00 36.36 ? 77  ILE A CG2  1 
ATOM   214  C CD1  . ILE A 1 15 ? -12.069 8.705   -1.420  1.00 40.77 ? 77  ILE A CD1  1 
ATOM   215  H H    . ILE A 1 15 ? -10.495 6.557   -3.969  1.00 31.29 ? 77  ILE A H    1 
ATOM   216  H HA   . ILE A 1 15 ? -13.108 6.531   -4.716  1.00 34.52 ? 77  ILE A HA   1 
ATOM   217  H HB   . ILE A 1 15 ? -11.393 8.595   -3.862  1.00 41.94 ? 77  ILE A HB   1 
ATOM   218  H HG12 . ILE A 1 15 ? -13.716 8.120   -2.440  1.00 46.44 ? 77  ILE A HG12 1 
ATOM   219  H HG13 . ILE A 1 15 ? -12.616 6.983   -2.334  1.00 46.44 ? 77  ILE A HG13 1 
ATOM   220  H HG21 . ILE A 1 15 ? -13.278 10.045  -3.900  1.00 43.66 ? 77  ILE A HG21 1 
ATOM   221  H HG22 . ILE A 1 15 ? -12.678 9.695   -5.327  1.00 43.66 ? 77  ILE A HG22 1 
ATOM   222  H HG23 . ILE A 1 15 ? -13.995 8.964   -4.816  1.00 43.66 ? 77  ILE A HG23 1 
ATOM   223  H HD11 . ILE A 1 15 ? -12.416 8.420   -0.560  1.00 48.95 ? 77  ILE A HD11 1 
ATOM   224  H HD12 . ILE A 1 15 ? -11.121 8.518   -1.467  1.00 48.95 ? 77  ILE A HD12 1 
ATOM   225  H HD13 . ILE A 1 15 ? -12.245 9.650   -1.546  1.00 48.95 ? 77  ILE A HD13 1 
ATOM   226  N N    . HIS A 1 16 ? -10.758 6.997   -6.748  1.00 21.31 ? 78  HIS A N    1 
ATOM   227  C CA   . HIS A 1 16 ? -10.377 7.263   -8.152  1.00 19.19 ? 78  HIS A CA   1 
ATOM   228  C C    . HIS A 1 16 ? -9.762  6.018   -8.793  1.00 17.45 ? 78  HIS A C    1 
ATOM   229  O O    . HIS A 1 16 ? -9.232  5.187   -8.068  1.00 16.46 ? 78  HIS A O    1 
ATOM   230  C CB   . HIS A 1 16 ? -9.421  8.460   -8.221  1.00 19.30 ? 78  HIS A CB   1 
ATOM   231  C CG   . HIS A 1 16 ? -10.030 9.742   -7.768  1.00 20.43 ? 78  HIS A CG   1 
ATOM   232  N ND1  . HIS A 1 16 ? -11.014 10.394  -8.470  1.00 22.63 ? 78  HIS A ND1  1 
ATOM   233  C CD2  . HIS A 1 16 ? -9.803  10.479  -6.675  1.00 22.67 ? 78  HIS A CD2  1 
ATOM   234  C CE1  . HIS A 1 16 ? -11.345 11.486  -7.828  1.00 23.65 ? 78  HIS A CE1  1 
ATOM   235  N NE2  . HIS A 1 16 ? -10.633 11.558  -6.737  1.00 23.51 ? 78  HIS A NE2  1 
ATOM   236  H H    . HIS A 1 16 ? -10.117 6.675   -6.274  1.00 25.60 ? 78  HIS A H    1 
ATOM   237  H HA   . HIS A 1 16 ? -11.178 7.497   -8.643  1.00 23.06 ? 78  HIS A HA   1 
ATOM   238  H HB2  . HIS A 1 16 ? -8.654  8.279   -7.656  1.00 23.19 ? 78  HIS A HB2  1 
ATOM   239  H HB3  . HIS A 1 16 ? -9.132  8.577   -9.139  1.00 23.19 ? 78  HIS A HB3  1 
ATOM   240  H HD1  . HIS A 1 16 ? -11.349 10.134  -9.219  1.00 27.19 ? 78  HIS A HD1  1 
ATOM   241  H HD2  . HIS A 1 16 ? -9.189  10.294  -6.002  1.00 27.24 ? 78  HIS A HD2  1 
ATOM   242  H HE1  . HIS A 1 16 ? -11.989 12.100  -8.098  1.00 28.41 ? 78  HIS A HE1  1 
ATOM   243  N N    . PRO A 1 17 ? -9.746  5.902   -10.127 1.00 17.22 ? 79  PRO A N    1 
ATOM   244  C CA   . PRO A 1 17 ? -9.153  4.759   -10.814 1.00 17.75 ? 79  PRO A CA   1 
ATOM   245  C C    . PRO A 1 17 ? -7.666  4.509   -10.502 1.00 15.33 ? 79  PRO A C    1 
ATOM   246  O O    . PRO A 1 17 ? -7.236  3.404   -10.546 1.00 16.38 ? 79  PRO A O    1 
ATOM   247  C CB   . PRO A 1 17 ? -9.283  5.138   -12.294 1.00 19.55 ? 79  PRO A CB   1 
ATOM   248  C CG   . PRO A 1 17 ? -10.460 6.075   -12.349 1.00 21.64 ? 79  PRO A CG   1 
ATOM   249  C CD   . PRO A 1 17 ? -10.419 6.825   -11.044 1.00 18.83 ? 79  PRO A CD   1 
ATOM   250  H HA   . PRO A 1 17 ? -9.664  3.953   -10.639 1.00 21.32 ? 79  PRO A HA   1 
ATOM   251  H HB2  . PRO A 1 17 ? -8.475  5.584   -12.590 1.00 23.49 ? 79  PRO A HB2  1 
ATOM   252  H HB3  . PRO A 1 17 ? -9.452  4.343   -12.823 1.00 23.49 ? 79  PRO A HB3  1 
ATOM   253  H HG2  . PRO A 1 17 ? -10.359 6.686   -13.094 1.00 26.00 ? 79  PRO A HG2  1 
ATOM   254  H HG3  . PRO A 1 17 ? -11.282 5.566   -12.428 1.00 26.00 ? 79  PRO A HG3  1 
ATOM   255  H HD2  . PRO A 1 17 ? -9.904  7.641   -11.140 1.00 22.63 ? 79  PRO A HD2  1 
ATOM   256  H HD3  . PRO A 1 17 ? -11.322 7.008   -10.743 1.00 22.63 ? 79  PRO A HD3  1 
ATOM   257  N N    . ASP A 1 18 ? -6.914  5.557   -10.158 1.00 13.74 ? 80  ASP A N    1 
ATOM   258  C CA   . ASP A 1 18 ? -5.459  5.416   -9.877  1.00 12.74 ? 80  ASP A CA   1 
ATOM   259  C C    . ASP A 1 18 ? -5.213  4.911   -8.450  1.00 12.99 ? 80  ASP A C    1 
ATOM   260  O O    . ASP A 1 18 ? -4.038  4.741   -8.094  1.00 13.41 ? 80  ASP A O    1 
ATOM   261  C CB   . ASP A 1 18 ? -4.714  6.726   -10.155 1.00 13.33 ? 80  ASP A CB   1 
ATOM   262  C CG   . ASP A 1 18 ? -5.038  7.882   -9.226  1.00 13.64 ? 80  ASP A CG   1 
ATOM   263  O OD1  . ASP A 1 18 ? -5.930  7.753   -8.410  1.00 14.84 ? 80  ASP A OD1  1 
ATOM   264  O OD2  . ASP A 1 18 ? -4.388  8.915   -9.352  1.00 13.61 ? 80  ASP A OD2  1 
ATOM   265  H H    . ASP A 1 18 ? -7.209  6.360   -10.077 1.00 16.52 ? 80  ASP A H    1 
ATOM   266  H HA   . ASP A 1 18 ? -5.099  4.749   -10.482 1.00 15.32 ? 80  ASP A HA   1 
ATOM   267  H HB2  . ASP A 1 18 ? -3.761  6.557   -10.083 1.00 16.03 ? 80  ASP A HB2  1 
ATOM   268  H HB3  . ASP A 1 18 ? -4.923  7.012   -11.057 1.00 16.03 ? 80  ASP A HB3  1 
ATOM   269  N N    . ASP A 1 19 ? -6.253  4.653   -7.670  1.00 14.00 ? 81  ASP A N    1 
ATOM   270  C CA   . ASP A 1 19 ? -6.081  4.204   -6.269  1.00 15.67 ? 81  ASP A CA   1 
ATOM   271  C C    . ASP A 1 19 ? -6.247  2.693   -6.137  1.00 17.08 ? 81  ASP A C    1 
ATOM   272  O O    . ASP A 1 19 ? -6.961  2.091   -6.943  1.00 21.44 ? 81  ASP A O    1 
ATOM   273  C CB   . ASP A 1 19 ? -7.156  4.785   -5.361  1.00 18.37 ? 81  ASP A CB   1 
ATOM   274  C CG   . ASP A 1 19 ? -7.164  6.288   -5.307  1.00 20.77 ? 81  ASP A CG   1 
ATOM   275  O OD1  . ASP A 1 19 ? -6.113  6.875   -5.366  1.00 20.81 ? 81  ASP A OD1  1 
ATOM   276  O OD2  . ASP A 1 19 ? -8.262  6.827   -5.159  1.00 22.71 ? 81  ASP A OD2  1 
ATOM   277  H H    . ASP A 1 19 ? -7.075  4.726   -7.915  1.00 16.83 ? 81  ASP A H    1 
ATOM   278  H HA   . ASP A 1 19 ? -5.207  4.461   -5.937  1.00 18.83 ? 81  ASP A HA   1 
ATOM   279  H HB2  . ASP A 1 19 ? -8.024  4.496   -5.682  1.00 22.07 ? 81  ASP A HB2  1 
ATOM   280  H HB3  . ASP A 1 19 ? -7.013  4.457   -4.459  1.00 22.07 ? 81  ASP A HB3  1 
ATOM   281  N N    . LEU A 1 20 ? -5.564  2.104   -5.166  1.00 14.69 ? 82  LEU A N    1 
ATOM   282  C CA   . LEU A 1 20 ? -5.793  0.689   -4.795  1.00 15.65 ? 82  LEU A CA   1 
ATOM   283  C C    . LEU A 1 20 ? -6.868  0.667   -3.708  1.00 16.75 ? 82  LEU A C    1 
ATOM   284  O O    . LEU A 1 20 ? -6.908  1.574   -2.881  1.00 21.74 ? 82  LEU A O    1 
ATOM   285  C CB   . LEU A 1 20 ? -4.540  0.073   -4.180  1.00 19.20 ? 82  LEU A CB   1 
ATOM   286  C CG   . LEU A 1 20 ? -3.557  -0.576  -5.137  1.00 19.33 ? 82  LEU A CG   1 
ATOM   287  C CD1  . LEU A 1 20 ? -2.520  -1.400  -4.368  1.00 15.90 ? 82  LEU A CD1  1 
ATOM   288  C CD2  . LEU A 1 20 ? -4.260  -1.441  -6.170  1.00 20.92 ? 82  LEU A CD2  1 
ATOM   289  H H    . LEU A 1 20 ? -4.958  2.494   -4.698  1.00 17.66 ? 82  LEU A H    1 
ATOM   290  H HA   . LEU A 1 20 ? -6.101  0.178   -5.558  1.00 18.81 ? 82  LEU A HA   1 
ATOM   291  H HB2  . LEU A 1 20 ? -4.061  0.773   -3.715  1.00 23.07 ? 82  LEU A HB2  1 
ATOM   292  H HB3  . LEU A 1 20 ? -4.815  -0.607  -3.545  1.00 23.07 ? 82  LEU A HB3  1 
ATOM   293  H HG   . LEU A 1 20 ? -3.081  0.122   -5.614  1.00 23.22 ? 82  LEU A HG   1 
ATOM   294  H HD11 . LEU A 1 20 ? -1.893  -1.786  -4.999  1.00 19.11 ? 82  LEU A HD11 1 
ATOM   295  H HD12 . LEU A 1 20 ? -2.052  -0.819  -3.749  1.00 19.11 ? 82  LEU A HD12 1 
ATOM   296  H HD13 . LEU A 1 20 ? -2.977  -2.104  -3.881  1.00 19.11 ? 82  LEU A HD13 1 
ATOM   297  H HD21 . LEU A 1 20 ? -3.618  -2.059  -6.553  1.00 25.13 ? 82  LEU A HD21 1 
ATOM   298  H HD22 . LEU A 1 20 ? -4.974  -1.933  -5.735  1.00 25.13 ? 82  LEU A HD22 1 
ATOM   299  H HD23 . LEU A 1 20 ? -4.626  -0.871  -6.864  1.00 25.13 ? 82  LEU A HD23 1 
ATOM   300  N N    . SER A 1 21 ? -7.727  -0.327  -3.709  1.00 16.22 ? 83  SER A N    1 
ATOM   301  C CA   . SER A 1 21 ? -8.661  -0.556  -2.589  1.00 16.30 ? 83  SER A CA   1 
ATOM   302  C C    . SER A 1 21 ? -8.080  -1.758  -1.851  1.00 15.00 ? 83  SER A C    1 
ATOM   303  O O    . SER A 1 21 ? -7.772  -2.735  -2.507  1.00 19.09 ? 83  SER A O    1 
ATOM   304  C CB   . SER A 1 21 ? -10.048 -0.835  -3.025  1.00 16.63 ? 83  SER A CB   1 
ATOM   305  O OG   . SER A 1 21 ? -10.648 0.320   -3.575  1.00 17.68 ? 83  SER A OG   1 
ATOM   306  H H    . SER A 1 21 ? -7.802  -0.899  -4.347  1.00 19.49 ? 83  SER A H    1 
ATOM   307  H HA   . SER A 1 21 ? -8.665  0.208   -1.993  1.00 19.59 ? 83  SER A HA   1 
ATOM   308  H HB2  . SER A 1 21 ? -10.033 -1.533  -3.698  1.00 19.98 ? 83  SER A HB2  1 
ATOM   309  H HB3  . SER A 1 21 ? -10.567 -1.125  -2.259  1.00 19.98 ? 83  SER A HB3  1 
ATOM   310  H HG   . SER A 1 21 ? -10.207 0.582   -4.241  1.00 21.24 ? 83  SER A HG   1 
ATOM   311  N N    . PHE A 1 22 ? -7.940  -1.710  -0.542  1.00 12.04 ? 84  PHE A N    1 
ATOM   312  C CA   . PHE A 1 22 ? -7.360  -2.854  0.196   1.00 11.14 ? 84  PHE A CA   1 
ATOM   313  C C    . PHE A 1 22 ? -8.103  -3.050  1.512   1.00 11.61 ? 84  PHE A C    1 
ATOM   314  O O    . PHE A 1 22 ? -8.829  -2.182  1.954   1.00 12.83 ? 84  PHE A O    1 
ATOM   315  C CB   . PHE A 1 22 ? -5.860  -2.630  0.409   1.00 11.33 ? 84  PHE A CB   1 
ATOM   316  C CG   . PHE A 1 22 ? -5.504  -1.283  0.991   1.00 11.21 ? 84  PHE A CG   1 
ATOM   317  C CD1  . PHE A 1 22 ? -5.551  -1.061  2.359   1.00 11.22 ? 84  PHE A CD1  1 
ATOM   318  C CD2  . PHE A 1 22 ? -5.126  -0.227  0.168   1.00 12.30 ? 84  PHE A CD2  1 
ATOM   319  C CE1  . PHE A 1 22 ? -5.203  0.169   2.894   1.00 10.89 ? 84  PHE A CE1  1 
ATOM   320  C CE2  . PHE A 1 22 ? -4.774  1.004   0.706   1.00 13.22 ? 84  PHE A CE2  1 
ATOM   321  C CZ   . PHE A 1 22 ? -4.815  1.203   2.068   1.00 12.21 ? 84  PHE A CZ   1 
ATOM   322  H H    . PHE A 1 22 ? -8.165  -1.043  -0.048  1.00 14.48 ? 84  PHE A H    1 
ATOM   323  H HA   . PHE A 1 22 ? -7.468  -3.661  -0.330  1.00 13.40 ? 84  PHE A HA   1 
ATOM   324  H HB2  . PHE A 1 22 ? -5.528  -3.309  1.017   1.00 13.62 ? 84  PHE A HB2  1 
ATOM   325  H HB3  . PHE A 1 22 ? -5.409  -2.709  -0.446  1.00 13.62 ? 84  PHE A HB3  1 
ATOM   326  H HD1  . PHE A 1 22 ? -5.799  -1.755  2.927   1.00 13.49 ? 84  PHE A HD1  1 
ATOM   327  H HD2  . PHE A 1 22 ? -5.082  -0.355  -0.752  1.00 14.79 ? 84  PHE A HD2  1 
ATOM   328  H HE1  . PHE A 1 22 ? -5.236  0.300   3.814   1.00 13.09 ? 84  PHE A HE1  1 
ATOM   329  H HE2  . PHE A 1 22 ? -4.520  1.700   0.144   1.00 15.89 ? 84  PHE A HE2  1 
ATOM   330  H HZ   . PHE A 1 22 ? -4.594  2.032   2.428   1.00 14.69 ? 84  PHE A HZ   1 
ATOM   331  N N    . LYS A 1 23 ? -7.863  -4.206  2.099   1.00 11.50 ? 85  LYS A N    1 
ATOM   332  C CA   . LYS A 1 23 ? -8.440  -4.601  3.396   1.00 11.73 ? 85  LYS A CA   1 
ATOM   333  C C    . LYS A 1 23 ? -7.337  -4.565  4.453   1.00 11.03 ? 85  LYS A C    1 
ATOM   334  O O    . LYS A 1 23 ? -6.148  -4.785  4.122   1.00 11.37 ? 85  LYS A O    1 
ATOM   335  C CB   . LYS A 1 23 ? -9.056  -5.999  3.265   1.00 13.54 ? 85  LYS A CB   1 
ATOM   336  C CG   . LYS A 1 23 ? -10.177 -6.130  2.235   1.00 17.08 ? 85  LYS A CG   1 
ATOM   337  C CD   . LYS A 1 23 ? -11.425 -5.384  2.587   1.00 20.44 ? 85  LYS A CD   1 
ATOM   338  C CE   . LYS A 1 23 ? -12.555 -5.558  1.583   1.00 21.11 ? 85  LYS A CE   1 
ATOM   339  N NZ   . LYS A 1 23 ? -12.184 -5.095  0.217   1.00 23.65 ? 85  LYS A NZ   1 
ATOM   340  H H    . LYS A 1 23 ? -7.352  -4.809  1.761   1.00 13.83 ? 85  LYS A H    1 
ATOM   341  H HA   . LYS A 1 23 ? -9.137  -3.975  3.651   1.00 14.10 ? 85  LYS A HA   1 
ATOM   342  H HB2  . LYS A 1 23 ? -8.355  -6.620  3.013   1.00 16.28 ? 85  LYS A HB2  1 
ATOM   343  H HB3  . LYS A 1 23 ? -9.421  -6.256  4.127   1.00 16.28 ? 85  LYS A HB3  1 
ATOM   344  H HG2  . LYS A 1 23 ? -9.859  -5.789  1.385   1.00 20.52 ? 85  LYS A HG2  1 
ATOM   345  H HG3  . LYS A 1 23 ? -10.409 -7.067  2.146   1.00 20.52 ? 85  LYS A HG3  1 
ATOM   346  H HD2  . LYS A 1 23 ? -11.743 -5.697  3.449   1.00 24.56 ? 85  LYS A HD2  1 
ATOM   347  H HD3  . LYS A 1 23 ? -11.216 -4.439  2.636   1.00 24.56 ? 85  LYS A HD3  1 
ATOM   348  H HE2  . LYS A 1 23 ? -12.787 -6.498  1.528   1.00 25.36 ? 85  LYS A HE2  1 
ATOM   349  H HE3  . LYS A 1 23 ? -13.323 -5.044  1.875   1.00 25.36 ? 85  LYS A HE3  1 
ATOM   350  H HZ1  . LYS A 1 23 ? -11.488 -5.562  -0.085  1.00 28.41 ? 85  LYS A HZ1  1 
ATOM   351  H HZ2  . LYS A 1 23 ? -12.870 -5.208  -0.339  1.00 28.41 ? 85  LYS A HZ2  1 
ATOM   352  H HZ3  . LYS A 1 23 ? -11.967 -4.232  0.236   1.00 28.41 ? 85  LYS A HZ3  1 
ATOM   353  N N    A LYS A 1 24 ? -7.738  -4.457  5.693   0.68 12.79 ? 86  LYS A N    1 
ATOM   354  N N    B LYS A 1 24 ? -7.751  -4.486  5.714   0.32 12.79 ? 86  LYS A N    1 
ATOM   355  C CA   A LYS A 1 24 ? -6.766  -4.566  6.797   0.68 12.18 ? 86  LYS A CA   1 
ATOM   356  C CA   B LYS A 1 24 ? -6.771  -4.573  6.818   0.32 12.41 ? 86  LYS A CA   1 
ATOM   357  C C    A LYS A 1 24 ? -6.100  -5.946  6.704   0.68 11.26 ? 86  LYS A C    1 
ATOM   358  C C    B LYS A 1 24 ? -6.106  -5.953  6.739   0.32 12.11 ? 86  LYS A C    1 
ATOM   359  O O    A LYS A 1 24 ? -6.816  -6.947  6.512   0.68 12.43 ? 86  LYS A O    1 
ATOM   360  O O    B LYS A 1 24 ? -6.823  -6.952  6.527   0.32 13.02 ? 86  LYS A O    1 
ATOM   361  C CB   A LYS A 1 24 ? -7.478  -4.413  8.144   0.68 15.15 ? 86  LYS A CB   1 
ATOM   362  C CB   B LYS A 1 24 ? -7.445  -4.394  8.182   0.32 13.64 ? 86  LYS A CB   1 
ATOM   363  C CG   A LYS A 1 24 ? -6.582  -4.644  9.349   0.68 17.27 ? 86  LYS A CG   1 
ATOM   364  C CG   B LYS A 1 24 ? -6.530  -4.683  9.364   0.32 13.84 ? 86  LYS A CG   1 
ATOM   365  C CD   A LYS A 1 24 ? -7.301  -4.481  10.668  0.68 19.96 ? 86  LYS A CD   1 
ATOM   366  C CD   B LYS A 1 24 ? -7.134  -4.406  10.724  0.32 14.51 ? 86  LYS A CD   1 
ATOM   367  C CE   A LYS A 1 24 ? -6.448  -4.892  11.845  0.68 22.65 ? 86  LYS A CE   1 
ATOM   368  C CE   B LYS A 1 24 ? -8.611  -4.718  10.803  0.32 15.66 ? 86  LYS A CE   1 
ATOM   369  N NZ   A LYS A 1 24 ? -7.039  -4.461  13.132  0.68 23.74 ? 86  LYS A NZ   1 
ATOM   370  N NZ   B LYS A 1 24 ? -9.069  -4.845  12.208  0.32 16.60 ? 86  LYS A NZ   1 
ATOM   371  H H    B LYS A 1 24 ? -8.568  -4.384  5.962   0.32 15.37 ? 86  LYS A H    1 
ATOM   372  H HA   A LYS A 1 24 ? -6.088  -3.878  6.715   0.68 14.64 ? 86  LYS A HA   1 
ATOM   373  H HA   B LYS A 1 24 ? -6.091  -3.890  6.712   0.32 14.92 ? 86  LYS A HA   1 
ATOM   374  H HB2  A LYS A 1 24 ? -7.833  -3.513  8.208   0.68 18.21 ? 86  LYS A HB2  1 
ATOM   375  H HB2  B LYS A 1 24 ? -7.754  -3.478  8.261   0.32 16.39 ? 86  LYS A HB2  1 
ATOM   376  H HB3  A LYS A 1 24 ? -8.204  -5.056  8.187   0.68 18.21 ? 86  LYS A HB3  1 
ATOM   377  H HB3  B LYS A 1 24 ? -8.199  -5.003  8.228   0.32 16.39 ? 86  LYS A HB3  1 
ATOM   378  H HG2  A LYS A 1 24 ? -6.231  -5.549  9.317   0.68 20.75 ? 86  LYS A HG2  1 
ATOM   379  H HG2  B LYS A 1 24 ? -6.283  -5.621  9.347   0.32 16.63 ? 86  LYS A HG2  1 
ATOM   380  H HG3  A LYS A 1 24 ? -5.852  -4.006  9.326   0.68 20.75 ? 86  LYS A HG3  1 
ATOM   381  H HG3  B LYS A 1 24 ? -5.734  -4.136  9.279   0.32 16.63 ? 86  LYS A HG3  1 
ATOM   382  H HD2  A LYS A 1 24 ? -7.544  -3.550  10.783  0.68 23.98 ? 86  LYS A HD2  1 
ATOM   383  H HD2  B LYS A 1 24 ? -6.680  -4.951  11.386  0.32 17.44 ? 86  LYS A HD2  1 
ATOM   384  H HD3  A LYS A 1 24 ? -8.098  -5.035  10.666  0.68 23.98 ? 86  LYS A HD3  1 
ATOM   385  H HD3  B LYS A 1 24 ? -7.017  -3.466  10.934  0.32 17.44 ? 86  LYS A HD3  1 
ATOM   386  H HE2  A LYS A 1 24 ? -6.366  -5.859  11.858  0.68 27.21 ? 86  LYS A HE2  1 
ATOM   387  H HE2  B LYS A 1 24 ? -9.112  -3.999  10.386  0.32 18.82 ? 86  LYS A HE2  1 
ATOM   388  H HE3  A LYS A 1 24 ? -5.572  -4.484  11.762  0.68 27.21 ? 86  LYS A HE3  1 
ATOM   389  H HE3  B LYS A 1 24 ? -8.784  -5.554  10.348  0.32 18.82 ? 86  LYS A HE3  1 
ATOM   390  H HZ1  A LYS A 1 24 ? -7.120  -3.574  13.147  0.68 28.52 ? 86  LYS A HZ1  1 
ATOM   391  H HZ1  B LYS A 1 24 ? -8.625  -5.500  12.614  0.32 19.95 ? 86  LYS A HZ1  1 
ATOM   392  H HZ2  A LYS A 1 24 ? -7.844  -4.826  13.235  0.68 28.52 ? 86  LYS A HZ2  1 
ATOM   393  H HZ2  B LYS A 1 24 ? -8.923  -4.083  12.646  0.32 19.95 ? 86  LYS A HZ2  1 
ATOM   394  H HZ3  A LYS A 1 24 ? -6.518  -4.715  13.806  0.68 28.52 ? 86  LYS A HZ3  1 
ATOM   395  H HZ3  B LYS A 1 24 ? -9.939  -5.028  12.229  0.32 19.95 ? 86  LYS A HZ3  1 
ATOM   396  N N    . GLY A 1 25 ? -4.773  -5.982  6.779   1.00 11.86 ? 87  GLY A N    1 
ATOM   397  C CA   . GLY A 1 25 ? -4.012  -7.245  6.709   1.00 11.93 ? 87  GLY A CA   1 
ATOM   398  C C    . GLY A 1 25 ? -3.506  -7.546  5.304   1.00 11.30 ? 87  GLY A C    1 
ATOM   399  O O    . GLY A 1 25 ? -2.705  -8.431  5.156   1.00 12.50 ? 87  GLY A O    1 
ATOM   400  H H    . GLY A 1 25 ? -4.276  -5.285  6.860   1.00 14.26 ? 87  GLY A H    1 
ATOM   401  H HA2  . GLY A 1 25 ? -3.250  -7.198  7.307   1.00 14.34 ? 87  GLY A HA2  1 
ATOM   402  H HA3  . GLY A 1 25 ? -4.580  -7.978  6.992   1.00 14.34 ? 87  GLY A HA3  1 
ATOM   403  N N    . GLU A 1 26 ? -3.997  -6.850  4.290   1.00 10.78 ? 88  GLU A N    1 
ATOM   404  C CA   . GLU A 1 26 ? -3.555  -7.084  2.894   1.00 10.54 ? 88  GLU A CA   1 
ATOM   405  C C    . GLU A 1 26 ? -2.076  -6.690  2.757   1.00 9.50  ? 88  GLU A C    1 
ATOM   406  O O    . GLU A 1 26 ? -1.681  -5.648  3.281   1.00 10.59 ? 88  GLU A O    1 
ATOM   407  C CB   . GLU A 1 26 ? -4.434  -6.328  1.898   1.00 11.10 ? 88  GLU A CB   1 
ATOM   408  C CG   . GLU A 1 26 ? -4.179  -6.717  0.448   1.00 11.28 ? 88  GLU A CG   1 
ATOM   409  C CD   . GLU A 1 26 ? -5.300  -6.326  -0.499  1.00 10.93 ? 88  GLU A CD   1 
ATOM   410  O OE1  . GLU A 1 26 ? -6.363  -5.991  -0.016  1.00 11.49 ? 88  GLU A OE1  1 
ATOM   411  O OE2  . GLU A 1 26 ? -5.101  -6.378  -1.698  1.00 12.60 ? 88  GLU A OE2  1 
ATOM   412  H H    . GLU A 1 26 ? -4.589  -6.231  4.369   1.00 12.96 ? 88  GLU A H    1 
ATOM   413  H HA   . GLU A 1 26 ? -3.630  -8.030  2.696   1.00 12.68 ? 88  GLU A HA   1 
ATOM   414  H HB2  . GLU A 1 26 ? -5.363  -6.516  2.101   1.00 13.35 ? 88  GLU A HB2  1 
ATOM   415  H HB3  . GLU A 1 26 ? -4.262  -5.377  1.987   1.00 13.35 ? 88  GLU A HB3  1 
ATOM   416  H HG2  . GLU A 1 26 ? -3.368  -6.279  0.146   1.00 13.57 ? 88  GLU A HG2  1 
ATOM   417  H HG3  . GLU A 1 26 ? -4.071  -7.680  0.398   1.00 13.57 ? 88  GLU A HG3  1 
ATOM   418  N N    . LYS A 1 27 ? -1.295  -7.505  2.065   1.00 9.63  ? 89  LYS A N    1 
ATOM   419  C CA   . LYS A 1 27 ? 0.152   -7.246  1.877   1.00 10.34 ? 89  LYS A CA   1 
ATOM   420  C C    . LYS A 1 27 ? 0.359   -6.550  0.526   1.00 10.07 ? 89  LYS A C    1 
ATOM   421  O O    . LYS A 1 27 ? -0.268  -6.939  -0.473  1.00 10.50 ? 89  LYS A O    1 
ATOM   422  C CB   . LYS A 1 27 ? 0.970   -8.538  1.910   1.00 12.10 ? 89  LYS A CB   1 
ATOM   423  C CG   . LYS A 1 27 ? 0.748   -9.400  3.148   1.00 15.05 ? 89  LYS A CG   1 
ATOM   424  C CD   . LYS A 1 27 ? 0.849   -8.634  4.423   1.00 15.36 ? 89  LYS A CD   1 
ATOM   425  C CE   . LYS A 1 27 ? 0.807   -9.522  5.648   1.00 15.01 ? 89  LYS A CE   1 
ATOM   426  N NZ   . LYS A 1 27 ? -0.518  -10.147 5.843   1.00 16.53 ? 89  LYS A NZ   1 
ATOM   427  H H    . LYS A 1 27 ? -1.569  -8.227  1.685   1.00 11.58 ? 89  LYS A H    1 
ATOM   428  H HA   . LYS A 1 27 ? 0.472   -6.657  2.579   1.00 12.44 ? 89  LYS A HA   1 
ATOM   429  H HB2  . LYS A 1 27 ? 0.736   -9.072  1.135   1.00 14.55 ? 89  LYS A HB2  1 
ATOM   430  H HB3  . LYS A 1 27 ? 1.912   -8.309  1.877   1.00 14.55 ? 89  LYS A HB3  1 
ATOM   431  H HG2  . LYS A 1 27 ? -0.138  -9.791  3.104   1.00 18.08 ? 89  LYS A HG2  1 
ATOM   432  H HG3  . LYS A 1 27 ? 1.419   -10.099 3.168   1.00 18.08 ? 89  LYS A HG3  1 
ATOM   433  H HD2  . LYS A 1 27 ? 1.687   -8.147  4.434   1.00 18.46 ? 89  LYS A HD2  1 
ATOM   434  H HD3  . LYS A 1 27 ? 0.104   -8.015  4.480   1.00 18.46 ? 89  LYS A HD3  1 
ATOM   435  H HE2  . LYS A 1 27 ? 1.463   -10.229 5.549   1.00 18.05 ? 89  LYS A HE2  1 
ATOM   436  H HE3  . LYS A 1 27 ? 1.007   -8.988  6.433   1.00 18.05 ? 89  LYS A HE3  1 
ATOM   437  H HZ1  . LYS A 1 27 ? -0.507  -10.661 6.570   1.00 19.87 ? 89  LYS A HZ1  1 
ATOM   438  H HZ2  . LYS A 1 27 ? -1.139  -9.518  5.943   1.00 19.87 ? 89  LYS A HZ2  1 
ATOM   439  H HZ3  . LYS A 1 27 ? -0.724  -10.649 5.138   1.00 19.87 ? 89  LYS A HZ3  1 
ATOM   440  N N    . MET A 1 28 ? 1.194   -5.522  0.517   1.00 9.44  ? 90  MET A N    1 
ATOM   441  C CA   . MET A 1 28 ? 1.468   -4.742  -0.703  1.00 10.01 ? 90  MET A CA   1 
ATOM   442  C C    . MET A 1 28 ? 2.968   -4.515  -0.803  1.00 10.42 ? 90  MET A C    1 
ATOM   443  O O    . MET A 1 28 ? 3.621   -4.474  0.216   1.00 11.91 ? 90  MET A O    1 
ATOM   444  C CB   . MET A 1 28 ? 0.747   -3.392  -0.656  1.00 11.19 ? 90  MET A CB   1 
ATOM   445  C CG   . MET A 1 28 ? -0.760  -3.543  -0.820  1.00 13.59 ? 90  MET A CG   1 
ATOM   446  S SD   . MET A 1 28 ? -1.729  -2.062  -0.429  1.00 12.94 ? 90  MET A SD   1 
ATOM   447  C CE   . MET A 1 28 ? -1.784  -2.173  1.360   1.00 14.18 ? 90  MET A CE   1 
ATOM   448  H H    . MET A 1 28 ? 1.625   -5.246  1.209   1.00 11.35 ? 90  MET A H    1 
ATOM   449  H HA   . MET A 1 28 ? 1.160   -5.233  -1.480  1.00 12.05 ? 90  MET A HA   1 
ATOM   450  H HB2  . MET A 1 28 ? 0.917   -2.969  0.200   1.00 13.45 ? 90  MET A HB2  1 
ATOM   451  H HB3  . MET A 1 28 ? 1.075   -2.831  -1.377  1.00 13.45 ? 90  MET A HB3  1 
ATOM   452  H HG2  . MET A 1 28 ? -0.946  -3.774  -1.743  1.00 16.34 ? 90  MET A HG2  1 
ATOM   453  H HG3  . MET A 1 28 ? -1.065  -4.255  -0.238  1.00 16.34 ? 90  MET A HG3  1 
ATOM   454  H HE1  . MET A 1 28 ? -2.287  -1.420  1.707   1.00 17.04 ? 90  MET A HE1  1 
ATOM   455  H HE2  . MET A 1 28 ? -2.216  -3.004  1.611   1.00 17.04 ? 90  MET A HE2  1 
ATOM   456  H HE3  . MET A 1 28 ? -0.878  -2.153  1.704   1.00 17.04 ? 90  MET A HE3  1 
ATOM   457  N N    . LYS A 1 29 ? 3.452   -4.404  -2.021  1.00 10.99 ? 91  LYS A N    1 
ATOM   458  C CA   . LYS A 1 29 ? 4.864   -4.096  -2.294  1.00 11.33 ? 91  LYS A CA   1 
ATOM   459  C C    . LYS A 1 29 ? 4.920   -2.606  -2.646  1.00 11.21 ? 91  LYS A C    1 
ATOM   460  O O    . LYS A 1 29 ? 4.189   -2.182  -3.551  1.00 12.15 ? 91  LYS A O    1 
ATOM   461  C CB   . LYS A 1 29 ? 5.387   -4.938  -3.452  1.00 14.02 ? 91  LYS A CB   1 
ATOM   462  C CG   . LYS A 1 29 ? 6.815   -4.633  -3.858  1.00 15.59 ? 91  LYS A CG   1 
ATOM   463  C CD   . LYS A 1 29 ? 7.255   -5.480  -5.014  1.00 20.70 ? 91  LYS A CD   1 
ATOM   464  C CE   . LYS A 1 29 ? 8.713   -5.332  -5.366  1.00 24.91 ? 91  LYS A CE   1 
ATOM   465  N NZ   . LYS A 1 29 ? 9.036   -6.248  -6.481  1.00 27.86 ? 91  LYS A NZ   1 
ATOM   466  H H    . LYS A 1 29 ? 2.980   -4.504  -2.733  1.00 13.22 ? 91  LYS A H    1 
ATOM   467  H HA   . LYS A 1 29 ? 5.405   -4.261  -1.506  1.00 13.62 ? 91  LYS A HA   1 
ATOM   468  H HB2  . LYS A 1 29 ? 5.347   -5.874  -3.198  1.00 16.86 ? 91  LYS A HB2  1 
ATOM   469  H HB3  . LYS A 1 29 ? 4.822   -4.785  -4.226  1.00 16.86 ? 91  LYS A HB3  1 
ATOM   470  H HG2  . LYS A 1 29 ? 6.884   -3.703  -4.124  1.00 18.73 ? 91  LYS A HG2  1 
ATOM   471  H HG3  . LYS A 1 29 ? 7.405   -4.812  -3.109  1.00 18.73 ? 91  LYS A HG3  1 
ATOM   472  H HD2  . LYS A 1 29 ? 7.097   -6.412  -4.795  1.00 24.87 ? 91  LYS A HD2  1 
ATOM   473  H HD3  . LYS A 1 29 ? 6.735   -5.234  -5.796  1.00 24.87 ? 91  LYS A HD3  1 
ATOM   474  H HE2  . LYS A 1 29 ? 8.891   -4.422  -5.649  1.00 29.91 ? 91  LYS A HE2  1 
ATOM   475  H HE3  . LYS A 1 29 ? 9.260   -5.567  -4.600  1.00 29.91 ? 91  LYS A HE3  1 
ATOM   476  H HZ1  . LYS A 1 29 ? 8.874   -7.089  -6.240  1.00 33.46 ? 91  LYS A HZ1  1 
ATOM   477  H HZ2  . LYS A 1 29 ? 8.539   -6.050  -7.191  1.00 33.46 ? 91  LYS A HZ2  1 
ATOM   478  H HZ3  . LYS A 1 29 ? 9.896   -6.170  -6.698  1.00 33.46 ? 91  LYS A HZ3  1 
ATOM   479  N N    . VAL A 1 30 ? 5.737   -1.844  -1.949  1.00 11.68 ? 92  VAL A N    1 
ATOM   480  C CA   . VAL A 1 30 ? 5.855   -0.391  -2.226  1.00 13.39 ? 92  VAL A CA   1 
ATOM   481  C C    . VAL A 1 30 ? 6.712   -0.233  -3.483  1.00 14.01 ? 92  VAL A C    1 
ATOM   482  O O    . VAL A 1 30 ? 7.817   -0.764  -3.511  1.00 16.83 ? 92  VAL A O    1 
ATOM   483  C CB   . VAL A 1 30 ? 6.445   0.390   -1.046  1.00 17.22 ? 92  VAL A CB   1 
ATOM   484  C CG1  . VAL A 1 30 ? 6.635   1.863   -1.416  1.00 18.61 ? 92  VAL A CG1  1 
ATOM   485  C CG2  . VAL A 1 30 ? 5.567   0.255   0.181   1.00 20.30 ? 92  VAL A CG2  1 
ATOM   486  H H    . VAL A 1 30 ? 6.239   -2.124  -1.310  1.00 14.04 ? 92  VAL A H    1 
ATOM   487  H HA   . VAL A 1 30 ? 4.974   -0.031  -2.415  1.00 16.10 ? 92  VAL A HA   1 
ATOM   488  H HB   . VAL A 1 30 ? 7.316   0.022   -0.831  1.00 20.69 ? 92  VAL A HB   1 
ATOM   489  H HG11 . VAL A 1 30 ? 6.808   2.370   -0.608  1.00 22.36 ? 92  VAL A HG11 1 
ATOM   490  H HG12 . VAL A 1 30 ? 7.387   1.945   -2.023  1.00 22.36 ? 92  VAL A HG12 1 
ATOM   491  H HG13 . VAL A 1 30 ? 5.827   2.188   -1.842  1.00 22.36 ? 92  VAL A HG13 1 
ATOM   492  H HG21 . VAL A 1 30 ? 5.956   0.769   0.905   1.00 24.39 ? 92  VAL A HG21 1 
ATOM   493  H HG22 . VAL A 1 30 ? 4.682   0.593   -0.026  1.00 24.39 ? 92  VAL A HG22 1 
ATOM   494  H HG23 . VAL A 1 30 ? 5.515   -0.681  0.430   1.00 24.39 ? 92  VAL A HG23 1 
ATOM   495  N N    . LEU A 1 31 ? 6.205   0.451   -4.486  1.00 13.13 ? 93  LEU A N    1 
ATOM   496  C CA   . LEU A 1 31 ? 6.957   0.659   -5.741  1.00 14.80 ? 93  LEU A CA   1 
ATOM   497  C C    . LEU A 1 31 ? 7.655   2.012   -5.670  1.00 16.49 ? 93  LEU A C    1 
ATOM   498  O O    . LEU A 1 31 ? 8.798   2.105   -6.108  1.00 19.89 ? 93  LEU A O    1 
ATOM   499  C CB   . LEU A 1 31 ? 5.996   0.578   -6.924  1.00 15.10 ? 93  LEU A CB   1 
ATOM   500  C CG   . LEU A 1 31 ? 5.261   -0.753  -7.051  1.00 15.53 ? 93  LEU A CG   1 
ATOM   501  C CD1  . LEU A 1 31 ? 4.242   -0.709  -8.168  1.00 17.44 ? 93  LEU A CD1  1 
ATOM   502  C CD2  . LEU A 1 31 ? 6.232   -1.903  -7.254  1.00 18.89 ? 93  LEU A CD2  1 
ATOM   503  H H    . LEU A 1 31 ? 5.425   0.813   -4.481  1.00 15.78 ? 93  LEU A H    1 
ATOM   504  H HA   . LEU A 1 31 ? 7.631   -0.031  -5.838  1.00 17.79 ? 93  LEU A HA   1 
ATOM   505  H HB2  . LEU A 1 31 ? 5.328   1.276   -6.830  1.00 18.15 ? 93  LEU A HB2  1 
ATOM   506  H HB3  . LEU A 1 31 ? 6.499   0.716   -7.742  1.00 18.15 ? 93  LEU A HB3  1 
ATOM   507  H HG   . LEU A 1 31 ? 4.779   -0.920  -6.224  1.00 18.66 ? 93  LEU A HG   1 
ATOM   508  H HD11 . LEU A 1 31 ? 3.790   -1.567  -8.217  1.00 20.96 ? 93  LEU A HD11 1 
ATOM   509  H HD12 . LEU A 1 31 ? 3.600   -0.007  -7.982  1.00 20.96 ? 93  LEU A HD12 1 
ATOM   510  H HD13 . LEU A 1 31 ? 4.700   -0.528  -9.004  1.00 20.96 ? 93  LEU A HD13 1 
ATOM   511  H HD21 . LEU A 1 31 ? 5.730   -2.704  -7.469  1.00 22.70 ? 93  LEU A HD21 1 
ATOM   512  H HD22 . LEU A 1 31 ? 6.833   -1.682  -7.983  1.00 22.70 ? 93  LEU A HD22 1 
ATOM   513  H HD23 . LEU A 1 31 ? 6.737   -2.039  -6.438  1.00 22.70 ? 93  LEU A HD23 1 
ATOM   514  N N    . GLU A 1 32 ? 6.941   3.057   -5.271  1.00 16.75 ? 94  GLU A N    1 
ATOM   515  C CA   . GLU A 1 32 ? 7.501   4.431   -5.219  1.00 19.32 ? 94  GLU A CA   1 
ATOM   516  C C    . GLU A 1 32 ? 6.885   5.192   -4.054  1.00 17.29 ? 94  GLU A C    1 
ATOM   517  O O    . GLU A 1 32 ? 5.679   5.063   -3.874  1.00 19.10 ? 94  GLU A O    1 
ATOM   518  C CB   . GLU A 1 32 ? 7.159   5.214   -6.487  1.00 25.67 ? 94  GLU A CB   1 
ATOM   519  C CG   . GLU A 1 32 ? 7.512   4.468   -7.752  1.00 32.37 ? 94  GLU A CG   1 
ATOM   520  C CD   . GLU A 1 32 ? 6.871   4.976   -9.031  1.00 38.71 ? 94  GLU A CD   1 
ATOM   521  O OE1  . GLU A 1 32 ? 5.907   5.689   -8.944  1.00 41.56 ? 94  GLU A OE1  1 
ATOM   522  O OE2  . GLU A 1 32 ? 7.341   4.627   -10.105 1.00 40.64 ? 94  GLU A OE2  1 
ATOM   523  H H    . GLU A 1 32 ? 6.119   3.010   -5.020  1.00 20.13 ? 94  GLU A H    1 
ATOM   524  H HA   . GLU A 1 32 ? 8.465   4.400   -5.109  1.00 23.21 ? 94  GLU A HA   1 
ATOM   525  H HB2  . GLU A 1 32 ? 6.206   5.391   -6.500  1.00 30.83 ? 94  GLU A HB2  1 
ATOM   526  H HB3  . GLU A 1 32 ? 7.652   6.050   -6.485  1.00 30.83 ? 94  GLU A HB3  1 
ATOM   527  H HG2  . GLU A 1 32 ? 8.473   4.508   -7.873  1.00 38.87 ? 94  GLU A HG2  1 
ATOM   528  H HG3  . GLU A 1 32 ? 7.236   3.545   -7.665  1.00 38.87 ? 94  GLU A HG3  1 
ATOM   529  N N    . GLU A 1 33 ? 7.674   5.957   -3.309  1.00 18.16 ? 95  GLU A N    1 
ATOM   530  C CA   . GLU A 1 33 ? 7.145   6.816   -2.232  1.00 19.54 ? 95  GLU A CA   1 
ATOM   531  C C    . GLU A 1 33 ? 7.044   8.222   -2.832  1.00 20.42 ? 95  GLU A C    1 
ATOM   532  O O    . GLU A 1 33 ? 7.994   8.624   -3.493  1.00 22.66 ? 95  GLU A O    1 
ATOM   533  C CB   . GLU A 1 33 ? 8.023   6.726   -0.994  1.00 22.18 ? 95  GLU A CB   1 
ATOM   534  C CG   . GLU A 1 33 ? 8.070   5.312   -0.458  1.00 26.66 ? 95  GLU A CG   1 
ATOM   535  C CD   . GLU A 1 33 ? 8.665   5.167   0.923   1.00 30.95 ? 95  GLU A CD   1 
ATOM   536  O OE1  . GLU A 1 33 ? 9.041   6.186   1.484   1.00 32.91 ? 95  GLU A OE1  1 
ATOM   537  O OE2  . GLU A 1 33 ? 8.740   4.038   1.408   1.00 33.04 ? 95  GLU A OE2  1 
ATOM   538  H H    . GLU A 1 33 ? 8.527   6.003   -3.401  1.00 21.82 ? 95  GLU A H    1 
ATOM   539  H HA   . GLU A 1 33 ? 6.254   6.520   -1.996  1.00 23.47 ? 95  GLU A HA   1 
ATOM   540  H HB2  . GLU A 1 33 ? 8.927   6.996   -1.220  1.00 26.64 ? 95  GLU A HB2  1 
ATOM   541  H HB3  . GLU A 1 33 ? 7.663   7.302   -0.303  1.00 26.64 ? 95  GLU A HB3  1 
ATOM   542  H HG2  . GLU A 1 33 ? 7.164   4.966   -0.423  1.00 32.02 ? 95  GLU A HG2  1 
ATOM   543  H HG3  . GLU A 1 33 ? 8.601   4.770   -1.063  1.00 32.02 ? 95  GLU A HG3  1 
ATOM   544  N N    . HIS A 1 34 ? 5.905   8.888   -2.669  1.00 21.85 ? 96  HIS A N    1 
ATOM   545  C CA   . HIS A 1 34 ? 5.624   10.239  -3.220  1.00 24.21 ? 96  HIS A CA   1 
ATOM   546  C C    . HIS A 1 34 ? 4.934   11.083  -2.153  1.00 26.00 ? 96  HIS A C    1 
ATOM   547  O O    . HIS A 1 34 ? 3.897   11.632  -2.464  1.00 27.87 ? 96  HIS A O    1 
ATOM   548  C CB   . HIS A 1 34 ? 4.731   10.132  -4.469  1.00 26.05 ? 96  HIS A CB   1 
ATOM   549  C CG   . HIS A 1 34 ? 5.366   9.438   -5.630  1.00 26.70 ? 96  HIS A CG   1 
ATOM   550  N ND1  . HIS A 1 34 ? 6.463   9.954   -6.282  1.00 26.12 ? 96  HIS A ND1  1 
ATOM   551  C CD2  . HIS A 1 34 ? 5.069   8.284   -6.255  1.00 28.22 ? 96  HIS A CD2  1 
ATOM   552  C CE1  . HIS A 1 34 ? 6.816   9.143   -7.241  1.00 27.57 ? 96  HIS A CE1  1 
ATOM   553  N NE2  . HIS A 1 34 ? 5.971   8.117   -7.256  1.00 28.43 ? 96  HIS A NE2  1 
ATOM   554  H H    . HIS A 1 34 ? 5.242   8.571   -2.223  1.00 26.25 ? 96  HIS A H    1 
ATOM   555  H HA   . HIS A 1 34 ? 6.456   10.670  -3.468  1.00 29.08 ? 96  HIS A HA   1 
ATOM   556  H HB2  . HIS A 1 34 ? 3.928   9.641   -4.236  1.00 31.29 ? 96  HIS A HB2  1 
ATOM   557  H HB3  . HIS A 1 34 ? 4.495   11.027  -4.759  1.00 31.29 ? 96  HIS A HB3  1 
ATOM   558  H HD1  . HIS A 1 34 ? 6.863   10.688  -6.080  1.00 31.38 ? 96  HIS A HD1  1 
ATOM   559  H HD2  . HIS A 1 34 ? 4.372   7.707   -6.042  1.00 33.89 ? 96  HIS A HD2  1 
ATOM   560  H HE1  . HIS A 1 34 ? 7.525   9.271   -7.830  1.00 33.12 ? 96  HIS A HE1  1 
ATOM   561  N N    . GLY A 1 35 ? 5.468   11.092  -0.939  1.00 24.88 ? 97  GLY A N    1 
ATOM   562  C CA   . GLY A 1 35 ? 4.927   11.867  0.186   1.00 26.05 ? 97  GLY A CA   1 
ATOM   563  C C    . GLY A 1 35 ? 3.816   11.128  0.897   1.00 24.97 ? 97  GLY A C    1 
ATOM   564  O O    . GLY A 1 35 ? 4.052   9.980   1.239   1.00 27.42 ? 97  GLY A O    1 
ATOM   565  H H    . GLY A 1 35 ? 6.171   10.643  -0.729  1.00 29.89 ? 97  GLY A H    1 
ATOM   566  H HA2  . GLY A 1 35 ? 5.634   12.052  0.824   1.00 31.29 ? 97  GLY A HA2  1 
ATOM   567  H HA3  . GLY A 1 35 ? 4.577   12.711  -0.140  1.00 31.29 ? 97  GLY A HA3  1 
ATOM   568  N N    A GLU A 1 36 ? 2.627   11.689  0.989   0.49 23.49 ? 98  GLU A N    1 
ATOM   569  N N    B GLU A 1 36 ? 2.619   11.708  0.968   0.51 23.34 ? 98  GLU A N    1 
ATOM   570  C CA   A GLU A 1 36 ? 1.529   11.017  1.722   0.49 22.07 ? 98  GLU A CA   1 
ATOM   571  C CA   B GLU A 1 36 ? 1.475   11.092  1.682   0.51 21.52 ? 98  GLU A CA   1 
ATOM   572  C C    A GLU A 1 36 ? 1.024   9.784   0.961   0.49 19.51 ? 98  GLU A C    1 
ATOM   573  C C    B GLU A 1 36 ? 1.007   9.821   0.958   0.51 19.23 ? 98  GLU A C    1 
ATOM   574  O O    A GLU A 1 36 ? 0.241   9.066   1.559   0.49 22.09 ? 98  GLU A O    1 
ATOM   575  O O    B GLU A 1 36 ? 0.238   9.097   1.569   0.51 22.06 ? 98  GLU A O    1 
ATOM   576  C CB   A GLU A 1 36 ? 0.369   11.977  1.974   0.49 23.79 ? 98  GLU A CB   1 
ATOM   577  C CB   B GLU A 1 36 ? 0.318   12.089  1.779   0.51 22.69 ? 98  GLU A CB   1 
ATOM   578  C CG   A GLU A 1 36 ? -0.802  11.301  2.663   0.49 25.08 ? 98  GLU A CG   1 
ATOM   579  C CG   B GLU A 1 36 ? 0.504   13.163  2.839   0.51 23.23 ? 98  GLU A CG   1 
ATOM   580  C CD   A GLU A 1 36 ? -0.468  10.478  3.900   0.49 25.85 ? 98  GLU A CD   1 
ATOM   581  C CD   B GLU A 1 36 ? -0.503  14.303  2.780   0.51 23.61 ? 98  GLU A CD   1 
ATOM   582  O OE1  A GLU A 1 36 ? -1.061  9.381   4.076   0.49 25.10 ? 98  GLU A OE1  1 
ATOM   583  O OE1  B GLU A 1 36 ? -1.711  14.027  2.615   0.51 24.10 ? 98  GLU A OE1  1 
ATOM   584  O OE2  A GLU A 1 36 ? 0.372   10.938  4.688   0.49 28.06 ? 98  GLU A OE2  1 
ATOM   585  O OE2  B GLU A 1 36 ? -0.079  15.466  2.896   0.51 24.30 ? 98  GLU A OE2  1 
ATOM   586  H H    A GLU A 1 36 ? 2.415   12.448  0.647   0.49 28.21 ? 98  GLU A H    1 
ATOM   587  H H    B GLU A 1 36 ? 2.433   12.469  0.610   0.51 28.04 ? 98  GLU A H    1 
ATOM   588  H HA   A GLU A 1 36 ? 1.865   10.720  2.582   0.49 26.51 ? 98  GLU A HA   1 
ATOM   589  H HA   B GLU A 1 36 ? 1.748   10.850  2.580   0.51 25.85 ? 98  GLU A HA   1 
ATOM   590  H HB2  A GLU A 1 36 ? 0.674   12.702  2.542   0.49 28.57 ? 98  GLU A HB2  1 
ATOM   591  H HB2  B GLU A 1 36 ? 0.218   12.534  0.923   0.51 27.26 ? 98  GLU A HB2  1 
ATOM   592  H HB3  A GLU A 1 36 ? 0.058   12.327  1.125   0.49 28.57 ? 98  GLU A HB3  1 
ATOM   593  H HB3  B GLU A 1 36 ? -0.494  11.603  1.992   0.51 27.26 ? 98  GLU A HB3  1 
ATOM   594  H HG2  A GLU A 1 36 ? -1.416  11.996  2.949   0.49 30.12 ? 98  GLU A HG2  1 
ATOM   595  H HG2  B GLU A 1 36 ? 0.428   12.751  3.714   0.51 27.91 ? 98  GLU A HG2  1 
ATOM   596  H HG3  A GLU A 1 36 ? -1.257  10.725  2.029   0.49 30.12 ? 98  GLU A HG3  1 
ATOM   597  H HG3  B GLU A 1 36 ? 1.388   13.549  2.736   0.51 27.91 ? 98  GLU A HG3  1 
ATOM   598  N N    . TRP A 1 37 ? 1.055   9.845   -0.370  1.00 14.94 ? 99  TRP A N    1 
ATOM   599  C CA   . TRP A 1 37 ? 0.566   8.699   -1.168  1.00 16.37 ? 99  TRP A CA   1 
ATOM   600  C C    . TRP A 1 37 ? 1.735   7.944   -1.790  1.00 14.98 ? 99  TRP A C    1 
ATOM   601  O O    . TRP A 1 37 ? 2.671   8.581   -2.257  1.00 18.58 ? 99  TRP A O    1 
ATOM   602  C CB   . TRP A 1 37 ? -0.438  9.164   -2.224  1.00 16.89 ? 99  TRP A CB   1 
ATOM   603  C CG   . TRP A 1 37 ? -1.695  9.685   -1.602  1.00 16.48 ? 99  TRP A CG   1 
ATOM   604  C CD1  . TRP A 1 37 ? -1.857  10.872  -0.957  1.00 18.23 ? 99  TRP A CD1  1 
ATOM   605  C CD2  . TRP A 1 37 ? -2.960  9.018   -1.524  1.00 16.01 ? 99  TRP A CD2  1 
ATOM   606  N NE1  . TRP A 1 37 ? -3.131  10.983  -0.487  1.00 17.97 ? 99  TRP A NE1  1 
ATOM   607  C CE2  . TRP A 1 37 ? -3.838  9.875   -0.836  1.00 17.57 ? 99  TRP A CE2  1 
ATOM   608  C CE3  . TRP A 1 37 ? -3.445  7.799   -1.992  1.00 18.43 ? 99  TRP A CE3  1 
ATOM   609  C CZ2  . TRP A 1 37 ? -5.161  9.537   -0.580  1.00 18.63 ? 99  TRP A CZ2  1 
ATOM   610  C CZ3  . TRP A 1 37 ? -4.759  7.473   -1.757  1.00 19.17 ? 99  TRP A CZ3  1 
ATOM   611  C CH2  . TRP A 1 37 ? -5.605  8.332   -1.058  1.00 19.50 ? 99  TRP A CH2  1 
ATOM   612  H H    . TRP A 1 37 ? 1.352   10.507  -0.831  1.00 17.95 ? 99  TRP A H    1 
ATOM   613  H HA   . TRP A 1 37 ? 0.103   8.080   -0.583  1.00 19.67 ? 99  TRP A HA   1 
ATOM   614  H HB2  . TRP A 1 37 ? -0.043  9.878   -2.748  1.00 20.30 ? 99  TRP A HB2  1 
ATOM   615  H HB3  . TRP A 1 37 ? -0.669  8.416   -2.798  1.00 20.30 ? 99  TRP A HB3  1 
ATOM   616  H HD1  . TRP A 1 37 ? -1.188  11.505  -0.832  1.00 21.91 ? 99  TRP A HD1  1 
ATOM   617  H HE1  . TRP A 1 37 ? -3.445  11.659  -0.056  1.00 21.59 ? 99  TRP A HE1  1 
ATOM   618  H HE3  . TRP A 1 37 ? -2.889  7.217   -2.459  1.00 22.15 ? 99  TRP A HE3  1 
ATOM   619  H HZ2  . TRP A 1 37 ? -5.728  10.117  -0.124  1.00 22.39 ? 99  TRP A HZ2  1 
ATOM   620  H HZ3  . TRP A 1 37 ? -5.086  6.658   -2.060  1.00 23.03 ? 99  TRP A HZ3  1 
ATOM   621  H HH2  . TRP A 1 37 ? -6.488  8.081   -0.911  1.00 23.43 ? 99  TRP A HH2  1 
ATOM   622  N N    . TRP A 1 38 ? 1.699   6.625   -1.736  1.00 13.49 ? 100 TRP A N    1 
ATOM   623  C CA   . TRP A 1 38 ? 2.749   5.772   -2.321  1.00 12.89 ? 100 TRP A CA   1 
ATOM   624  C C    . TRP A 1 38 ? 2.178   4.946   -3.467  1.00 11.60 ? 100 TRP A C    1 
ATOM   625  O O    . TRP A 1 38 ? 1.020   4.553   -3.386  1.00 13.26 ? 100 TRP A O    1 
ATOM   626  C CB   . TRP A 1 38 ? 3.312   4.827   -1.262  1.00 12.95 ? 100 TRP A CB   1 
ATOM   627  C CG   . TRP A 1 38 ? 4.016   5.505   -0.134  1.00 14.13 ? 100 TRP A CG   1 
ATOM   628  C CD1  . TRP A 1 38 ? 4.377   6.814   -0.028  1.00 15.34 ? 100 TRP A CD1  1 
ATOM   629  C CD2  . TRP A 1 38 ? 4.478   4.859   1.056   1.00 15.98 ? 100 TRP A CD2  1 
ATOM   630  N NE1  . TRP A 1 38 ? 5.034   7.021   1.149   1.00 16.70 ? 100 TRP A NE1  1 
ATOM   631  C CE2  . TRP A 1 38 ? 5.103   5.845   1.835   1.00 16.96 ? 100 TRP A CE2  1 
ATOM   632  C CE3  . TRP A 1 38 ? 4.397   3.556   1.548   1.00 16.87 ? 100 TRP A CE3  1 
ATOM   633  C CZ2  . TRP A 1 38 ? 5.670   5.563   3.069   1.00 19.25 ? 100 TRP A CZ2  1 
ATOM   634  C CZ3  . TRP A 1 38 ? 4.959   3.279   2.772   1.00 19.21 ? 100 TRP A CZ3  1 
ATOM   635  C CH2  . TRP A 1 38 ? 5.571   4.276   3.524   1.00 19.58 ? 100 TRP A CH2  1 
ATOM   636  H H    . TRP A 1 38 ? 1.067   6.179   -1.361  1.00 16.22 ? 100 TRP A H    1 
ATOM   637  H HA   . TRP A 1 38 ? 3.471   6.322   -2.664  1.00 15.50 ? 100 TRP A HA   1 
ATOM   638  H HB2  . TRP A 1 38 ? 2.581   4.314   -0.886  1.00 15.57 ? 100 TRP A HB2  1 
ATOM   639  H HB3  . TRP A 1 38 ? 3.946   4.228   -1.687  1.00 15.57 ? 100 TRP A HB3  1 
ATOM   640  H HD1  . TRP A 1 38 ? 4.221   7.465   -0.674  1.00 18.44 ? 100 TRP A HD1  1 
ATOM   641  H HE1  . TRP A 1 38 ? 5.350   7.774   1.417   1.00 20.07 ? 100 TRP A HE1  1 
ATOM   642  H HE3  . TRP A 1 38 ? 3.992   2.885   1.048   1.00 20.28 ? 100 TRP A HE3  1 
ATOM   643  H HZ2  . TRP A 1 38 ? 6.072   6.227   3.580   1.00 23.13 ? 100 TRP A HZ2  1 
ATOM   644  H HZ3  . TRP A 1 38 ? 4.920   2.412   3.107   1.00 23.08 ? 100 TRP A HZ3  1 
ATOM   645  H HH2  . TRP A 1 38 ? 5.941   4.058   4.349   1.00 23.52 ? 100 TRP A HH2  1 
ATOM   646  N N    . LYS A 1 39 ? 2.971   4.678   -4.487  1.00 11.53 ? 101 LYS A N    1 
ATOM   647  C CA   . LYS A 1 39 ? 2.525   3.740   -5.535  1.00 11.71 ? 101 LYS A CA   1 
ATOM   648  C C    . LYS A 1 39 ? 2.866   2.337   -5.013  1.00 10.83 ? 101 LYS A C    1 
ATOM   649  O O    . LYS A 1 39 ? 3.988   2.148   -4.546  1.00 12.26 ? 101 LYS A O    1 
ATOM   650  C CB   . LYS A 1 39 ? 3.169   3.998   -6.891  1.00 12.19 ? 101 LYS A CB   1 
ATOM   651  C CG   . LYS A 1 39 ? 2.538   3.195   -8.012  1.00 14.59 ? 101 LYS A CG   1 
ATOM   652  C CD   . LYS A 1 39 ? 3.215   3.397   -9.337  1.00 14.43 ? 101 LYS A CD   1 
ATOM   653  C CE   . LYS A 1 39 ? 2.545   2.622   -10.439 1.00 15.64 ? 101 LYS A CE   1 
ATOM   654  N NZ   . LYS A 1 39 ? 3.144   2.942   -11.755 1.00 17.64 ? 101 LYS A NZ   1 
ATOM   655  H H    . LYS A 1 39 ? 3.755   5.010   -4.606  1.00 13.86 ? 101 LYS A H    1 
ATOM   656  H HA   . LYS A 1 39 ? 1.563   3.803   -5.639  1.00 14.08 ? 101 LYS A HA   1 
ATOM   657  H HB2  . LYS A 1 39 ? 3.077   4.938   -7.109  1.00 14.66 ? 101 LYS A HB2  1 
ATOM   658  H HB3  . LYS A 1 39 ? 4.109   3.759   -6.844  1.00 14.66 ? 101 LYS A HB3  1 
ATOM   659  H HG2  . LYS A 1 39 ? 2.589   2.251   -7.791  1.00 17.54 ? 101 LYS A HG2  1 
ATOM   660  H HG3  . LYS A 1 39 ? 1.611   3.462   -8.107  1.00 17.54 ? 101 LYS A HG3  1 
ATOM   661  H HD2  . LYS A 1 39 ? 3.186   4.338   -9.569  1.00 17.34 ? 101 LYS A HD2  1 
ATOM   662  H HD3  . LYS A 1 39 ? 4.135   3.096   -9.273  1.00 17.34 ? 101 LYS A HD3  1 
ATOM   663  H HE2  . LYS A 1 39 ? 2.654   1.672   -10.277 1.00 18.80 ? 101 LYS A HE2  1 
ATOM   664  H HE3  . LYS A 1 39 ? 1.603   2.854   -10.468 1.00 18.80 ? 101 LYS A HE3  1 
ATOM   665  H HZ1  . LYS A 1 39 ? 3.053   3.810   -11.926 1.00 21.20 ? 101 LYS A HZ1  1 
ATOM   666  H HZ2  . LYS A 1 39 ? 4.009   2.736   -11.753 1.00 21.20 ? 101 LYS A HZ2  1 
ATOM   667  H HZ3  . LYS A 1 39 ? 2.737   2.477   -12.395 1.00 21.20 ? 101 LYS A HZ3  1 
ATOM   668  N N    . ALA A 1 40 ? 1.926   1.412   -5.070  1.00 11.34 ? 102 ALA A N    1 
ATOM   669  C CA   . ALA A 1 40 ? 2.132   0.056   -4.525  1.00 11.61 ? 102 ALA A CA   1 
ATOM   670  C C    . ALA A 1 40 ? 1.481   -0.992  -5.413  1.00 10.61 ? 102 ALA A C    1 
ATOM   671  O O    . ALA A 1 40 ? 0.730   -0.663  -6.315  1.00 11.55 ? 102 ALA A O    1 
ATOM   672  C CB   . ALA A 1 40 ? 1.565   0.009   -3.122  1.00 12.11 ? 102 ALA A CB   1 
ATOM   673  H H    . ALA A 1 40 ? 1.150   1.533   -5.420  1.00 13.64 ? 102 ALA A H    1 
ATOM   674  H HA   . ALA A 1 40 ? 3.082   -0.132  -4.477  1.00 13.96 ? 102 ALA A HA   1 
ATOM   675  H HB1  . ALA A 1 40 ? 1.698   -0.881  -2.758  1.00 14.56 ? 102 ALA A HB1  1 
ATOM   676  H HB2  . ALA A 1 40 ? 2.026   0.663   -2.574  1.00 14.56 ? 102 ALA A HB2  1 
ATOM   677  H HB3  . ALA A 1 40 ? 0.618   0.214   -3.157  1.00 14.56 ? 102 ALA A HB3  1 
ATOM   678  N N    . LYS A 1 41 ? 1.802   -2.241  -5.120  1.00 10.87 ? 103 LYS A N    1 
ATOM   679  C CA   . LYS A 1 41 ? 1.227   -3.398  -5.819  1.00 10.72 ? 103 LYS A CA   1 
ATOM   680  C C    . LYS A 1 41 ? 0.621   -4.328  -4.768  1.00 9.90  ? 103 LYS A C    1 
ATOM   681  O O    . LYS A 1 41 ? 1.328   -4.665  -3.816  1.00 10.92 ? 103 LYS A O    1 
ATOM   682  C CB   . LYS A 1 41 ? 2.291   -4.169  -6.598  1.00 12.41 ? 103 LYS A CB   1 
ATOM   683  C CG   . LYS A 1 41 ? 1.758   -5.354  -7.399  1.00 14.69 ? 103 LYS A CG   1 
ATOM   684  C CD   . LYS A 1 41 ? 2.861   -5.995  -8.206  1.00 19.71 ? 103 LYS A CD   1 
ATOM   685  C CE   . LYS A 1 41 ? 2.543   -7.347  -8.783  1.00 25.50 ? 103 LYS A CE   1 
ATOM   686  N NZ   . LYS A 1 41 ? 3.749   -7.933  -9.414  1.00 28.12 ? 103 LYS A NZ   1 
ATOM   687  H H    . LYS A 1 41 ? 2.364   -2.458  -4.506  1.00 13.07 ? 103 LYS A H    1 
ATOM   688  H HA   . LYS A 1 41 ? 0.531   -3.110  -6.430  1.00 12.90 ? 103 LYS A HA   1 
ATOM   689  H HB2  . LYS A 1 41 ? 2.719   -3.561  -7.221  1.00 14.93 ? 103 LYS A HB2  1 
ATOM   690  H HB3  . LYS A 1 41 ? 2.947   -4.510  -5.971  1.00 14.93 ? 103 LYS A HB3  1 
ATOM   691  H HG2  . LYS A 1 41 ? 1.398   -6.019  -6.792  1.00 17.65 ? 103 LYS A HG2  1 
ATOM   692  H HG3  . LYS A 1 41 ? 1.070   -5.046  -8.010  1.00 17.65 ? 103 LYS A HG3  1 
ATOM   693  H HD2  . LYS A 1 41 ? 3.081   -5.408  -8.946  1.00 23.68 ? 103 LYS A HD2  1 
ATOM   694  H HD3  . LYS A 1 41 ? 3.638   -6.099  -7.634  1.00 23.68 ? 103 LYS A HD3  1 
ATOM   695  H HE2  . LYS A 1 41 ? 2.246   -7.940  -8.075  1.00 30.63 ? 103 LYS A HE2  1 
ATOM   696  H HE3  . LYS A 1 41 ? 1.855   -7.255  -9.461  1.00 30.63 ? 103 LYS A HE3  1 
ATOM   697  H HZ1  . LYS A 1 41 ? 4.395   -8.025  -8.808  1.00 33.78 ? 103 LYS A HZ1  1 
ATOM   698  H HZ2  . LYS A 1 41 ? 4.039   -7.403  -10.067 1.00 33.78 ? 103 LYS A HZ2  1 
ATOM   699  H HZ3  . LYS A 1 41 ? 3.556   -8.732  -9.754  1.00 33.78 ? 103 LYS A HZ3  1 
ATOM   700  N N    . SER A 1 42 ? -0.634  -4.692  -4.923  1.00 9.61  ? 104 SER A N    1 
ATOM   701  C CA   . SER A 1 42 ? -1.245  -5.701  -4.037  1.00 10.32 ? 104 SER A CA   1 
ATOM   702  C C    . SER A 1 42 ? -0.563  -7.033  -4.365  1.00 10.30 ? 104 SER A C    1 
ATOM   703  O O    . SER A 1 42 ? -0.611  -7.447  -5.515  1.00 11.96 ? 104 SER A O    1 
ATOM   704  C CB   . SER A 1 42 ? -2.715  -5.802  -4.240  1.00 10.25 ? 104 SER A CB   1 
ATOM   705  O OG   . SER A 1 42 ? -3.186  -6.982  -3.594  1.00 11.46 ? 104 SER A OG   1 
ATOM   706  H H    . SER A 1 42 ? -1.164  -4.380  -5.525  1.00 11.56 ? 104 SER A H    1 
ATOM   707  H HA   . SER A 1 42 ? -1.069  -5.480  -3.109  1.00 12.41 ? 104 SER A HA   1 
ATOM   708  H HB2  . SER A 1 42 ? -3.148  -5.026  -3.851  1.00 12.32 ? 104 SER A HB2  1 
ATOM   709  H HB3  . SER A 1 42 ? -2.905  -5.856  -5.190  1.00 12.32 ? 104 SER A HB3  1 
ATOM   710  H HG   . SER A 1 42 ? -4.017  -7.054  -3.699  1.00 13.78 ? 104 SER A HG   1 
ATOM   711  N N    . LEU A 1 43 ? -0.017  -7.739  -3.379  1.00 10.62 ? 105 LEU A N    1 
ATOM   712  C CA   . LEU A 1 43 ? 0.594   -9.067  -3.643  1.00 12.46 ? 105 LEU A CA   1 
ATOM   713  C C    . LEU A 1 43 ? -0.517  -10.094 -3.865  1.00 13.75 ? 105 LEU A C    1 
ATOM   714  O O    . LEU A 1 43 ? -0.235  -11.124 -4.450  1.00 18.21 ? 105 LEU A O    1 
ATOM   715  C CB   . LEU A 1 43 ? 1.516   -9.456  -2.490  1.00 14.32 ? 105 LEU A CB   1 
ATOM   716  C CG   . LEU A 1 43 ? 2.706   -8.517  -2.319  1.00 16.59 ? 105 LEU A CG   1 
ATOM   717  C CD1  . LEU A 1 43 ? 3.614   -8.984  -1.195  1.00 19.41 ? 105 LEU A CD1  1 
ATOM   718  C CD2  . LEU A 1 43 ? 3.481   -8.395  -3.618  1.00 18.05 ? 105 LEU A CD2  1 
ATOM   719  H H    . LEU A 1 43 ? 0.018   -7.487  -2.558  1.00 12.77 ? 105 LEU A H    1 
ATOM   720  H HA   . LEU A 1 43 ? 1.115   -9.021  -4.459  1.00 14.99 ? 105 LEU A HA   1 
ATOM   721  H HB2  . LEU A 1 43 ? 1.007   -9.445  -1.664  1.00 17.22 ? 105 LEU A HB2  1 
ATOM   722  H HB3  . LEU A 1 43 ? 1.862   -10.348 -2.652  1.00 17.22 ? 105 LEU A HB3  1 
ATOM   723  H HG   . LEU A 1 43 ? 2.377   -7.635  -2.086  1.00 19.94 ? 105 LEU A HG   1 
ATOM   724  H HD11 . LEU A 1 43 ? 4.360   -8.370  -1.118  1.00 23.32 ? 105 LEU A HD11 1 
ATOM   725  H HD12 . LEU A 1 43 ? 3.110   -8.998  -0.366  1.00 23.32 ? 105 LEU A HD12 1 
ATOM   726  H HD13 . LEU A 1 43 ? 3.938   -9.875  -1.400  1.00 23.32 ? 105 LEU A HD13 1 
ATOM   727  H HD21 . LEU A 1 43 ? 4.359   -8.026  -3.429  1.00 21.69 ? 105 LEU A HD21 1 
ATOM   728  H HD22 . LEU A 1 43 ? 3.571   -9.275  -4.016  1.00 21.69 ? 105 LEU A HD22 1 
ATOM   729  H HD23 . LEU A 1 43 ? 3.000   -7.807  -4.221  1.00 21.69 ? 105 LEU A HD23 1 
ATOM   730  N N    . LEU A 1 44 ? -1.735  -9.803  -3.433  1.00 13.15 ? 106 LEU A N    1 
ATOM   731  C CA   . LEU A 1 44 ? -2.892  -10.710 -3.628  1.00 14.25 ? 106 LEU A CA   1 
ATOM   732  C C    . LEU A 1 44 ? -3.451  -10.562 -5.048  1.00 14.73 ? 106 LEU A C    1 
ATOM   733  O O    . LEU A 1 44 ? -3.582  -11.559 -5.741  1.00 17.60 ? 106 LEU A O    1 
ATOM   734  C CB   . LEU A 1 44 ? -3.956  -10.354 -2.590  1.00 14.65 ? 106 LEU A CB   1 
ATOM   735  C CG   . LEU A 1 44 ? -5.328  -10.992 -2.797  1.00 16.47 ? 106 LEU A CG   1 
ATOM   736  C CD1  . LEU A 1 44 ? -5.232  -12.509 -2.756  1.00 17.99 ? 106 LEU A CD1  1 
ATOM   737  C CD2  . LEU A 1 44 ? -6.297  -10.479 -1.760  1.00 18.09 ? 106 LEU A CD2  1 
ATOM   738  H H    . LEU A 1 44 ? -1.937  -9.079  -3.016  1.00 15.81 ? 106 LEU A H    1 
ATOM   739  H HA   . LEU A 1 44 ? -2.617  -11.631 -3.493  1.00 17.13 ? 106 LEU A HA   1 
ATOM   740  H HB2  . LEU A 1 44 ? -3.636  -10.630 -1.717  1.00 17.61 ? 106 LEU A HB2  1 
ATOM   741  H HB3  . LEU A 1 44 ? -4.080  -9.392  -2.598  1.00 17.61 ? 106 LEU A HB3  1 
ATOM   742  H HG   . LEU A 1 44 ? -5.672  -10.738 -3.667  1.00 19.79 ? 106 LEU A HG   1 
ATOM   743  H HD11 . LEU A 1 44 ? -6.125  -12.882 -2.812  1.00 21.62 ? 106 LEU A HD11 1 
ATOM   744  H HD12 . LEU A 1 44 ? -4.699  -12.813 -3.507  1.00 21.62 ? 106 LEU A HD12 1 
ATOM   745  H HD13 . LEU A 1 44 ? -4.814  -12.776 -1.923  1.00 21.62 ? 106 LEU A HD13 1 
ATOM   746  H HD21 . LEU A 1 44 ? -7.184  -10.812 -1.965  1.00 21.73 ? 106 LEU A HD21 1 
ATOM   747  H HD22 . LEU A 1 44 ? -6.019  -10.793 -0.885  1.00 21.73 ? 106 LEU A HD22 1 
ATOM   748  H HD23 . LEU A 1 44 ? -6.296  -9.509  -1.780  1.00 21.73 ? 106 LEU A HD23 1 
ATOM   749  N N    . THR A 1 45 ? -3.753  -9.343  -5.477  1.00 13.93 ? 107 THR A N    1 
ATOM   750  C CA   . THR A 1 45 ? -4.418  -9.103  -6.783  1.00 14.20 ? 107 THR A CA   1 
ATOM   751  C C    . THR A 1 45 ? -3.439  -8.787  -7.912  1.00 15.19 ? 107 THR A C    1 
ATOM   752  O O    . THR A 1 45 ? -3.871  -8.939  -9.051  1.00 16.82 ? 107 THR A O    1 
ATOM   753  C CB   . THR A 1 45 ? -5.420  -7.948  -6.688  1.00 14.84 ? 107 THR A CB   1 
ATOM   754  O OG1  . THR A 1 45 ? -4.662  -6.747  -6.622  1.00 14.54 ? 107 THR A OG1  1 
ATOM   755  C CG2  . THR A 1 45 ? -6.333  -8.044  -5.488  1.00 15.02 ? 107 THR A CG2  1 
ATOM   756  H H    . THR A 1 45 ? -3.587  -8.624  -5.037  1.00 16.75 ? 107 THR A H    1 
ATOM   757  H HA   . THR A 1 45 ? -4.910  -9.901  -7.033  1.00 17.06 ? 107 THR A HA   1 
ATOM   758  H HB   . THR A 1 45 ? -5.970  -7.935  -7.487  1.00 17.84 ? 107 THR A HB   1 
ATOM   759  H HG1  . THR A 1 45 ? -5.176  -6.085  -6.569  1.00 17.48 ? 107 THR A HG1  1 
ATOM   760  H HG21 . THR A 1 45 ? -6.986  -7.327  -5.510  1.00 18.05 ? 107 THR A HG21 1 
ATOM   761  H HG22 . THR A 1 45 ? -6.798  -8.895  -5.494  1.00 18.05 ? 107 THR A HG22 1 
ATOM   762  H HG23 . THR A 1 45 ? -5.816  -7.974  -4.671  1.00 18.05 ? 107 THR A HG23 1 
ATOM   763  N N    . LYS A 1 46 ? -2.213  -8.374  -7.583  1.00 14.19 ? 108 LYS A N    1 
ATOM   764  C CA   . LYS A 1 46 ? -1.149  -7.960  -8.535  1.00 14.10 ? 108 LYS A CA   1 
ATOM   765  C C    . LYS A 1 46 ? -1.547  -6.640  -9.209  1.00 14.41 ? 108 LYS A C    1 
ATOM   766  O O    . LYS A 1 46 ? -0.811  -6.178  -10.062 1.00 17.16 ? 108 LYS A O    1 
ATOM   767  C CB   . LYS A 1 46 ? -0.848  -9.061  -9.559  1.00 16.89 ? 108 LYS A CB   1 
ATOM   768  C CG   . LYS A 1 46 ? -0.601  -10.444 -8.969  1.00 20.38 ? 108 LYS A CG   1 
ATOM   769  C CD   . LYS A 1 46 ? 0.428   -10.486 -7.897  1.00 24.21 ? 108 LYS A CD   1 
ATOM   770  C CE   . LYS A 1 46 ? 0.630   -11.878 -7.333  1.00 26.75 ? 108 LYS A CE   1 
ATOM   771  N NZ   . LYS A 1 46 ? 1.648   -11.874 -6.260  1.00 27.96 ? 108 LYS A NZ   1 
ATOM   772  H H    . LYS A 1 46 ? -1.951  -8.318  -6.766  1.00 17.05 ? 108 LYS A H    1 
ATOM   773  H HA   . LYS A 1 46 ? -0.334  -7.797  -8.035  1.00 16.95 ? 108 LYS A HA   1 
ATOM   774  H HB2  . LYS A 1 46 ? -1.602  -9.132  -10.165 1.00 20.29 ? 108 LYS A HB2  1 
ATOM   775  H HB3  . LYS A 1 46 ? -0.054  -8.809  -10.057 1.00 20.29 ? 108 LYS A HB3  1 
ATOM   776  H HG2  . LYS A 1 46 ? -1.431  -10.773 -8.593  1.00 24.48 ? 108 LYS A HG2  1 
ATOM   777  H HG3  . LYS A 1 46 ? -0.308  -11.035 -9.680  1.00 24.48 ? 108 LYS A HG3  1 
ATOM   778  H HD2  . LYS A 1 46 ? 1.275   -10.182 -8.259  1.00 29.08 ? 108 LYS A HD2  1 
ATOM   779  H HD3  . LYS A 1 46 ? 0.152   -9.908  -7.168  1.00 29.08 ? 108 LYS A HD3  1 
ATOM   780  H HE2  . LYS A 1 46 ? -0.206  -12.198 -6.959  1.00 32.13 ? 108 LYS A HE2  1 
ATOM   781  H HE3  . LYS A 1 46 ? 0.933   -12.470 -8.038  1.00 32.13 ? 108 LYS A HE3  1 
ATOM   782  H HZ1  . LYS A 1 46 ? 2.427   -11.584 -6.580  1.00 33.59 ? 108 LYS A HZ1  1 
ATOM   783  H HZ2  . LYS A 1 46 ? 1.390   -11.337 -5.598  1.00 33.59 ? 108 LYS A HZ2  1 
ATOM   784  H HZ3  . LYS A 1 46 ? 1.755   -12.697 -5.939  1.00 33.59 ? 108 LYS A HZ3  1 
ATOM   785  N N    A LYS A 1 47 ? -2.589  -5.983  -8.707  0.46 14.45 ? 109 LYS A N    1 
ATOM   786  N N    B LYS A 1 47 ? -2.597  -5.991  -8.722  0.54 13.23 ? 109 LYS A N    1 
ATOM   787  C CA   A LYS A 1 47 ? -2.965  -4.664  -9.273  0.46 15.24 ? 109 LYS A CA   1 
ATOM   788  C CA   B LYS A 1 47 ? -2.968  -4.664  -9.277  0.54 14.21 ? 109 LYS A CA   1 
ATOM   789  C C    A LYS A 1 47 ? -2.108  -3.579  -8.618  0.46 13.64 ? 109 LYS A C    1 
ATOM   790  C C    B LYS A 1 47 ? -2.097  -3.586  -8.626  0.54 12.89 ? 109 LYS A C    1 
ATOM   791  O O    A LYS A 1 47 ? -1.673  -3.759  -7.479  0.46 12.97 ? 109 LYS A O    1 
ATOM   792  O O    B LYS A 1 47 ? -1.676  -3.759  -7.483  0.54 12.44 ? 109 LYS A O    1 
ATOM   793  C CB   A LYS A 1 47 ? -4.459  -4.407  -9.071  0.46 16.87 ? 109 LYS A CB   1 
ATOM   794  C CB   B LYS A 1 47 ? -4.447  -4.368  -9.022  0.54 15.41 ? 109 LYS A CB   1 
ATOM   795  C CG   A LYS A 1 47 ? -5.349  -5.511  -9.623  0.46 18.68 ? 109 LYS A CG   1 
ATOM   796  C CG   B LYS A 1 47 ? -4.945  -3.035  -9.567  0.54 16.91 ? 109 LYS A CG   1 
ATOM   797  C CD   A LYS A 1 47 ? -6.713  -5.072  -10.079 0.46 20.77 ? 109 LYS A CD   1 
ATOM   798  C CD   B LYS A 1 47 ? -6.421  -2.819  -9.375  0.54 18.51 ? 109 LYS A CD   1 
ATOM   799  C CE   A LYS A 1 47 ? -7.416  -6.143  -10.891 0.46 21.73 ? 109 LYS A CE   1 
ATOM   800  C CE   B LYS A 1 47 ? -6.822  -1.362  -9.469  0.54 19.76 ? 109 LYS A CE   1 
ATOM   801  N NZ   A LYS A 1 47 ? -7.639  -5.711  -12.290 0.46 22.82 ? 109 LYS A NZ   1 
ATOM   802  N NZ   B LYS A 1 47 ? -8.278  -1.204  -9.259  0.54 21.56 ? 109 LYS A NZ   1 
ATOM   803  H H    A LYS A 1 47 ? -3.087  -6.252  -8.061  0.46 17.37 ? 109 LYS A H    1 
ATOM   804  H H    B LYS A 1 47 ? -3.108  -6.269  -8.090  0.54 15.90 ? 109 LYS A H    1 
ATOM   805  H HA   A LYS A 1 47 ? -2.784  -4.661  -10.226 0.46 18.32 ? 109 LYS A HA   1 
ATOM   806  H HA   B LYS A 1 47 ? -2.810  -4.655  -10.234 0.54 17.08 ? 109 LYS A HA   1 
ATOM   807  H HB2  A LYS A 1 47 ? -4.638  -4.329  -8.121  0.46 20.27 ? 109 LYS A HB2  1 
ATOM   808  H HB2  B LYS A 1 47 ? -4.976  -5.068  -9.435  0.54 18.52 ? 109 LYS A HB2  1 
ATOM   809  H HB3  A LYS A 1 47 ? -4.698  -3.581  -9.520  0.46 20.27 ? 109 LYS A HB3  1 
ATOM   810  H HB3  B LYS A 1 47 ? -4.600  -4.367  -8.065  0.54 18.52 ? 109 LYS A HB3  1 
ATOM   811  H HG2  A LYS A 1 47 ? -4.903  -5.912  -10.384 0.46 22.44 ? 109 LYS A HG2  1 
ATOM   812  H HG2  B LYS A 1 47 ? -4.479  -2.315  -9.113  0.54 20.32 ? 109 LYS A HG2  1 
ATOM   813  H HG3  A LYS A 1 47 ? -5.474  -6.179  -8.931  0.46 22.44 ? 109 LYS A HG3  1 
ATOM   814  H HG3  B LYS A 1 47 ? -4.760  -2.997  -10.519 0.54 20.32 ? 109 LYS A HG3  1 
ATOM   815  H HD2  A LYS A 1 47 ? -7.258  -4.874  -9.302  0.46 24.95 ? 109 LYS A HD2  1 
ATOM   816  H HD2  B LYS A 1 47 ? -6.903  -3.307  -10.061 0.54 22.24 ? 109 LYS A HD2  1 
ATOM   817  H HD3  A LYS A 1 47 ? -6.624  -4.282  -10.635 0.46 24.95 ? 109 LYS A HD3  1 
ATOM   818  H HD3  B LYS A 1 47 ? -6.676  -3.144  -8.497  0.54 22.24 ? 109 LYS A HD3  1 
ATOM   819  H HE2  A LYS A 1 47 ? -6.871  -6.945  -10.904 0.46 26.11 ? 109 LYS A HE2  1 
ATOM   820  H HE2  B LYS A 1 47 ? -6.356  -0.855  -8.785  0.54 23.73 ? 109 LYS A HE2  1 
ATOM   821  H HE3  A LYS A 1 47 ? -8.279  -6.331  -10.491 0.46 26.11 ? 109 LYS A HE3  1 
ATOM   822  H HE3  B LYS A 1 47 ? -6.601  -1.022  -10.351 0.54 23.73 ? 109 LYS A HE3  1 
ATOM   823  H HZ1  A LYS A 1 47 ? -8.052  -6.354  -12.744 0.46 27.42 ? 109 LYS A HZ1  1 
ATOM   824  H HZ1  B LYS A 1 47 ? -8.504  -1.509  -8.454  0.54 25.90 ? 109 LYS A HZ1  1 
ATOM   825  H HZ2  A LYS A 1 47 ? -8.144  -4.977  -12.304 0.46 27.42 ? 109 LYS A HZ2  1 
ATOM   826  H HZ2  B LYS A 1 47 ? -8.503  -0.344  -9.315  0.54 25.90 ? 109 LYS A HZ2  1 
ATOM   827  H HZ3  A LYS A 1 47 ? -6.860  -5.534  -12.681 0.46 27.42 ? 109 LYS A HZ3  1 
ATOM   828  H HZ3  B LYS A 1 47 ? -8.726  -1.661  -9.877  0.54 25.90 ? 109 LYS A HZ3  1 
ATOM   829  N N    . GLU A 1 48 ? -1.760  -2.557  -9.401  1.00 13.71 ? 110 GLU A N    1 
ATOM   830  C CA   . GLU A 1 48 ? -0.941  -1.429  -8.905  1.00 14.09 ? 110 GLU A CA   1 
ATOM   831  C C    . GLU A 1 48 ? -1.815  -0.185  -8.757  1.00 13.32 ? 110 GLU A C    1 
ATOM   832  O O    . GLU A 1 48 ? -2.780  -0.028  -9.486  1.00 14.91 ? 110 GLU A O    1 
ATOM   833  C CB   . GLU A 1 48 ? 0.191   -1.136  -9.885  1.00 15.66 ? 110 GLU A CB   1 
ATOM   834  C CG   . GLU A 1 48 ? 1.131   -2.303  -10.069 1.00 19.28 ? 110 GLU A CG   1 
ATOM   835  C CD   . GLU A 1 48 ? 2.454   -1.974  -10.736 1.00 22.88 ? 110 GLU A CD   1 
ATOM   836  O OE1  . GLU A 1 48 ? 2.618   -0.848  -11.190 1.00 22.94 ? 110 GLU A OE1  1 
ATOM   837  O OE2  . GLU A 1 48 ? 3.316   -2.854  -10.762 1.00 25.90 ? 110 GLU A OE2  1 
ATOM   838  H H    . GLU A 1 48 ? -1.987  -2.481  -10.227 1.00 16.48 ? 110 GLU A H    1 
ATOM   839  H HA   . GLU A 1 48 ? -0.560  -1.651  -8.042  1.00 16.93 ? 110 GLU A HA   1 
ATOM   840  H HB2  . GLU A 1 48 ? -0.190  -0.920  -10.751 1.00 18.82 ? 110 GLU A HB2  1 
ATOM   841  H HB3  . GLU A 1 48 ? 0.708   -0.385  -9.554  1.00 18.82 ? 110 GLU A HB3  1 
ATOM   842  H HG2  . GLU A 1 48 ? 1.330   -2.677  -9.197  1.00 23.17 ? 110 GLU A HG2  1 
ATOM   843  H HG3  . GLU A 1 48 ? 0.688   -2.971  -10.614 1.00 23.17 ? 110 GLU A HG3  1 
ATOM   844  N N    . GLY A 1 49 ? -1.437  0.700   -7.865  1.00 12.13 ? 111 GLY A N    1 
ATOM   845  C CA   . GLY A 1 49 ? -2.181  1.945   -7.669  1.00 11.81 ? 111 GLY A CA   1 
ATOM   846  C C    . GLY A 1 49 ? -1.614  2.705   -6.504  1.00 10.88 ? 111 GLY A C    1 
ATOM   847  O O    . GLY A 1 49 ? -0.696  2.210   -5.845  1.00 12.26 ? 111 GLY A O    1 
ATOM   848  H H    . GLY A 1 49 ? -0.752  0.614   -7.352  1.00 14.59 ? 111 GLY A H    1 
ATOM   849  H HA2  . GLY A 1 49 ? -2.119  2.496   -8.465  1.00 14.21 ? 111 GLY A HA2  1 
ATOM   850  H HA3  . GLY A 1 49 ? -3.115  1.749   -7.493  1.00 14.21 ? 111 GLY A HA3  1 
ATOM   851  N N    . PHE A 1 50 ? -2.149  3.885   -6.254  1.00 10.46 ? 112 PHE A N    1 
ATOM   852  C CA   . PHE A 1 50 ? -1.674  4.725   -5.147  1.00 10.72 ? 112 PHE A CA   1 
ATOM   853  C C    . PHE A 1 50 ? -2.421  4.347   -3.873  1.00 10.51 ? 112 PHE A C    1 
ATOM   854  O O    . PHE A 1 50 ? -3.600  4.004   -3.927  1.00 11.63 ? 112 PHE A O    1 
ATOM   855  C CB   . PHE A 1 50 ? -1.852  6.197   -5.493  1.00 12.48 ? 112 PHE A CB   1 
ATOM   856  C CG   . PHE A 1 50 ? -0.792  6.648   -6.455  1.00 13.47 ? 112 PHE A CG   1 
ATOM   857  C CD1  . PHE A 1 50 ? 0.345   7.285   -6.003  1.00 14.53 ? 112 PHE A CD1  1 
ATOM   858  C CD2  . PHE A 1 50 ? -0.907  6.365   -7.799  1.00 14.74 ? 112 PHE A CD2  1 
ATOM   859  C CE1  . PHE A 1 50 ? 1.326   7.673   -6.899  1.00 15.31 ? 112 PHE A CE1  1 
ATOM   860  C CE2  . PHE A 1 50 ? 0.078   6.755   -8.688  1.00 16.41 ? 112 PHE A CE2  1 
ATOM   861  C CZ   . PHE A 1 50 ? 1.191   7.404   -8.234  1.00 16.49 ? 112 PHE A CZ   1 
ATOM   862  H H    . PHE A 1 50 ? -2.792  4.233   -6.707  1.00 12.58 ? 112 PHE A H    1 
ATOM   863  H HA   . PHE A 1 50 ? -0.730  4.560   -5.007  1.00 12.90 ? 112 PHE A HA   1 
ATOM   864  H HB2  . PHE A 1 50 ? -2.719  6.328   -5.908  1.00 15.00 ? 112 PHE A HB2  1 
ATOM   865  H HB3  . PHE A 1 50 ? -1.780  6.728   -4.685  1.00 15.00 ? 112 PHE A HB3  1 
ATOM   866  H HD1  . PHE A 1 50 ? 0.442   7.473   -5.097  1.00 17.46 ? 112 PHE A HD1  1 
ATOM   867  H HD2  . PHE A 1 50 ? -1.664  5.925   -8.114  1.00 17.71 ? 112 PHE A HD2  1 
ATOM   868  H HE1  . PHE A 1 50 ? 2.084   8.115   -6.591  1.00 18.40 ? 112 PHE A HE1  1 
ATOM   869  H HE2  . PHE A 1 50 ? -0.015  6.572   -9.595  1.00 19.72 ? 112 PHE A HE2  1 
ATOM   870  H HZ   . PHE A 1 50 ? 1.853   7.667   -8.831  1.00 19.81 ? 112 PHE A HZ   1 
ATOM   871  N N    . ILE A 1 51 ? -1.725  4.431   -2.757  1.00 10.75 ? 113 ILE A N    1 
ATOM   872  C CA   . ILE A 1 51 ? -2.293  4.107   -1.426  1.00 11.09 ? 113 ILE A CA   1 
ATOM   873  C C    . ILE A 1 51 ? -1.917  5.215   -0.441  1.00 11.27 ? 113 ILE A C    1 
ATOM   874  O O    . ILE A 1 51 ? -0.842  5.783   -0.575  1.00 12.11 ? 113 ILE A O    1 
ATOM   875  C CB   . ILE A 1 51 ? -1.792  2.738   -0.935  1.00 11.90 ? 113 ILE A CB   1 
ATOM   876  C CG1  . ILE A 1 51 ? -0.274  2.729   -0.736  1.00 12.28 ? 113 ILE A CG1  1 
ATOM   877  C CG2  . ILE A 1 51 ? -2.248  1.627   -1.871  1.00 12.06 ? 113 ILE A CG2  1 
ATOM   878  C CD1  . ILE A 1 51 ? 0.222   1.544   0.050   1.00 14.06 ? 113 ILE A CD1  1 
ATOM   879  H H    . ILE A 1 51 ? -0.902  4.676   -2.725  1.00 12.92 ? 113 ILE A H    1 
ATOM   880  H HA   . ILE A 1 51 ? -3.258  4.063   -1.510  1.00 13.34 ? 113 ILE A HA   1 
ATOM   881  H HB   . ILE A 1 51 ? -2.198  2.573   -0.070  1.00 14.31 ? 113 ILE A HB   1 
ATOM   882  H HG12 . ILE A 1 51 ? 0.155   2.708   -1.606  1.00 14.76 ? 113 ILE A HG12 1 
ATOM   883  H HG13 . ILE A 1 51 ? -0.001  3.525   -0.256  1.00 14.76 ? 113 ILE A HG13 1 
ATOM   884  H HG21 . ILE A 1 51 ? -1.902  0.780   -1.551  1.00 14.51 ? 113 ILE A HG21 1 
ATOM   885  H HG22 . ILE A 1 51 ? -3.217  1.607   -1.877  1.00 14.51 ? 113 ILE A HG22 1 
ATOM   886  H HG23 . ILE A 1 51 ? -1.913  1.806   -2.764  1.00 14.51 ? 113 ILE A HG23 1 
ATOM   887  H HD11 . ILE A 1 51 ? 1.167   1.662   0.235   1.00 16.90 ? 113 ILE A HD11 1 
ATOM   888  H HD12 . ILE A 1 51 ? -0.273  1.489   0.882   1.00 16.90 ? 113 ILE A HD12 1 
ATOM   889  H HD13 . ILE A 1 51 ? 0.085   0.738   -0.471  1.00 16.90 ? 113 ILE A HD13 1 
ATOM   890  N N    . PRO A 1 52 ? -2.763  5.508   0.549   1.00 12.15 ? 114 PRO A N    1 
ATOM   891  C CA   . PRO A 1 52 ? -2.415  6.489   1.559   1.00 13.06 ? 114 PRO A CA   1 
ATOM   892  C C    . PRO A 1 52 ? -1.362  5.836   2.462   1.00 12.53 ? 114 PRO A C    1 
ATOM   893  O O    . PRO A 1 52 ? -1.664  4.871   3.093   1.00 13.49 ? 114 PRO A O    1 
ATOM   894  C CB   . PRO A 1 52 ? -3.757  6.797   2.239   1.00 14.32 ? 114 PRO A CB   1 
ATOM   895  C CG   . PRO A 1 52 ? -4.657  5.612   1.929   1.00 13.94 ? 114 PRO A CG   1 
ATOM   896  C CD   . PRO A 1 52 ? -4.096  4.938   0.696   1.00 13.19 ? 114 PRO A CD   1 
ATOM   897  H HA   . PRO A 1 52 ? -2.055  7.294   1.152   1.00 15.70 ? 114 PRO A HA   1 
ATOM   898  H HB2  . PRO A 1 52 ? -3.624  6.883   3.196   1.00 17.21 ? 114 PRO A HB2  1 
ATOM   899  H HB3  . PRO A 1 52 ? -4.129  7.614   1.871   1.00 17.21 ? 114 PRO A HB3  1 
ATOM   900  H HG2  . PRO A 1 52 ? -4.650  4.997   2.678   1.00 16.76 ? 114 PRO A HG2  1 
ATOM   901  H HG3  . PRO A 1 52 ? -5.558  5.929   1.760   1.00 16.76 ? 114 PRO A HG3  1 
ATOM   902  H HD2  . PRO A 1 52 ? -4.038  3.979   0.834   1.00 15.86 ? 114 PRO A HD2  1 
ATOM   903  H HD3  . PRO A 1 52 ? -4.640  5.151   -0.078  1.00 15.86 ? 114 PRO A HD3  1 
ATOM   904  N N    . SER A 1 53 ? -0.163  6.411   2.562   1.00 13.66 ? 115 SER A N    1 
ATOM   905  C CA   . SER A 1 53 ? 0.983   5.811   3.305   1.00 14.28 ? 115 SER A CA   1 
ATOM   906  C C    . SER A 1 53 ? 0.694   5.664   4.800   1.00 13.26 ? 115 SER A C    1 
ATOM   907  O O    . SER A 1 53 ? 1.227   4.766   5.425   1.00 15.10 ? 115 SER A O    1 
ATOM   908  C CB   . SER A 1 53 ? 2.242   6.586   3.074   1.00 16.65 ? 115 SER A CB   1 
ATOM   909  O OG   . SER A 1 53 ? 2.111   7.895   3.570   1.00 17.87 ? 115 SER A OG   1 
ATOM   910  H H    . SER A 1 53 ? 0.029   7.169   2.204   1.00 16.43 ? 115 SER A H    1 
ATOM   911  H HA   . SER A 1 53 ? 1.130   4.919   2.955   1.00 17.17 ? 115 SER A HA   1 
ATOM   912  H HB2  . SER A 1 53 ? 2.970   6.145   3.538   1.00 20.00 ? 115 SER A HB2  1 
ATOM   913  H HB3  . SER A 1 53 ? 2.424   6.623   2.123   1.00 20.00 ? 115 SER A HB3  1 
ATOM   914  H HG   . SER A 1 53 ? 1.478   8.287   3.181   1.00 21.47 ? 115 SER A HG   1 
ATOM   915  N N    . ASN A 1 54 ? -0.221  6.469   5.342   1.00 13.75 ? 116 ASN A N    1 
ATOM   916  C CA   . ASN A 1 54 ? -0.564  6.412   6.784   1.00 15.50 ? 116 ASN A CA   1 
ATOM   917  C C    . ASN A 1 54 ? -1.439  5.194   7.090   1.00 14.30 ? 116 ASN A C    1 
ATOM   918  O O    . ASN A 1 54 ? -1.686  4.946   8.260   1.00 16.30 ? 116 ASN A O    1 
ATOM   919  C CB   . ASN A 1 54 ? -1.339  7.646   7.248   1.00 18.67 ? 116 ASN A CB   1 
ATOM   920  C CG   . ASN A 1 54 ? -0.511  8.903   7.318   1.00 26.79 ? 116 ASN A CG   1 
ATOM   921  O OD1  . ASN A 1 54 ? 0.705   8.853   7.321   1.00 30.05 ? 116 ASN A OD1  1 
ATOM   922  N ND2  . ASN A 1 54 ? -1.187  10.032  7.389   1.00 29.35 ? 116 ASN A ND2  1 
ATOM   923  H H    . ASN A 1 54 ? -0.663  7.062   4.903   1.00 16.52 ? 116 ASN A H    1 
ATOM   924  H HA   . ASN A 1 54 ? 0.250   6.344   7.308   1.00 18.63 ? 116 ASN A HA   1 
ATOM   925  H HB2  . ASN A 1 54 ? -2.068  7.807   6.627   1.00 22.43 ? 116 ASN A HB2  1 
ATOM   926  H HB3  . ASN A 1 54 ? -1.694  7.477   8.134   1.00 22.43 ? 116 ASN A HB3  1 
ATOM   927  H HD21 . ASN A 1 54 ? -2.047  10.019  7.387   1.00 35.25 ? 116 ASN A HD21 1 
ATOM   928  H HD22 . ASN A 1 54 ? -0.768  10.782  7.433   1.00 35.25 ? 116 ASN A HD22 1 
ATOM   929  N N    . TYR A 1 55 ? -1.906  4.475   6.078   1.00 12.85 ? 117 TYR A N    1 
ATOM   930  C CA   . TYR A 1 55 ? -2.776  3.292   6.286   1.00 11.77 ? 117 TYR A CA   1 
ATOM   931  C C    . TYR A 1 55 ? -1.958  2.002   6.319   1.00 12.03 ? 117 TYR A C    1 
ATOM   932  O O    . TYR A 1 55 ? -2.564  0.969   6.503   1.00 13.36 ? 117 TYR A O    1 
ATOM   933  C CB   . TYR A 1 55 ? -3.811  3.189   5.171   1.00 11.59 ? 117 TYR A CB   1 
ATOM   934  C CG   . TYR A 1 55 ? -5.021  4.069   5.334   1.00 12.84 ? 117 TYR A CG   1 
ATOM   935  C CD1  . TYR A 1 55 ? -6.281  3.526   5.450   1.00 14.91 ? 117 TYR A CD1  1 
ATOM   936  C CD2  . TYR A 1 55 ? -4.902  5.445   5.374   1.00 14.82 ? 117 TYR A CD2  1 
ATOM   937  C CE1  . TYR A 1 55 ? -7.400  4.326   5.580   1.00 17.08 ? 117 TYR A CE1  1 
ATOM   938  C CE2  . TYR A 1 55 ? -6.015  6.262   5.499   1.00 16.12 ? 117 TYR A CE2  1 
ATOM   939  C CZ   . TYR A 1 55 ? -7.268  5.696   5.597   1.00 17.58 ? 117 TYR A CZ   1 
ATOM   940  O OH   . TYR A 1 55 ? -8.389  6.462   5.710   1.00 20.44 ? 117 TYR A OH   1 
ATOM   941  H H    . TYR A 1 55 ? -1.740  4.641   5.251   1.00 15.45 ? 117 TYR A H    1 
ATOM   942  H HA   . TYR A 1 55 ? -3.245  3.380   7.132   1.00 14.15 ? 117 TYR A HA   1 
ATOM   943  H HB2  . TYR A 1 55 ? -3.386  3.431   4.333   1.00 13.94 ? 117 TYR A HB2  1 
ATOM   944  H HB3  . TYR A 1 55 ? -4.124  2.272   5.122   1.00 13.94 ? 117 TYR A HB3  1 
ATOM   945  H HD1  . TYR A 1 55 ? -6.383  2.602   5.423   1.00 17.92 ? 117 TYR A HD1  1 
ATOM   946  H HD2  . TYR A 1 55 ? -4.061  5.831   5.292   1.00 17.81 ? 117 TYR A HD2  1 
ATOM   947  H HE1  . TYR A 1 55 ? -8.244  3.939   5.643   1.00 20.52 ? 117 TYR A HE1  1 
ATOM   948  H HE2  . TYR A 1 55 ? -5.917  7.187   5.511   1.00 19.37 ? 117 TYR A HE2  1 
ATOM   949  H HH   . TYR A 1 55 ? -9.069  5.970   5.758   1.00 24.56 ? 117 TYR A HH   1 
ATOM   950  N N    . VAL A 1 56 ? -0.646  2.064   6.149   1.00 11.68 ? 118 VAL A N    1 
ATOM   951  C CA   . VAL A 1 56 ? 0.176   0.826   6.095   1.00 12.36 ? 118 VAL A CA   1 
ATOM   952  C C    . VAL A 1 56 ? 1.360   0.939   7.051   1.00 12.98 ? 118 VAL A C    1 
ATOM   953  O O    . VAL A 1 56 ? 1.712   2.034   7.467   1.00 14.83 ? 118 VAL A O    1 
ATOM   954  C CB   . VAL A 1 56 ? 0.639   0.543   4.652   1.00 12.37 ? 118 VAL A CB   1 
ATOM   955  C CG1  . VAL A 1 56 ? -0.537  0.467   3.685   1.00 12.86 ? 118 VAL A CG1  1 
ATOM   956  C CG2  . VAL A 1 56 ? 1.657   1.573   4.177   1.00 13.29 ? 118 VAL A CG2  1 
ATOM   957  H H    . VAL A 1 56 ? -0.197  2.792   6.062   1.00 14.05 ? 118 VAL A H    1 
ATOM   958  H HA   . VAL A 1 56 ? -0.364  0.074   6.385   1.00 14.86 ? 118 VAL A HA   1 
ATOM   959  H HB   . VAL A 1 56 ? 1.078   -0.322  4.638   1.00 14.87 ? 118 VAL A HB   1 
ATOM   960  H HG11 . VAL A 1 56 ? -0.207  0.213   2.809   1.00 15.46 ? 118 VAL A HG11 1 
ATOM   961  H HG12 . VAL A 1 56 ? -1.167  -0.196  4.007   1.00 15.46 ? 118 VAL A HG12 1 
ATOM   962  H HG13 . VAL A 1 56 ? -0.965  1.336   3.639   1.00 15.46 ? 118 VAL A HG13 1 
ATOM   963  H HG21 . VAL A 1 56 ? 1.785   1.472   3.221   1.00 15.98 ? 118 VAL A HG21 1 
ATOM   964  H HG22 . VAL A 1 56 ? 1.321   2.462   4.375   1.00 15.98 ? 118 VAL A HG22 1 
ATOM   965  H HG23 . VAL A 1 56 ? 2.497   1.426   4.639   1.00 15.98 ? 118 VAL A HG23 1 
ATOM   966  N N    . ALA A 1 57 ? 1.929   -0.205  7.382   1.00 13.01 ? 119 ALA A N    1 
ATOM   967  C CA   . ALA A 1 57 ? 3.137   -0.314  8.211   1.00 15.18 ? 119 ALA A CA   1 
ATOM   968  C C    . ALA A 1 57 ? 4.059   -1.307  7.522   1.00 13.48 ? 119 ALA A C    1 
ATOM   969  O O    . ALA A 1 57 ? 3.584   -2.272  6.901   1.00 12.79 ? 119 ALA A O    1 
ATOM   970  C CB   . ALA A 1 57 ? 2.782   -0.791  9.590   1.00 17.92 ? 119 ALA A CB   1 
ATOM   971  H H    . ALA A 1 57 ? 1.626   -0.970  7.132   1.00 15.64 ? 119 ALA A H    1 
ATOM   972  H HA   . ALA A 1 57 ? 3.581   0.546   8.273   1.00 18.25 ? 119 ALA A HA   1 
ATOM   973  H HB1  . ALA A 1 57 ? 3.592   -0.857  10.119  1.00 21.53 ? 119 ALA A HB1  1 
ATOM   974  H HB2  . ALA A 1 57 ? 2.172   -0.155  9.997   1.00 21.53 ? 119 ALA A HB2  1 
ATOM   975  H HB3  . ALA A 1 57 ? 2.358   -1.661  9.524   1.00 21.53 ? 119 ALA A HB3  1 
ATOM   976  N N    . LYS A 1 58 ? 5.347   -1.113  7.671   1.00 14.75 ? 120 LYS A N    1 
ATOM   977  C CA   . LYS A 1 58 ? 6.304   -2.075  7.111   1.00 15.68 ? 120 LYS A CA   1 
ATOM   978  C C    . LYS A 1 58 ? 6.069   -3.411  7.814   1.00 14.24 ? 120 LYS A C    1 
ATOM   979  O O    . LYS A 1 58 ? 5.811   -3.412  8.991   1.00 16.27 ? 120 LYS A O    1 
ATOM   980  C CB   . LYS A 1 58 ? 7.736   -1.607  7.371   1.00 21.63 ? 120 LYS A CB   1 
ATOM   981  C CG   . LYS A 1 58 ? 8.142   -0.299  6.711   1.00 30.15 ? 120 LYS A CG   1 
ATOM   982  C CD   . LYS A 1 58 ? 7.968   -0.257  5.222   1.00 35.29 ? 120 LYS A CD   1 
ATOM   983  C CE   . LYS A 1 58 ? 7.618   1.135   4.734   1.00 38.73 ? 120 LYS A CE   1 
ATOM   984  N NZ   . LYS A 1 58 ? 8.198   1.426   3.405   1.00 40.98 ? 120 LYS A NZ   1 
ATOM   985  H H    . LYS A 1 58 ? 5.703   -0.447  8.083   1.00 17.73 ? 120 LYS A H    1 
ATOM   986  H HA   . LYS A 1 58 ? 6.157   -2.190  6.160   1.00 18.84 ? 120 LYS A HA   1 
ATOM   987  H HB2  . LYS A 1 58 ? 7.851   -1.496  8.328   1.00 25.98 ? 120 LYS A HB2  1 
ATOM   988  H HB3  . LYS A 1 58 ? 8.344   -2.292  7.052   1.00 25.98 ? 120 LYS A HB3  1 
ATOM   989  H HG2  . LYS A 1 58 ? 7.606   0.415   7.091   1.00 36.20 ? 120 LYS A HG2  1 
ATOM   990  H HG3  . LYS A 1 58 ? 9.079   -0.136  6.901   1.00 36.20 ? 120 LYS A HG3  1 
ATOM   991  H HD2  . LYS A 1 58 ? 8.803   -0.517  4.802   1.00 42.37 ? 120 LYS A HD2  1 
ATOM   992  H HD3  . LYS A 1 58 ? 7.263   -0.858  4.950   1.00 42.37 ? 120 LYS A HD3  1 
ATOM   993  H HE2  . LYS A 1 58 ? 6.654   1.214   4.667   1.00 46.51 ? 120 LYS A HE2  1 
ATOM   994  H HE3  . LYS A 1 58 ? 7.964   1.789   5.361   1.00 46.51 ? 120 LYS A HE3  1 
ATOM   995  H HZ1  . LYS A 1 58 ? 7.974   2.249   3.150   1.00 49.21 ? 120 LYS A HZ1  1 
ATOM   996  H HZ2  . LYS A 1 58 ? 9.085   1.366   3.441   1.00 49.21 ? 120 LYS A HZ2  1 
ATOM   997  H HZ3  . LYS A 1 58 ? 7.893   0.844   2.805   1.00 49.21 ? 120 LYS A HZ3  1 
ATOM   998  N N    . LEU A 1 59 ? 6.160   -4.518  7.089   1.00 13.94 ? 121 LEU A N    1 
ATOM   999  C CA   . LEU A 1 59 ? 6.163   -5.862  7.712   1.00 19.85 ? 121 LEU A CA   1 
ATOM   1000 C C    . LEU A 1 59 ? 7.494   -5.922  8.551   1.00 23.15 ? 121 LEU A C    1 
ATOM   1001 O O    . LEU A 1 59 ? 7.448   -6.430  9.654   1.00 29.03 ? 121 LEU A O    1 
ATOM   1002 C CB   . LEU A 1 59 ? 5.980   -6.870  6.559   1.00 20.65 ? 121 LEU A CB   1 
ATOM   1003 C CG   . LEU A 1 59 ? 5.292   -8.206  6.849   1.00 19.34 ? 121 LEU A CG   1 
ATOM   1004 C CD1  . LEU A 1 59 ? 3.913   -8.033  7.462   1.00 21.06 ? 121 LEU A CD1  1 
ATOM   1005 C CD2  . LEU A 1 59 ? 5.231   -9.029  5.581   1.00 18.39 ? 121 LEU A CD2  1 
ATOM   1006 H H    . LEU A 1 59 ? 6.224   -4.530  6.232   1.00 16.75 ? 121 LEU A H    1 
ATOM   1007 H HA   . LEU A 1 59 ? 5.412   -5.939  8.320   1.00 23.84 ? 121 LEU A HA   1 
ATOM   1008 H HB2  . LEU A 1 59 ? 5.458   -6.435  5.866   1.00 24.81 ? 121 LEU A HB2  1 
ATOM   1009 H HB3  . LEU A 1 59 ? 6.859   -7.079  6.206   1.00 24.81 ? 121 LEU A HB3  1 
ATOM   1010 H HG   . LEU A 1 59 ? 5.834   -8.697  7.487   1.00 23.23 ? 121 LEU A HG   1 
ATOM   1011 H HD11 . LEU A 1 59 ? 3.464   -8.893  7.475   1.00 25.30 ? 121 LEU A HD11 1 
ATOM   1012 H HD12 . LEU A 1 59 ? 4.008   -7.696  8.366   1.00 25.30 ? 121 LEU A HD12 1 
ATOM   1013 H HD13 . LEU A 1 59 ? 3.405   -7.404  6.924   1.00 25.30 ? 121 LEU A HD13 1 
ATOM   1014 H HD21 . LEU A 1 59 ? 6.134   -9.181  5.259   1.00 22.10 ? 121 LEU A HD21 1 
ATOM   1015 H HD22 . LEU A 1 59 ? 4.801   -9.877  5.775   1.00 22.10 ? 121 LEU A HD22 1 
ATOM   1016 H HD23 . LEU A 1 59 ? 4.720   -8.544  4.915   1.00 22.10 ? 121 LEU A HD23 1 
ATOM   1017 N N    . ASN A 1 60 ? 8.575   -5.196  8.176   1.00 29.37 ? 122 ASN A N    1 
ATOM   1018 C CA   . ASN A 1 60 ? 9.894   -5.041  8.891   1.00 37.26 ? 122 ASN A CA   1 
ATOM   1019 C C    . ASN A 1 60 ? 9.991   -3.635  9.496   1.00 40.62 ? 122 ASN A C    1 
ATOM   1020 O O    . ASN A 1 60 ? 10.338  -2.704  8.759   1.00 44.21 ? 122 ASN A O    1 
ATOM   1021 C CB   . ASN A 1 60 ? 11.106  -5.239  7.965   1.00 39.44 ? 122 ASN A CB   1 
ATOM   1022 C CG   . ASN A 1 60 ? 12.487  -5.019  8.568   1.00 42.18 ? 122 ASN A CG   1 
ATOM   1023 O OD1  . ASN A 1 60 ? 12.647  -4.513  9.668   1.00 43.11 ? 122 ASN A OD1  1 
ATOM   1024 N ND2  . ASN A 1 60 ? 13.525  -5.441  7.855   1.00 43.55 ? 122 ASN A ND2  1 
ATOM   1025 H H    . ASN A 1 60 ? 8.573   -4.743  7.445   1.00 35.27 ? 122 ASN A H    1 
ATOM   1026 H HA   . ASN A 1 60 ? 9.949   -5.689  9.611   1.00 44.74 ? 122 ASN A HA   1 
ATOM   1027 H HB2  . ASN A 1 60 ? 11.084  -6.150  7.631   1.00 47.35 ? 122 ASN A HB2  1 
ATOM   1028 H HB3  . ASN A 1 60 ? 11.020  -4.624  7.220   1.00 47.35 ? 122 ASN A HB3  1 
ATOM   1029 H HD21 . ASN A 1 60 ? 13.304  -5.596  7.101   1.00 52.29 ? 122 ASN A HD21 1 
ATOM   1030 H HD22 . ASN A 1 60 ? 14.299  -5.211  8.142   1.00 52.29 ? 122 ASN A HD22 1 
ATOM   1031 N N    A THR A 1 61 ? 9.723   -3.478  10.798  0.97 40.42 ? 123 THR A N    1 
ATOM   1032 C CA   A THR A 1 61 ? 9.767   -2.113  11.397  0.97 39.78 ? 123 THR A CA   1 
ATOM   1033 C C    A THR A 1 61 ? 11.058  -1.896  12.205  0.97 40.02 ? 123 THR A C    1 
ATOM   1034 O O    A THR A 1 61 ? 11.363  -0.745  12.530  0.97 39.70 ? 123 THR A O    1 
ATOM   1035 C CB   A THR A 1 61 ? 8.528   -1.832  12.259  0.97 38.99 ? 123 THR A CB   1 
ATOM   1036 O OG1  A THR A 1 61 ? 8.554   -2.682  13.404  0.97 38.02 ? 123 THR A OG1  1 
ATOM   1037 C CG2  A THR A 1 61 ? 7.222   -2.031  11.519  0.97 37.58 ? 123 THR A CG2  1 
ATOM   1038 H H    A THR A 1 61 ? 9.521   -4.110  11.345  0.97 48.53 ? 123 THR A H    1 
ATOM   1039 H HA   A THR A 1 61 ? 9.766   -1.461  10.679  0.97 47.77 ? 123 THR A HA   1 
ATOM   1040 H HB   A THR A 1 61 ? 8.560   -0.909  12.557  0.97 46.82 ? 123 THR A HB   1 
ATOM   1041 H HG1  A THR A 1 61 ? 7.879   -2.537  13.884  0.97 45.65 ? 123 THR A HG1  1 
ATOM   1042 H HG21 A THR A 1 61 ? 6.476   -1.823  12.103  0.97 45.12 ? 123 THR A HG21 1 
ATOM   1043 H HG22 A THR A 1 61 ? 7.144   -2.952  11.224  0.97 45.12 ? 123 THR A HG22 1 
ATOM   1044 H HG23 A THR A 1 61 ? 7.188   -1.448  10.744  0.97 45.12 ? 123 THR A HG23 1 
ATOM   1045 N N    A LEU A 1 62 ? 11.816  -2.950  12.501  0.97 40.00 ? 124 LEU A N    1 
ATOM   1046 C CA   A LEU A 1 62 ? 13.055  -2.827  13.313  0.97 41.32 ? 124 LEU A CA   1 
ATOM   1047 C C    A LEU A 1 62 ? 14.214  -2.231  12.505  0.97 43.67 ? 124 LEU A C    1 
ATOM   1048 O O    A LEU A 1 62 ? 14.783  -1.243  12.986  0.97 42.91 ? 124 LEU A O    1 
ATOM   1049 C CB   A LEU A 1 62 ? 13.440  -4.192  13.888  0.97 40.53 ? 124 LEU A CB   1 
ATOM   1050 C CG   A LEU A 1 62 ? 14.853  -4.274  14.468  0.97 40.31 ? 124 LEU A CG   1 
ATOM   1051 C CD1  A LEU A 1 62 ? 15.038  -3.294  15.621  0.97 41.20 ? 124 LEU A CD1  1 
ATOM   1052 C CD2  A LEU A 1 62 ? 15.171  -5.689  14.914  0.97 39.92 ? 124 LEU A CD2  1 
ATOM   1053 H H    A LEU A 1 62 ? 11.645  -3.755  12.249  0.97 48.03 ? 124 LEU A H    1 
ATOM   1054 H HA   A LEU A 1 62 ? 12.879  -2.233  14.059  0.97 49.60 ? 124 LEU A HA   1 
ATOM   1055 H HB2  A LEU A 1 62 ? 12.818  -4.414  14.599  0.97 48.66 ? 124 LEU A HB2  1 
ATOM   1056 H HB3  A LEU A 1 62 ? 13.374  -4.853  13.181  0.97 48.66 ? 124 LEU A HB3  1 
ATOM   1057 H HG   A LEU A 1 62 ? 15.497  -4.046  13.779  0.97 48.40 ? 124 LEU A HG   1 
ATOM   1058 H HD11 A LEU A 1 62 ? 15.921  -3.418  16.002  0.97 49.47 ? 124 LEU A HD11 1 
ATOM   1059 H HD12 A LEU A 1 62 ? 14.947  -2.388  15.285  0.97 49.47 ? 124 LEU A HD12 1 
ATOM   1060 H HD13 A LEU A 1 62 ? 14.361  -3.468  16.294  0.97 49.47 ? 124 LEU A HD13 1 
ATOM   1061 H HD21 A LEU A 1 62 ? 16.109  -5.737  15.152  0.97 47.93 ? 124 LEU A HD21 1 
ATOM   1062 H HD22 A LEU A 1 62 ? 14.622  -5.908  15.684  0.97 47.93 ? 124 LEU A HD22 1 
ATOM   1063 H HD23 A LEU A 1 62 ? 14.980  -6.300  14.186  0.97 47.93 ? 124 LEU A HD23 1 
ATOM   1064 N N    . GLU A 1 63 ? 14.406  -2.651  11.255  1.00 46.44 ? 125 GLU A N    1 
ATOM   1065 C CA   . GLU A 1 63 ? 15.588  -2.153  10.500  1.00 48.98 ? 125 GLU A CA   1 
ATOM   1066 C C    . GLU A 1 63 ? 15.199  -1.013  9.549   1.00 53.26 ? 125 GLU A C    1 
ATOM   1067 O O    . GLU A 1 63 ? 14.128  -1.078  8.956   1.00 53.66 ? 125 GLU A O    1 
ATOM   1068 C CB   . GLU A 1 63 ? 16.233  -3.302  9.735   1.00 46.21 ? 125 GLU A CB   1 
ATOM   1069 C CG   . GLU A 1 63 ? 16.559  -4.489  10.626  1.00 43.04 ? 125 GLU A CG   1 
ATOM   1070 C CD   . GLU A 1 63 ? 17.371  -5.528  9.893   1.00 39.87 ? 125 GLU A CD   1 
ATOM   1071 O OE1  . GLU A 1 63 ? 17.050  -5.835  8.723   1.00 38.20 ? 125 GLU A OE1  1 
ATOM   1072 O OE2  . GLU A 1 63 ? 18.331  -5.975  10.472  1.00 38.14 ? 125 GLU A OE2  1 
ATOM   1073 H H    . GLU A 1 63 ? 13.899  -3.199  10.827  1.00 55.76 ? 125 GLU A H    1 
ATOM   1074 H HA   . GLU A 1 63 ? 16.243  -1.808  11.127  1.00 58.80 ? 125 GLU A HA   1 
ATOM   1075 H HB2  . GLU A 1 63 ? 15.616  -3.603  9.052   1.00 55.48 ? 125 GLU A HB2  1 
ATOM   1076 H HB3  . GLU A 1 63 ? 17.064  -2.992  9.343   1.00 55.48 ? 125 GLU A HB3  1 
ATOM   1077 H HG2  . GLU A 1 63 ? 17.074  -4.185  11.390  1.00 51.68 ? 125 GLU A HG2  1 
ATOM   1078 H HG3  . GLU A 1 63 ? 15.734  -4.904  10.922  1.00 51.68 ? 125 GLU A HG3  1 
HETATM 1079 O O    . HOH B 2 .  ? 7.181   12.355  -6.141  1.00 36.51 ? 201 HOH A O    1 
HETATM 1080 O O    . HOH B 2 .  ? -1.585  5.104   10.812  1.00 36.20 ? 202 HOH A O    1 
HETATM 1081 O O    . HOH B 2 .  ? -5.838  -4.316  -3.154  1.00 25.64 ? 203 HOH A O    1 
HETATM 1082 O O    . HOH B 2 .  ? 10.801  -6.711  -2.058  1.00 27.93 ? 204 HOH A O    1 
HETATM 1083 O O    . HOH B 2 .  ? -6.248  -4.775  -5.928  1.00 21.35 ? 205 HOH A O    1 
HETATM 1084 O O    . HOH B 2 .  ? -9.407  8.837   6.172   1.00 30.66 ? 206 HOH A O    1 
HETATM 1085 O O    . HOH B 2 .  ? 3.513   4.341   6.689   1.00 35.82 ? 207 HOH A O    1 
HETATM 1086 O O    . HOH B 2 .  ? -10.895 5.603   5.810   1.00 16.19 ? 208 HOH A O    1 
HETATM 1087 O O    . HOH B 2 .  ? -11.409 2.857   5.586   1.00 29.76 ? 209 HOH A O    1 
HETATM 1088 O O    . HOH B 2 .  ? -4.402  -1.902  12.703  1.00 27.40 ? 210 HOH A O    1 
HETATM 1089 O O    . HOH B 2 .  ? -9.455  -7.070  7.018   1.00 21.23 ? 211 HOH A O    1 
HETATM 1090 O O    . HOH B 2 .  ? -10.167 0.364   -6.229  1.00 31.98 ? 212 HOH A O    1 
HETATM 1091 O O    . HOH B 2 .  ? -5.824  3.990   -2.215  1.00 17.69 ? 213 HOH A O    1 
HETATM 1092 O O    . HOH B 2 .  ? -12.519 5.948   0.920   1.00 38.66 ? 214 HOH A O    1 
HETATM 1093 O O    . HOH B 2 .  ? -9.103  -4.532  -4.270  1.00 17.30 ? 215 HOH A O    1 
HETATM 1094 O O    . HOH B 2 .  ? -9.784  2.518   -7.107  1.00 29.21 ? 216 HOH A O    1 
HETATM 1095 O O    . HOH B 2 .  ? -2.025  -13.956 -5.619  1.00 31.72 ? 217 HOH A O    1 
HETATM 1096 O O    . HOH B 2 .  ? 1.766   1.375   -13.718 1.00 29.69 ? 218 HOH A O    1 
HETATM 1097 O O    . HOH B 2 .  ? -11.608 -2.297  0.555   1.00 24.24 ? 219 HOH A O    1 
HETATM 1098 O O    . HOH B 2 .  ? -4.654  1.887   -10.592 1.00 26.40 ? 220 HOH A O    1 
HETATM 1099 O O    . HOH B 2 .  ? -2.780  -5.119  10.046  1.00 25.32 ? 221 HOH A O    1 
HETATM 1100 O O    . HOH B 2 .  ? -10.561 -4.717  6.438   1.00 18.11 ? 222 HOH A O    1 
HETATM 1101 O O    . HOH B 2 .  ? 2.654   14.494  0.081   1.00 34.41 ? 223 HOH A O    1 
HETATM 1102 O O    . HOH B 2 .  ? -8.409  -1.913  13.564  1.00 27.52 ? 224 HOH A O    1 
HETATM 1103 O O    . HOH B 2 .  ? -11.933 13.359  -4.794  1.00 21.72 ? 225 HOH A O    1 
HETATM 1104 O O    . HOH B 2 .  ? 10.584  5.994   -3.934  1.00 32.53 ? 226 HOH A O    1 
HETATM 1105 O O    . HOH B 2 .  ? -12.511 3.769   2.819   1.00 28.94 ? 227 HOH A O    1 
HETATM 1106 O O    . HOH B 2 .  ? 6.995   9.082   2.164   1.00 42.02 ? 228 HOH A O    1 
HETATM 1107 O O    . HOH B 2 .  ? 6.321   1.391   9.115   1.00 20.54 ? 229 HOH A O    1 
HETATM 1108 O O    . HOH B 2 .  ? -8.097  -2.219  -6.368  1.00 9.03  ? 230 HOH A O    1 
HETATM 1109 O O    . HOH B 2 .  ? 10.146  -5.931  12.620  1.00 31.40 ? 231 HOH A O    1 
HETATM 1110 O O    . HOH B 2 .  ? 2.366   5.884   -12.297 1.00 8.82  ? 232 HOH A O    1 
HETATM 1111 O O    . HOH B 2 .  ? -2.140  -2.683  -12.482 1.00 26.55 ? 233 HOH A O    1 
HETATM 1112 O O    . HOH B 2 .  ? 6.044   1.894   -10.843 1.00 33.19 ? 234 HOH A O    1 
HETATM 1113 O O    . HOH B 2 .  ? -0.838  13.706  6.099   1.00 35.47 ? 235 HOH A O    1 
HETATM 1114 O O    . HOH B 2 .  ? 0.304   -1.242  -13.648 1.00 35.76 ? 236 HOH A O    1 
HETATM 1115 O O    . HOH B 2 .  ? 7.989   12.124  -8.565  1.00 35.61 ? 237 HOH A O    1 
HETATM 1116 O O    . HOH B 2 .  ? 3.464   4.504   -15.078 1.00 23.68 ? 238 HOH A O    1 
HETATM 1117 O O    . HOH B 2 .  ? -9.843  -1.068  10.920  1.00 25.09 ? 239 HOH A O    1 
HETATM 1118 O O    . HOH B 2 .  ? -11.843 -3.703  9.116   1.00 32.96 ? 240 HOH A O    1 
# 
loop_
_atom_site_anisotrop.id 
_atom_site_anisotrop.type_symbol 
_atom_site_anisotrop.pdbx_label_atom_id 
_atom_site_anisotrop.pdbx_label_alt_id 
_atom_site_anisotrop.pdbx_label_comp_id 
_atom_site_anisotrop.pdbx_label_asym_id 
_atom_site_anisotrop.pdbx_label_seq_id 
_atom_site_anisotrop.pdbx_PDB_ins_code 
_atom_site_anisotrop.U[1][1] 
_atom_site_anisotrop.U[2][2] 
_atom_site_anisotrop.U[3][3] 
_atom_site_anisotrop.U[1][2] 
_atom_site_anisotrop.U[1][3] 
_atom_site_anisotrop.U[2][3] 
_atom_site_anisotrop.pdbx_auth_seq_id 
_atom_site_anisotrop.pdbx_auth_comp_id 
_atom_site_anisotrop.pdbx_auth_asym_id 
_atom_site_anisotrop.pdbx_auth_atom_id 
1    N N   . GLU A 1  ? 0.5910 0.6727 0.7082 -0.0839 0.1192  0.1611  63  GLU A N   
2    C CA  . GLU A 1  ? 0.5856 0.6786 0.7067 -0.0742 0.1100  0.1663  63  GLU A CA  
3    C C   . GLU A 1  ? 0.5575 0.6557 0.6686 -0.0716 0.0883  0.1729  63  GLU A C   
4    O O   . GLU A 1  ? 0.5613 0.6519 0.6714 -0.0708 0.0841  0.1660  63  GLU A O   
5    C CB  . GLU A 1  ? 0.5834 0.7049 0.7358 -0.0685 0.1241  0.1666  63  GLU A CB  
6    C CG  . GLU A 1  ? 0.5958 0.7294 0.7568 -0.0624 0.1497  0.1663  63  GLU A CG  
7    C CD  . GLU A 1  ? 0.6141 0.7454 0.7714 -0.0655 0.1732  0.1639  63  GLU A CD  
8    O OE1 . GLU A 1  ? 0.6182 0.7438 0.7840 -0.0734 0.1849  0.1608  63  GLU A OE1 
9    O OE2 . GLU A 1  ? 0.6211 0.7549 0.7639 -0.0625 0.1771  0.1674  63  GLU A OE2 
16   N N   . GLN A 2  ? 0.5046 0.6265 0.6235 -0.0680 0.0779  0.1967  64  GLN A N   
17   C CA  . GLN A 2  ? 0.4253 0.6075 0.5760 -0.0552 0.0666  0.2089  64  GLN A CA  
18   C C   . GLN A 2  ? 0.3088 0.5634 0.5055 -0.0288 0.0485  0.1902  64  GLN A C   
19   O O   . GLN A 2  ? 0.2995 0.5704 0.5102 -0.0169 0.0371  0.1767  64  GLN A O   
20   C CB  . GLN A 2  ? 0.4518 0.6452 0.6063 -0.0573 0.0712  0.2190  64  GLN A CB  
21   C CG  . GLN A 2  ? 0.4858 0.6857 0.6343 -0.0564 0.0759  0.2109  64  GLN A CG  
22   C CD  . GLN A 2  ? 0.5052 0.7151 0.6511 -0.0468 0.0846  0.2091  64  GLN A CD  
23   O OE1 . GLN A 2  ? 0.5168 0.7255 0.6567 -0.0475 0.0841  0.2019  64  GLN A OE1 
24   N NE2 . GLN A 2  ? 0.4968 0.7268 0.6588 -0.0399 0.0842  0.2091  64  GLN A NE2 
33   N N   . GLY A 3  ? 0.2392 0.5135 0.4319 -0.0211 0.0606  0.1747  65  GLY A N   
34   C CA  . GLY A 3  ? 0.2019 0.4576 0.3788 0.0008  0.0653  0.1443  65  GLY A CA  
35   C C   . GLY A 3  ? 0.2158 0.3755 0.3478 -0.0070 0.0556  0.1270  65  GLY A C   
36   O O   . GLY A 3  ? 0.2284 0.3561 0.3339 0.0019  0.0624  0.1186  65  GLY A O   
40   N N   . ASP A 4  ? 0.1828 0.3289 0.3135 -0.0152 0.0343  0.1070  66  ASP A N   
41   C CA  . ASP A 4  ? 0.1627 0.2839 0.2740 -0.0412 -0.0062 0.0532  66  ASP A CA  
42   C C   . ASP A 4  ? 0.1260 0.2086 0.1936 -0.0032 -0.0341 0.0500  66  ASP A C   
43   O O   . ASP A 4  ? 0.1741 0.1938 0.1965 -0.0078 -0.0247 0.0500  66  ASP A O   
44   C CB  . ASP A 4  ? 0.2733 0.3235 0.3343 -0.0957 0.0123  0.0176  66  ASP A CB  
45   C CG  . ASP A 4  ? 0.3380 0.3769 0.3836 -0.0837 0.0325  0.0106  66  ASP A CG  
46   O OD1 . ASP A 4  ? 0.3137 0.4203 0.3908 -0.0503 0.0155  0.0152  66  ASP A OD1 
47   O OD2 . ASP A 4  ? 0.4092 0.4058 0.4301 -0.0536 0.0720  0.0291  66  ASP A OD2 
52   N N   . ILE A 5  ? 0.1341 0.1571 0.1600 0.0015  -0.0115 0.0217  67  ILE A N   
53   C CA  . ILE A 5  ? 0.1497 0.1550 0.1445 0.0046  -0.0184 -0.0043 67  ILE A CA  
54   C C   . ILE A 5  ? 0.1666 0.1361 0.1279 -0.0062 -0.0363 -0.0109 67  ILE A C   
55   O O   . ILE A 5  ? 0.1513 0.1320 0.1648 0.0094  -0.0043 -0.0128 67  ILE A O   
56   C CB  . ILE A 5  ? 0.2022 0.1398 0.1950 0.0041  0.0044  -0.0125 67  ILE A CB  
57   C CG1 . ILE A 5  ? 0.2547 0.1988 0.2371 -0.0008 0.0733  -0.0272 67  ILE A CG1 
58   C CG2 . ILE A 5  ? 0.2055 0.1695 0.1951 -0.0060 0.0091  -0.0276 67  ILE A CG2 
59   C CD1 . ILE A 5  ? 0.2742 0.2204 0.2478 -0.0180 0.0879  -0.0339 67  ILE A CD1 
71   N N   . VAL A 6  ? 0.1390 0.1420 0.1340 0.0060  -0.0153 -0.0017 68  VAL A N   
72   C CA  . VAL A 6  ? 0.1543 0.1452 0.1349 -0.0017 -0.0134 -0.0195 68  VAL A CA  
73   C C   . VAL A 6  ? 0.1423 0.1389 0.1305 0.0047  -0.0121 -0.0441 68  VAL A C   
74   O O   . VAL A 6  ? 0.1574 0.1318 0.1421 0.0086  0.0092  -0.0229 68  VAL A O   
75   C CB  . VAL A 6  ? 0.1823 0.1197 0.1661 0.0094  -0.0110 -0.0109 68  VAL A CB  
76   C CG1 . VAL A 6  ? 0.2137 0.1416 0.1751 -0.0249 -0.0061 -0.0127 68  VAL A CG1 
77   C CG2 . VAL A 6  ? 0.2027 0.1214 0.1789 0.0318  -0.0088 0.0030  68  VAL A CG2 
87   N N   . VAL A 7  ? 0.1533 0.1338 0.1321 0.0061  -0.0042 -0.0264 69  VAL A N   
88   C CA  . VAL A 7  ? 0.1419 0.1269 0.1445 0.0021  -0.0089 -0.0139 69  VAL A CA  
89   C C   . VAL A 7  ? 0.1642 0.1087 0.1232 -0.0062 -0.0027 -0.0027 69  VAL A C   
90   O O   . VAL A 7  ? 0.1657 0.1101 0.1481 -0.0013 -0.0004 -0.0043 69  VAL A O   
91   C CB  . VAL A 7  ? 0.1948 0.1355 0.1590 0.0019  -0.0192 0.0099  69  VAL A CB  
92   C CG1 . VAL A 7  ? 0.2434 0.1807 0.1657 -0.0017 -0.0122 0.0147  69  VAL A CG1 
93   C CG2 . VAL A 7  ? 0.2213 0.1503 0.1771 0.0059  0.0169  0.0185  69  VAL A CG2 
103  N N   . ALA A 8  ? 0.1294 0.1258 0.1222 -0.0070 0.0050  0.0015  70  ALA A N   
104  C CA  . ALA A 8  ? 0.1498 0.1210 0.1411 0.0093  0.0272  0.0057  70  ALA A CA  
105  C C   . ALA A 8  ? 0.1634 0.1059 0.1448 -0.0112 0.0097  0.0201  70  ALA A C   
106  O O   . ALA A 8  ? 0.1725 0.1308 0.1222 -0.0044 0.0004  0.0016  70  ALA A O   
107  C CB  . ALA A 8  ? 0.1208 0.1476 0.1372 0.0003  0.0069  -0.0003 70  ALA A CB  
113  N N   . LEU A 9  ? 0.1984 0.1133 0.1389 -0.0093 0.0226  -0.0136 71  LEU A N   
114  C CA  . LEU A 9  ? 0.2162 0.1413 0.1366 -0.0047 0.0396  -0.0183 71  LEU A CA  
115  C C   . LEU A 9  ? 0.2246 0.1435 0.1249 -0.0091 0.0116  -0.0162 71  LEU A C   
116  O O   . LEU A 9  ? 0.2659 0.1752 0.1326 0.0031  0.0613  0.0024  71  LEU A O   
117  C CB  . LEU A 9  ? 0.2718 0.1466 0.1522 -0.0021 0.0371  -0.0479 71  LEU A CB  
118  C CG  . LEU A 9  ? 0.2598 0.2058 0.1686 -0.0012 0.0056  -0.0479 71  LEU A CG  
119  C CD1 . LEU A 9  ? 0.2766 0.2003 0.2081 -0.0173 -0.0061 -0.0553 71  LEU A CD1 
120  C CD2 . LEU A 9  ? 0.2590 0.2505 0.1919 0.0156  -0.0075 -0.0374 71  LEU A CD2 
132  N N   . TYR A 10 ? 0.2071 0.1781 0.1466 -0.0022 0.0458  -0.0147 72  TYR A N   
133  C CA  . TYR A 10 ? 0.2047 0.1716 0.1547 0.0396  0.0421  -0.0088 72  TYR A CA  
134  C C   . TYR A 10 ? 0.1939 0.1666 0.1540 0.0263  0.0530  -0.0011 72  TYR A C   
135  O O   . TYR A 10 ? 0.1938 0.1620 0.1458 0.0136  0.0438  -0.0059 72  TYR A O   
136  C CB  . TYR A 10 ? 0.2375 0.1799 0.1968 0.0251  0.0417  -0.0404 72  TYR A CB  
137  C CG  . TYR A 10 ? 0.2341 0.1837 0.2423 0.0112  0.0631  -0.0609 72  TYR A CG  
138  C CD1 . TYR A 10 ? 0.2252 0.2338 0.2262 0.0202  0.0344  -0.0958 72  TYR A CD1 
139  C CD2 . TYR A 10 ? 0.2340 0.2187 0.3080 0.0089  0.0746  -0.0800 72  TYR A CD2 
140  C CE1 . TYR A 10 ? 0.2865 0.2387 0.2905 0.0042  0.0700  -0.1019 72  TYR A CE1 
141  C CE2 . TYR A 10 ? 0.2353 0.2251 0.3393 0.0061  0.0650  -0.1020 72  TYR A CE2 
142  C CZ  . TYR A 10 ? 0.2939 0.2465 0.3128 -0.0050 0.0450  -0.1371 72  TYR A CZ  
143  O OH  . TYR A 10 ? 0.3286 0.2775 0.3647 -0.0157 0.0297  -0.1371 72  TYR A OH  
153  N N   . PRO A 11 ? 0.1765 0.1642 0.1766 0.0269  0.0362  -0.0003 73  PRO A N   
154  C CA  . PRO A 11 ? 0.1705 0.1745 0.2016 0.0122  0.0416  -0.0031 73  PRO A CA  
155  C C   . PRO A 11 ? 0.1907 0.1521 0.2001 0.0161  0.0739  -0.0078 73  PRO A C   
156  O O   . PRO A 11 ? 0.1821 0.1451 0.2223 0.0253  0.0323  -0.0057 73  PRO A O   
157  C CB  . PRO A 11 ? 0.1778 0.1695 0.2202 -0.0132 0.0284  -0.0005 73  PRO A CB  
158  C CG  . PRO A 11 ? 0.1766 0.1733 0.2275 0.0018  0.0640  0.0038  73  PRO A CG  
159  C CD  . PRO A 11 ? 0.1896 0.1786 0.2058 0.0202  0.0784  -0.0151 73  PRO A CD  
167  N N   . TYR A 12 ? 0.1692 0.1577 0.2110 0.0288  0.0532  -0.0112 74  TYR A N   
168  C CA  . TYR A 12 ? 0.1605 0.1649 0.2168 0.0457  0.0429  0.0063  74  TYR A CA  
169  C C   . TYR A 12 ? 0.1855 0.1601 0.2073 0.0389  0.0475  -0.0081 74  TYR A C   
170  O O   . TYR A 12 ? 0.1930 0.1906 0.1894 0.0569  0.0233  0.0236  74  TYR A O   
171  C CB  . TYR A 12 ? 0.1836 0.1870 0.2046 0.0106  0.0079  0.0085  74  TYR A CB  
172  C CG  . TYR A 12 ? 0.2191 0.2047 0.2332 0.0055  0.0517  -0.0246 74  TYR A CG  
173  C CD1 . TYR A 12 ? 0.2701 0.2101 0.2345 0.0124  0.0745  -0.0123 74  TYR A CD1 
174  C CD2 . TYR A 12 ? 0.2170 0.2172 0.2368 0.0044  0.0532  -0.0122 74  TYR A CD2 
175  C CE1 . TYR A 12 ? 0.3207 0.2092 0.2612 0.0178  0.0862  -0.0043 74  TYR A CE1 
176  C CE2 . TYR A 12 ? 0.2692 0.1874 0.2735 0.0114  0.0770  0.0035  74  TYR A CE2 
177  C CZ  . TYR A 12 ? 0.3196 0.1850 0.2853 -0.0051 0.0962  0.0091  74  TYR A CZ  
178  O OH  . TYR A 12 ? 0.4114 0.2040 0.3210 0.0217  0.1329  0.0301  74  TYR A OH  
188  N N   . ASP A 13 ? 0.1580 0.1888 0.2202 0.0422  0.0288  0.0114  75  ASP A N   
189  C CA  . ASP A 13 ? 0.1700 0.2061 0.2454 0.0369  0.0194  0.0252  75  ASP A CA  
190  C C   . ASP A 13 ? 0.1938 0.2331 0.2583 0.0499  0.0283  0.0424  75  ASP A C   
191  O O   . ASP A 13 ? 0.2671 0.2127 0.2688 0.0134  0.0664  0.0453  75  ASP A O   
192  C CB  . ASP A 13 ? 0.1826 0.2306 0.3079 0.0329  0.0218  0.0515  75  ASP A CB  
193  C CG  . ASP A 13 ? 0.2661 0.2796 0.3661 0.0299  0.0126  0.0402  75  ASP A CG  
194  O OD1 . ASP A 13 ? 0.2809 0.2739 0.4122 -0.0029 -0.0166 0.0157  75  ASP A OD1 
195  O OD2 . ASP A 13 ? 0.3009 0.3111 0.3936 0.0261  0.0472  0.0425  75  ASP A OD2 
200  N N   . GLY A 14 ? 0.1977 0.2897 0.2486 0.0515  0.0325  0.0670  76  GLY A N   
201  C CA  . GLY A 14 ? 0.2607 0.3078 0.2969 0.0306  0.0532  0.1110  76  GLY A CA  
202  C C   . GLY A 14 ? 0.2776 0.3315 0.3351 0.0456  0.0482  0.1399  76  GLY A C   
203  O O   . GLY A 14 ? 0.2842 0.3391 0.3658 0.0828  0.0021  0.1596  76  GLY A O   
207  N N   . ILE A 15 ? 0.2628 0.3845 0.3427 0.0656  0.0801  0.1274  77  ILE A N   
208  C CA  . ILE A 15 ? 0.3076 0.4016 0.3830 0.0644  0.0827  0.1256  77  ILE A CA  
209  C C   . ILE A 15 ? 0.2146 0.3687 0.3686 0.0674  0.0572  0.1138  77  ILE A C   
210  O O   . ILE A 15 ? 0.1987 0.3929 0.3967 0.0326  0.0484  0.1059  77  ILE A O   
211  C CB  . ILE A 15 ? 0.4239 0.4608 0.4426 0.0388  0.1227  0.1192  77  ILE A CB  
212  C CG1 . ILE A 15 ? 0.4912 0.5009 0.4774 0.0341  0.1587  0.1046  77  ILE A CG1 
213  C CG2 . ILE A 15 ? 0.4470 0.4789 0.4559 0.0433  0.0881  0.1240  77  ILE A CG2 
214  C CD1 . ILE A 15 ? 0.5493 0.5112 0.4884 0.0318  0.1860  0.1063  77  ILE A CD1 
226  N N   . HIS A 16 ? 0.1684 0.3100 0.3313 0.0635  0.0187  0.0990  78  HIS A N   
227  C CA  . HIS A 16 ? 0.1387 0.2829 0.3077 0.0510  0.0213  0.0880  78  HIS A CA  
228  C C   . HIS A 16 ? 0.1150 0.2693 0.2788 0.0206  -0.0103 0.0735  78  HIS A C   
229  O O   . HIS A 16 ? 0.1414 0.2459 0.2382 -0.0016 0.0017  0.0484  78  HIS A O   
230  C CB  . HIS A 16 ? 0.1660 0.2630 0.3043 0.0387  0.0303  0.0727  78  HIS A CB  
231  C CG  . HIS A 16 ? 0.2054 0.2613 0.3096 0.0755  0.0205  0.0693  78  HIS A CG  
232  N ND1 . HIS A 16 ? 0.2779 0.2729 0.3092 0.0883  0.0388  0.0641  78  HIS A ND1 
233  C CD2 . HIS A 16 ? 0.2540 0.2698 0.3375 0.0725  0.0530  0.0559  78  HIS A CD2 
234  C CE1 . HIS A 16 ? 0.3057 0.2655 0.3275 0.0723  0.0581  0.0595  78  HIS A CE1 
235  N NE2 . HIS A 16 ? 0.2925 0.2635 0.3373 0.0735  0.0563  0.0539  78  HIS A NE2 
243  N N   . PRO A 17 ? 0.1195 0.2701 0.2648 0.0006  -0.0112 0.0530  79  PRO A N   
244  C CA  . PRO A 17 ? 0.1405 0.2668 0.2670 -0.0133 -0.0181 0.0392  79  PRO A CA  
245  C C   . PRO A 17 ? 0.1635 0.1805 0.2386 -0.0350 0.0046  0.0444  79  PRO A C   
246  O O   . PRO A 17 ? 0.1713 0.2024 0.2485 -0.0202 -0.0049 0.0453  79  PRO A O   
247  C CB  . PRO A 17 ? 0.1491 0.3196 0.2742 -0.0175 -0.0380 0.0196  79  PRO A CB  
248  C CG  . PRO A 17 ? 0.2238 0.3041 0.2944 -0.0238 0.0017  0.0310  79  PRO A CG  
249  C CD  . PRO A 17 ? 0.1451 0.2980 0.2725 -0.0106 -0.0217 0.0323  79  PRO A CD  
257  N N   . ASP A 18 ? 0.1555 0.1703 0.1962 0.0045  0.0005  0.0325  80  ASP A N   
258  C CA  . ASP A 18 ? 0.1219 0.1735 0.1889 0.0178  -0.0290 0.0431  80  ASP A CA  
259  C C   . ASP A 18 ? 0.1112 0.1755 0.2069 -0.0018 -0.0071 0.0607  80  ASP A C   
260  O O   . ASP A 18 ? 0.1238 0.1914 0.1942 0.0148  -0.0109 0.0539  80  ASP A O   
261  C CB  . ASP A 18 ? 0.1304 0.1584 0.2177 0.0140  -0.0104 0.0486  80  ASP A CB  
262  C CG  . ASP A 18 ? 0.1546 0.1534 0.2102 0.0244  0.0131  0.0529  80  ASP A CG  
263  O OD1 . ASP A 18 ? 0.1855 0.1546 0.2240 0.0183  0.0171  0.0356  80  ASP A OD1 
264  O OD2 . ASP A 18 ? 0.1754 0.1384 0.2032 0.0084  0.0147  0.0370  80  ASP A OD2 
269  N N   . ASP A 19 ? 0.1238 0.1885 0.2197 -0.0061 -0.0088 0.0742  81  ASP A N   
270  C CA  . ASP A 19 ? 0.1368 0.2207 0.2377 0.0149  0.0094  0.0723  81  ASP A CA  
271  C C   . ASP A 19 ? 0.1600 0.1977 0.2913 -0.0218 -0.0572 0.0606  81  ASP A C   
272  O O   . ASP A 19 ? 0.2521 0.2239 0.3387 -0.0259 -0.1339 0.1075  81  ASP A O   
273  C CB  . ASP A 19 ? 0.1821 0.2711 0.2447 0.0637  0.0411  0.0669  81  ASP A CB  
274  C CG  . ASP A 19 ? 0.2363 0.2740 0.2789 0.0739  0.0223  0.0453  81  ASP A CG  
275  O OD1 . ASP A 19 ? 0.3031 0.2311 0.2566 0.0638  0.0349  0.0404  81  ASP A OD1 
276  O OD2 . ASP A 19 ? 0.2447 0.3007 0.3176 0.1284  0.0418  0.0370  81  ASP A OD2 
281  N N   . LEU A 20 ? 0.1824 0.1602 0.2156 0.0198  -0.0591 0.0133  82  LEU A N   
282  C CA  . LEU A 20 ? 0.2177 0.1470 0.2301 0.0354  -0.0675 0.0124  82  LEU A CA  
283  C C   . LEU A 20 ? 0.3282 0.1526 0.1555 -0.0111 -0.0443 0.0014  82  LEU A C   
284  O O   . LEU A 20 ? 0.4578 0.1785 0.1897 -0.0729 0.0274  0.0254  82  LEU A O   
285  C CB  . LEU A 20 ? 0.2403 0.2005 0.2889 0.0434  -0.0456 -0.0101 82  LEU A CB  
286  C CG  . LEU A 20 ? 0.1980 0.2719 0.2644 0.0150  -0.0126 -0.0539 82  LEU A CG  
287  C CD1 . LEU A 20 ? 0.1118 0.2425 0.2500 0.0301  0.0149  -0.0357 82  LEU A CD1 
288  C CD2 . LEU A 20 ? 0.2160 0.3333 0.2455 0.0103  -0.0236 -0.1190 82  LEU A CD2 
300  N N   . SER A 21 ? 0.2867 0.1578 0.1718 0.0370  -0.0391 0.0047  83  SER A N   
301  C CA  . SER A 21 ? 0.3033 0.1742 0.1419 0.0361  -0.0396 -0.0029 83  SER A CA  
302  C C   . SER A 21 ? 0.2795 0.1408 0.1498 0.0449  -0.0298 -0.0049 83  SER A C   
303  O O   . SER A 21 ? 0.3744 0.1872 0.1639 0.0884  -0.0462 -0.0143 83  SER A O   
304  C CB  . SER A 21 ? 0.2420 0.2134 0.1765 0.0453  -0.0277 0.0252  83  SER A CB  
305  O OG  . SER A 21 ? 0.2422 0.2246 0.2047 0.0599  0.0017  0.0472  83  SER A OG  
311  N N   . PHE A 22 ? 0.1674 0.1353 0.1547 0.0192  -0.0093 0.0067  84  PHE A N   
312  C CA  . PHE A 22 ? 0.1492 0.1251 0.1491 0.0131  -0.0041 -0.0037 84  PHE A CA  
313  C C   . PHE A 22 ? 0.1430 0.1329 0.1653 0.0078  0.0225  -0.0102 84  PHE A C   
314  O O   . PHE A 22 ? 0.1589 0.1476 0.1808 0.0160  0.0179  0.0043  84  PHE A O   
315  C CB  . PHE A 22 ? 0.1581 0.1326 0.1398 -0.0034 -0.0085 -0.0082 84  PHE A CB  
316  C CG  . PHE A 22 ? 0.1625 0.1151 0.1484 0.0052  0.0046  0.0142  84  PHE A CG  
317  C CD1 . PHE A 22 ? 0.1545 0.1318 0.1401 0.0153  -0.0094 0.0022  84  PHE A CD1 
318  C CD2 . PHE A 22 ? 0.2016 0.1174 0.1485 0.0001  0.0025  0.0022  84  PHE A CD2 
319  C CE1 . PHE A 22 ? 0.1621 0.1279 0.1236 -0.0041 0.0021  -0.0023 84  PHE A CE1 
320  C CE2 . PHE A 22 ? 0.2076 0.1368 0.1579 -0.0231 0.0369  -0.0013 84  PHE A CE2 
321  C CZ  . PHE A 22 ? 0.1942 0.1223 0.1475 -0.0113 0.0244  -0.0088 84  PHE A CZ  
331  N N   . LYS A 23 ? 0.1370 0.1230 0.1769 0.0021  0.0156  0.0071  85  LYS A N   
332  C CA  . LYS A 23 ? 0.1309 0.1309 0.1837 -0.0120 0.0221  0.0187  85  LYS A CA  
333  C C   . LYS A 23 ? 0.1146 0.1121 0.1922 -0.0234 0.0223  0.0048  85  LYS A C   
334  O O   . LYS A 23 ? 0.1417 0.1403 0.1499 -0.0163 0.0103  0.0082  85  LYS A O   
335  C CB  . LYS A 23 ? 0.1444 0.1476 0.2227 -0.0235 -0.0201 0.0253  85  LYS A CB  
336  C CG  . LYS A 23 ? 0.1912 0.1561 0.3016 -0.0484 -0.0397 0.0276  85  LYS A CG  
337  C CD  . LYS A 23 ? 0.2283 0.2094 0.3391 0.0031  -0.0456 0.0515  85  LYS A CD  
338  C CE  . LYS A 23 ? 0.2337 0.2116 0.3568 -0.0087 -0.0855 0.0526  85  LYS A CE  
339  N NZ  . LYS A 23 ? 0.2912 0.2294 0.3779 -0.0208 -0.0960 0.0533  85  LYS A NZ  
353  N N   A LYS A 24 ? 0.1780 0.1525 0.1556 -0.0096 0.0507  0.0073  86  LYS A N   
354  N N   B LYS A 24 ? 0.1631 0.1480 0.1747 -0.0052 0.0386  -0.0049 86  LYS A N   
355  C CA  A LYS A 24 ? 0.1665 0.1529 0.1433 -0.0186 0.0231  -0.0072 86  LYS A CA  
356  C CA  B LYS A 24 ? 0.1627 0.1452 0.1636 -0.0043 0.0317  -0.0102 86  LYS A CA  
357  C C   A LYS A 24 ? 0.1758 0.1238 0.1282 -0.0207 0.0041  0.0010  86  LYS A C   
358  C C   B LYS A 24 ? 0.1739 0.1343 0.1521 -0.0131 0.0252  -0.0009 86  LYS A C   
359  O O   A LYS A 24 ? 0.2031 0.1195 0.1498 -0.0344 0.0248  0.0061  86  LYS A O   
360  O O   B LYS A 24 ? 0.1892 0.1329 0.1726 -0.0215 0.0385  0.0007  86  LYS A O   
361  C CB  A LYS A 24 ? 0.2281 0.1885 0.1592 -0.0275 0.0758  0.0071  86  LYS A CB  
362  C CB  B LYS A 24 ? 0.1925 0.1566 0.1691 0.0041  0.0598  -0.0064 86  LYS A CB  
363  C CG  A LYS A 24 ? 0.2843 0.2280 0.1437 -0.0247 0.0600  0.0078  86  LYS A CG  
364  C CG  B LYS A 24 ? 0.2055 0.1573 0.1629 0.0002  0.0478  -0.0138 86  LYS A CG  
365  C CD  A LYS A 24 ? 0.3542 0.2505 0.1537 -0.0319 0.0670  0.0054  86  LYS A CD  
366  C CD  B LYS A 24 ? 0.2332 0.1489 0.1691 -0.0208 0.0555  -0.0222 86  LYS A CD  
367  C CE  A LYS A 24 ? 0.4065 0.2840 0.1701 -0.0204 0.0700  0.0081  86  LYS A CE  
368  C CE  B LYS A 24 ? 0.2353 0.1715 0.1883 -0.0237 0.0730  -0.0243 86  LYS A CE  
369  N NZ  A LYS A 24 ? 0.4227 0.2973 0.1821 -0.0021 0.0671  0.0172  86  LYS A NZ  
370  N NZ  B LYS A 24 ? 0.2203 0.2048 0.2056 0.0002  0.0911  -0.0142 86  LYS A NZ  
396  N N   . GLY A 25 ? 0.1757 0.1419 0.1330 -0.0174 0.0210  0.0069  87  GLY A N   
397  C CA  . GLY A 25 ? 0.1988 0.1218 0.1325 0.0046  0.0185  0.0182  87  GLY A CA  
398  C C   . GLY A 25 ? 0.1863 0.0949 0.1482 -0.0002 0.0190  0.0111  87  GLY A C   
399  O O   . GLY A 25 ? 0.2171 0.1181 0.1399 0.0117  0.0059  0.0089  87  GLY A O   
403  N N   . GLU A 26 ? 0.1645 0.0971 0.1479 -0.0035 0.0231  0.0036  88  GLU A N   
404  C CA  . GLU A 26 ? 0.1423 0.1043 0.1541 -0.0075 0.0073  0.0024  88  GLU A CA  
405  C C   . GLU A 26 ? 0.1531 0.0739 0.1341 -0.0177 -0.0117 -0.0082 88  GLU A C   
406  O O   . GLU A 26 ? 0.1451 0.1076 0.1495 0.0114  0.0153  -0.0082 88  GLU A O   
407  C CB  . GLU A 26 ? 0.1364 0.1364 0.1491 0.0015  0.0032  0.0081  88  GLU A CB  
408  C CG  . GLU A 26 ? 0.1580 0.1338 0.1369 -0.0080 -0.0028 0.0001  88  GLU A CG  
409  C CD  . GLU A 26 ? 0.1454 0.1420 0.1279 -0.0123 0.0180  0.0047  88  GLU A CD  
410  O OE1 . GLU A 26 ? 0.1546 0.1315 0.1504 -0.0073 0.0009  -0.0092 88  GLU A OE1 
411  O OE2 . GLU A 26 ? 0.1610 0.1726 0.1452 0.0007  0.0164  -0.0003 88  GLU A OE2 
418  N N   . LYS A 27 ? 0.1505 0.0888 0.1265 -0.0062 0.0005  -0.0197 89  LYS A N   
419  C CA  . LYS A 27 ? 0.1398 0.1141 0.1391 -0.0050 0.0012  -0.0035 89  LYS A CA  
420  C C   . LYS A 27 ? 0.1241 0.1138 0.1448 -0.0149 0.0086  -0.0173 89  LYS A C   
421  O O   . LYS A 27 ? 0.1526 0.1117 0.1346 -0.0129 0.0099  -0.0060 89  LYS A O   
422  C CB  . LYS A 27 ? 0.1789 0.1217 0.1593 0.0418  -0.0016 -0.0021 89  LYS A CB  
423  C CG  . LYS A 27 ? 0.2160 0.1433 0.2124 0.0468  0.0075  0.0030  89  LYS A CG  
424  C CD  . LYS A 27 ? 0.2036 0.1483 0.2317 0.0202  0.0010  0.0175  89  LYS A CD  
425  C CE  . LYS A 27 ? 0.2130 0.1466 0.2108 0.0059  0.0073  0.0352  89  LYS A CE  
426  N NZ  . LYS A 27 ? 0.2332 0.1534 0.2416 0.0165  0.0359  0.0502  89  LYS A NZ  
440  N N   . MET A 28 ? 0.1266 0.1022 0.1296 0.0071  -0.0088 0.0110  90  MET A N   
441  C CA  . MET A 28 ? 0.1379 0.1085 0.1341 0.0077  0.0003  0.0096  90  MET A CA  
442  C C   . MET A 28 ? 0.1437 0.1189 0.1333 0.0079  -0.0263 -0.0008 90  MET A C   
443  O O   . MET A 28 ? 0.1477 0.1549 0.1500 -0.0103 0.0198  -0.0222 90  MET A O   
444  C CB  . MET A 28 ? 0.1407 0.1323 0.1520 0.0207  0.0263  0.0093  90  MET A CB  
445  C CG  . MET A 28 ? 0.1748 0.1566 0.1849 0.0462  0.0502  0.0146  90  MET A CG  
446  S SD  . MET A 28 ? 0.1905 0.1423 0.1588 0.0375  0.0146  0.0064  90  MET A SD  
447  C CE  . MET A 28 ? 0.2043 0.1850 0.1495 0.0246  0.0074  -0.0437 90  MET A CE  
457  N N   . LYS A 29 ? 0.1415 0.1458 0.1302 0.0077  0.0012  0.0109  91  LYS A N   
458  C CA  . LYS A 29 ? 0.1401 0.1565 0.1337 0.0260  0.0103  0.0264  91  LYS A CA  
459  C C   . LYS A 29 ? 0.1370 0.1515 0.1374 0.0467  0.0108  0.0415  91  LYS A C   
460  O O   . LYS A 29 ? 0.1386 0.1568 0.1663 0.0184  0.0096  0.0477  91  LYS A O   
461  C CB  . LYS A 29 ? 0.1715 0.1857 0.1756 0.0345  0.0346  0.0176  91  LYS A CB  
462  C CG  . LYS A 29 ? 0.1676 0.2171 0.2075 0.0543  0.0581  0.0172  91  LYS A CG  
463  C CD  . LYS A 29 ? 0.2356 0.2531 0.2979 0.0641  0.0987  0.0230  91  LYS A CD  
464  C CE  . LYS A 29 ? 0.3192 0.2974 0.3297 0.0761  0.1584  0.0373  91  LYS A CE  
465  N NZ  . LYS A 29 ? 0.4024 0.3126 0.3436 0.0980  0.1944  0.0303  91  LYS A NZ  
479  N N   . VAL A 30 ? 0.1366 0.1500 0.1570 0.0223  0.0018  0.0280  92  VAL A N   
480  C CA  . VAL A 30 ? 0.1512 0.1433 0.2143 0.0017  0.0178  0.0393  92  VAL A CA  
481  C C   . VAL A 30 ? 0.1081 0.1802 0.2442 0.0114  0.0344  0.0387  92  VAL A C   
482  O O   . VAL A 30 ? 0.1327 0.2134 0.2933 0.0044  0.0308  0.0561  92  VAL A O   
483  C CB  . VAL A 30 ? 0.2702 0.1544 0.2296 -0.0245 0.0036  0.0285  92  VAL A CB  
484  C CG1 . VAL A 30 ? 0.3015 0.1545 0.2511 -0.0347 0.0283  0.0329  92  VAL A CG1 
485  C CG2 . VAL A 30 ? 0.3529 0.1797 0.2386 -0.0239 0.0201  0.0350  92  VAL A CG2 
495  N N   . LEU A 31 ? 0.1361 0.1607 0.2021 0.0034  0.0414  0.0465  93  LEU A N   
496  C CA  . LEU A 31 ? 0.1495 0.1814 0.2313 0.0023  0.0443  0.0411  93  LEU A CA  
497  C C   . LEU A 31 ? 0.1522 0.1851 0.2892 -0.0049 0.0388  0.0585  93  LEU A C   
498  O O   . LEU A 31 ? 0.1685 0.2214 0.3660 -0.0011 0.0894  0.0458  93  LEU A O   
499  C CB  . LEU A 31 ? 0.1674 0.1723 0.2340 0.0013  0.0583  0.0317  93  LEU A CB  
500  C CG  . LEU A 31 ? 0.2224 0.1587 0.2088 -0.0079 0.0610  0.0140  93  LEU A CG  
501  C CD1 . LEU A 31 ? 0.2626 0.1845 0.2156 -0.0114 0.0458  0.0119  93  LEU A CD1 
502  C CD2 . LEU A 31 ? 0.2740 0.1814 0.2625 0.0119  0.0786  0.0027  93  LEU A CD2 
514  N N   . GLU A 32 ? 0.1639 0.1785 0.2940 0.0013  0.0380  0.0859  94  GLU A N   
515  C CA  . GLU A 32 ? 0.2181 0.1825 0.3334 -0.0057 0.0418  0.0916  94  GLU A CA  
516  C C   . GLU A 32 ? 0.1341 0.1888 0.3342 -0.0237 0.0279  0.0482  94  GLU A C   
517  O O   . GLU A 32 ? 0.1310 0.2185 0.3763 -0.0064 0.0040  0.0055  94  GLU A O   
518  C CB  . GLU A 32 ? 0.3896 0.2335 0.3522 0.0448  0.0701  0.1455  94  GLU A CB  
519  C CG  . GLU A 32 ? 0.5074 0.3421 0.3804 0.0789  0.0779  0.1404  94  GLU A CG  
520  C CD  . GLU A 32 ? 0.6382 0.4274 0.4052 0.0985  0.1081  0.1445  94  GLU A CD  
521  O OE1 . GLU A 32 ? 0.6815 0.4620 0.4357 0.1108  0.1209  0.1437  94  GLU A OE1 
522  O OE2 . GLU A 32 ? 0.6756 0.4660 0.4025 0.1223  0.1480  0.1539  94  GLU A OE2 
529  N N   . GLU A 33 ? 0.1251 0.2308 0.3340 -0.0215 0.0160  0.0274  95  GLU A N   
530  C CA  . GLU A 33 ? 0.1579 0.2597 0.3247 -0.0216 0.0176  0.0196  95  GLU A CA  
531  C C   . GLU A 33 ? 0.1667 0.2556 0.3535 -0.0232 0.0156  0.0327  95  GLU A C   
532  O O   . GLU A 33 ? 0.2116 0.2495 0.3998 -0.0148 0.0303  0.0628  95  GLU A O   
533  C CB  . GLU A 33 ? 0.1921 0.3139 0.3367 -0.0301 -0.0143 0.0224  95  GLU A CB  
534  C CG  . GLU A 33 ? 0.2719 0.3668 0.3742 -0.0200 -0.0129 0.0534  95  GLU A CG  
535  C CD  . GLU A 33 ? 0.3470 0.4057 0.4233 -0.0235 -0.0205 0.0612  95  GLU A CD  
536  O OE1 . GLU A 33 ? 0.3861 0.4217 0.4426 -0.0316 -0.0459 0.0563  95  GLU A OE1 
537  O OE2 . GLU A 33 ? 0.3712 0.4399 0.4443 -0.0088 -0.0025 0.0748  95  GLU A OE2 
544  N N   . HIS A 34 ? 0.1961 0.2847 0.3493 -0.0065 -0.0510 0.0342  96  HIS A N   
545  C CA  . HIS A 34 ? 0.2524 0.3159 0.3517 0.0454  -0.0495 0.0390  96  HIS A CA  
546  C C   . HIS A 34 ? 0.2925 0.3197 0.3756 0.0505  -0.0516 0.0104  96  HIS A C   
547  O O   . HIS A 34 ? 0.3346 0.3123 0.4119 0.0766  -0.0010 0.0202  96  HIS A O   
548  C CB  . HIS A 34 ? 0.3009 0.3593 0.3295 0.0731  -0.0229 0.0526  96  HIS A CB  
549  C CG  . HIS A 34 ? 0.3057 0.3951 0.3136 0.1001  0.0196  0.0829  96  HIS A CG  
550  N ND1 . HIS A 34 ? 0.2791 0.4087 0.3046 0.1060  0.0191  0.0938  96  HIS A ND1 
551  C CD2 . HIS A 34 ? 0.3246 0.4098 0.3377 0.1086  0.0556  0.1018  96  HIS A CD2 
552  C CE1 . HIS A 34 ? 0.3068 0.4168 0.3240 0.1250  0.0285  0.1064  96  HIS A CE1 
553  N NE2 . HIS A 34 ? 0.3270 0.4145 0.3388 0.1316  0.0389  0.1150  96  HIS A NE2 
561  N N   . GLY A 35 ? 0.2690 0.2992 0.3772 0.0103  -0.0733 -0.0329 97  GLY A N   
562  C CA  . GLY A 35 ? 0.3380 0.2766 0.3753 -0.0117 -0.0387 -0.0349 97  GLY A CA  
563  C C   . GLY A 35 ? 0.3611 0.2234 0.3641 -0.0295 -0.0587 -0.0305 97  GLY A C   
564  O O   . GLY A 35 ? 0.4011 0.2323 0.4084 -0.0397 -0.0697 -0.0189 97  GLY A O   
568  N N   A GLU A 36 ? 0.3417 0.2209 0.3298 -0.0136 -0.0563 -0.0331 98  GLU A N   
569  N N   B GLU A 36 ? 0.3416 0.2032 0.3421 -0.0222 -0.0509 -0.0299 98  GLU A N   
570  C CA  A GLU A 36 ? 0.3390 0.2008 0.2986 -0.0107 -0.0362 -0.0254 98  GLU A CA  
571  C CA  B GLU A 36 ? 0.3310 0.1664 0.3202 -0.0241 -0.0325 -0.0182 98  GLU A CA  
572  C C   A GLU A 36 ? 0.3166 0.1549 0.2698 -0.0189 -0.0017 0.0023  98  GLU A C   
573  C C   B GLU A 36 ? 0.3089 0.1362 0.2854 -0.0247 0.0009  0.0124  98  GLU A C   
574  O O   A GLU A 36 ? 0.3944 0.1673 0.2778 -0.0359 0.0068  -0.0025 98  GLU A O   
575  O O   B GLU A 36 ? 0.3866 0.1523 0.2993 -0.0415 0.0145  0.0146  98  GLU A O   
576  C CB  A GLU A 36 ? 0.3694 0.2362 0.2982 0.0047  -0.0342 -0.0406 98  GLU A CB  
577  C CB  B GLU A 36 ? 0.3508 0.1745 0.3371 -0.0226 -0.0331 -0.0377 98  GLU A CB  
578  C CG  A GLU A 36 ? 0.3922 0.2721 0.2885 0.0250  -0.0179 -0.0439 98  GLU A CG  
579  C CG  B GLU A 36 ? 0.3476 0.1868 0.3484 -0.0066 -0.0142 -0.0357 98  GLU A CG  
580  C CD  A GLU A 36 ? 0.4060 0.3120 0.2640 0.0400  -0.0004 -0.0536 98  GLU A CD  
581  C CD  B GLU A 36 ? 0.3451 0.1979 0.3539 0.0090  0.0111  -0.0246 98  GLU A CD  
582  O OE1 A GLU A 36 ? 0.4033 0.3395 0.2108 0.0721  0.0025  -0.0557 98  GLU A OE1 
583  O OE1 B GLU A 36 ? 0.3369 0.2167 0.3621 0.0226  0.0187  -0.0113 98  GLU A OE1 
584  O OE2 A GLU A 36 ? 0.4367 0.3332 0.2961 0.0458  0.0168  -0.0371 98  GLU A OE2 
585  O OE2 B GLU A 36 ? 0.3774 0.1946 0.3513 0.0324  0.0431  -0.0130 98  GLU A OE2 
598  N N   . TRP A 37 ? 0.2149 0.1068 0.2459 -0.0180 0.0156  0.0291  99  TRP A N   
599  C CA  . TRP A 37 ? 0.2292 0.1630 0.2295 0.0057  0.0323  0.0060  99  TRP A CA  
600  C C   . TRP A 37 ? 0.2139 0.1385 0.2167 -0.0198 0.0615  0.0183  99  TRP A C   
601  O O   . TRP A 37 ? 0.2646 0.1545 0.2869 -0.0160 0.0981  0.0155  99  TRP A O   
602  C CB  . TRP A 37 ? 0.2313 0.1816 0.2290 0.0142  0.0348  0.0054  99  TRP A CB  
603  C CG  . TRP A 37 ? 0.2179 0.1800 0.2282 0.0308  0.0334  0.0180  99  TRP A CG  
604  C CD1 . TRP A 37 ? 0.2446 0.1904 0.2576 0.0377  0.0321  0.0069  99  TRP A CD1 
605  C CD2 . TRP A 37 ? 0.1895 0.1795 0.2394 0.0495  0.0148  0.0244  99  TRP A CD2 
606  N NE1 . TRP A 37 ? 0.2426 0.1923 0.2477 0.0431  0.0219  -0.0162 99  TRP A NE1 
607  C CE2 . TRP A 37 ? 0.2351 0.1770 0.2553 0.0616  0.0139  0.0220  99  TRP A CE2 
608  C CE3 . TRP A 37 ? 0.2590 0.1741 0.2672 0.0309  0.0440  0.0434  99  TRP A CE3 
609  C CZ2 . TRP A 37 ? 0.2631 0.1761 0.2688 0.0774  0.0146  0.0312  99  TRP A CZ2 
610  C CZ3 . TRP A 37 ? 0.2496 0.1825 0.2962 0.0420  0.0349  0.0445  99  TRP A CZ3 
611  C CH2 . TRP A 37 ? 0.2737 0.1865 0.2808 0.0736  0.0274  0.0504  99  TRP A CH2 
622  N N   . TRP A 38 ? 0.1835 0.1261 0.2030 0.0002  0.0391  0.0323  100 TRP A N   
623  C CA  . TRP A 38 ? 0.1566 0.1287 0.2046 -0.0112 0.0160  0.0258  100 TRP A CA  
624  C C   . TRP A 38 ? 0.1282 0.1258 0.1867 -0.0081 0.0002  0.0319  100 TRP A C   
625  O O   . TRP A 38 ? 0.1366 0.1740 0.1933 -0.0024 0.0134  0.0050  100 TRP A O   
626  C CB  . TRP A 38 ? 0.1442 0.1495 0.1985 -0.0026 0.0132  0.0112  100 TRP A CB  
627  C CG  . TRP A 38 ? 0.1408 0.1729 0.2233 -0.0192 -0.0114 -0.0100 100 TRP A CG  
628  C CD1 . TRP A 38 ? 0.1565 0.1963 0.2301 -0.0278 -0.0116 -0.0162 100 TRP A CD1 
629  C CD2 . TRP A 38 ? 0.1725 0.1933 0.2412 -0.0069 -0.0073 0.0015  100 TRP A CD2 
630  N NE1 . TRP A 38 ? 0.1747 0.2123 0.2475 -0.0285 0.0021  -0.0098 100 TRP A NE1 
631  C CE2 . TRP A 38 ? 0.1846 0.2246 0.2351 -0.0266 -0.0184 -0.0240 100 TRP A CE2 
632  C CE3 . TRP A 38 ? 0.1957 0.2067 0.2387 -0.0113 -0.0369 0.0054  100 TRP A CE3 
633  C CZ2 . TRP A 38 ? 0.2247 0.2608 0.2459 -0.0234 -0.0250 -0.0327 100 TRP A CZ2 
634  C CZ3 . TRP A 38 ? 0.2453 0.2368 0.2476 -0.0100 -0.0286 0.0075  100 TRP A CZ3 
635  C CH2 . TRP A 38 ? 0.2405 0.2646 0.2386 -0.0166 -0.0436 -0.0245 100 TRP A CH2 
646  N N   . LYS A 39 ? 0.1034 0.1304 0.2044 -0.0029 0.0119  0.0407  101 LYS A N   
647  C CA  . LYS A 39 ? 0.1211 0.1324 0.1915 0.0099  -0.0019 0.0428  101 LYS A CA  
648  C C   . LYS A 39 ? 0.1094 0.1380 0.1642 0.0098  -0.0052 0.0298  101 LYS A C   
649  O O   . LYS A 39 ? 0.1412 0.1422 0.1824 0.0186  0.0160  0.0436  101 LYS A O   
650  C CB  . LYS A 39 ? 0.1586 0.1257 0.1789 0.0119  0.0385  0.0456  101 LYS A CB  
651  C CG  . LYS A 39 ? 0.2072 0.1552 0.1919 0.0014  0.0261  0.0454  101 LYS A CG  
652  C CD  . LYS A 39 ? 0.2052 0.1557 0.1872 0.0213  0.0074  0.0501  101 LYS A CD  
653  C CE  . LYS A 39 ? 0.2419 0.1486 0.2038 0.0116  0.0158  0.0206  101 LYS A CE  
654  N NZ  . LYS A 39 ? 0.2828 0.1884 0.1992 0.0222  0.0084  0.0229  101 LYS A NZ  
668  N N   . ALA A 40 ? 0.1444 0.1319 0.1546 0.0092  0.0071  0.0270  102 ALA A N   
669  C CA  . ALA A 40 ? 0.1700 0.1158 0.1552 0.0110  0.0163  0.0372  102 ALA A CA  
670  C C   . ALA A 40 ? 0.1370 0.1306 0.1357 0.0210  0.0191  0.0293  102 ALA A C   
671  O O   . ALA A 40 ? 0.1666 0.1349 0.1375 0.0213  0.0194  0.0216  102 ALA A O   
672  C CB  . ALA A 40 ? 0.1925 0.1247 0.1430 0.0120  0.0213  0.0306  102 ALA A CB  
678  N N   . LYS A 41 ? 0.1665 0.0955 0.1509 0.0047  0.0024  0.0311  103 LYS A N   
679  C CA  . LYS A 41 ? 0.1528 0.1234 0.1312 0.0197  0.0076  0.0263  103 LYS A CA  
680  C C   . LYS A 41 ? 0.1372 0.1131 0.1261 0.0164  -0.0030 0.0101  103 LYS A C   
681  O O   . LYS A 41 ? 0.1527 0.1180 0.1441 0.0132  -0.0006 0.0221  103 LYS A O   
682  C CB  . LYS A 41 ? 0.1712 0.1484 0.1521 0.0198  0.0444  0.0087  103 LYS A CB  
683  C CG  . LYS A 41 ? 0.2025 0.1767 0.1790 0.0241  0.0583  -0.0235 103 LYS A CG  
684  C CD  . LYS A 41 ? 0.3022 0.2304 0.2163 0.0441  0.0668  -0.0459 103 LYS A CD  
685  C CE  . LYS A 41 ? 0.3666 0.2935 0.3088 0.0338  0.0883  -0.0340 103 LYS A CE  
686  N NZ  . LYS A 41 ? 0.3698 0.3382 0.3607 0.0374  0.1130  -0.0226 103 LYS A NZ  
700  N N   . SER A 42 ? 0.1333 0.1081 0.1238 0.0035  -0.0001 0.0109  104 SER A N   
701  C CA  . SER A 42 ? 0.1461 0.1144 0.1316 0.0179  0.0182  0.0183  104 SER A CA  
702  C C   . SER A 42 ? 0.1622 0.1239 0.1052 0.0016  -0.0033 0.0150  104 SER A C   
703  O O   . SER A 42 ? 0.1868 0.1400 0.1276 0.0000  -0.0044 0.0145  104 SER A O   
704  C CB  . SER A 42 ? 0.1153 0.1205 0.1535 0.0233  0.0157  0.0137  104 SER A CB  
705  O OG  . SER A 42 ? 0.1429 0.1234 0.1691 0.0078  0.0081  0.0188  104 SER A OG  
711  N N   . LEU A 43 ? 0.1417 0.1214 0.1403 0.0035  0.0013  0.0089  105 LEU A N   
712  C CA  . LEU A 43 ? 0.1523 0.1323 0.1889 0.0197  -0.0101 -0.0010 105 LEU A CA  
713  C C   . LEU A 43 ? 0.1787 0.1038 0.2399 0.0219  0.0084  0.0049  105 LEU A C   
714  O O   . LEU A 43 ? 0.2340 0.1263 0.3317 0.0112  0.0311  -0.0448 105 LEU A O   
715  C CB  . LEU A 43 ? 0.1841 0.1623 0.1977 0.0478  -0.0147 0.0036  105 LEU A CB  
716  C CG  . LEU A 43 ? 0.1735 0.2342 0.2227 0.0536  -0.0406 -0.0139 105 LEU A CG  
717  C CD1 . LEU A 43 ? 0.2098 0.2767 0.2510 0.0667  -0.0488 -0.0225 105 LEU A CD1 
718  C CD2 . LEU A 43 ? 0.1921 0.2494 0.2445 0.0275  -0.0412 -0.0063 105 LEU A CD2 
730  N N   . LEU A 44 ? 0.1806 0.1225 0.1967 -0.0047 -0.0166 0.0248  106 LEU A N   
731  C CA  . LEU A 44 ? 0.2159 0.1301 0.1955 -0.0298 -0.0240 0.0265  106 LEU A CA  
732  C C   . LEU A 44 ? 0.2355 0.1210 0.2030 -0.0164 -0.0163 0.0215  106 LEU A C   
733  O O   . LEU A 44 ? 0.3012 0.1435 0.2240 -0.0135 -0.0171 -0.0138 106 LEU A O   
734  C CB  . LEU A 44 ? 0.1928 0.1552 0.2085 -0.0451 -0.0233 0.0423  106 LEU A CB  
735  C CG  . LEU A 44 ? 0.1971 0.1652 0.2635 -0.0307 -0.0161 0.0488  106 LEU A CG  
736  C CD1 . LEU A 44 ? 0.2145 0.1698 0.2994 -0.0393 0.0005  0.0536  106 LEU A CD1 
737  C CD2 . LEU A 44 ? 0.2177 0.1876 0.2820 -0.0343 0.0060  0.0478  106 LEU A CD2 
749  N N   . THR A 45 ? 0.2122 0.1404 0.1768 -0.0232 -0.0211 0.0102  107 THR A N   
750  C CA  . THR A 45 ? 0.1961 0.1742 0.1691 -0.0203 -0.0398 0.0153  107 THR A CA  
751  C C   . THR A 45 ? 0.2337 0.1778 0.1655 -0.0134 -0.0227 -0.0153 107 THR A C   
752  O O   . THR A 45 ? 0.2739 0.2046 0.1607 -0.0132 -0.0197 -0.0251 107 THR A O   
753  C CB  . THR A 45 ? 0.1898 0.1924 0.1818 -0.0289 -0.0119 0.0447  107 THR A CB  
754  O OG1 . THR A 45 ? 0.1727 0.2033 0.1763 -0.0142 -0.0076 0.0368  107 THR A OG1 
755  C CG2 . THR A 45 ? 0.1557 0.2142 0.2007 -0.0364 -0.0251 0.0631  107 THR A CG2 
763  N N   . LYS A 46 ? 0.2179 0.1576 0.1635 0.0114  -0.0023 -0.0002 108 LYS A N   
764  C CA  . LYS A 46 ? 0.2196 0.1584 0.1579 -0.0011 0.0188  -0.0200 108 LYS A CA  
765  C C   . LYS A 46 ? 0.2540 0.1674 0.1261 -0.0081 0.0086  0.0045  108 LYS A C   
766  O O   . LYS A 46 ? 0.2869 0.2054 0.1597 0.0241  0.0530  0.0222  108 LYS A O   
767  C CB  . LYS A 46 ? 0.2687 0.1732 0.1998 0.0297  0.0210  -0.0353 108 LYS A CB  
768  C CG  . LYS A 46 ? 0.3203 0.1976 0.2563 0.0484  0.0494  -0.0382 108 LYS A CG  
769  C CD  . LYS A 46 ? 0.3753 0.2303 0.3143 0.0654  0.0707  -0.0227 108 LYS A CD  
770  C CE  . LYS A 46 ? 0.4142 0.2621 0.3402 0.0813  0.0528  -0.0146 108 LYS A CE  
771  N NZ  . LYS A 46 ? 0.4484 0.2658 0.3483 0.0775  0.0547  -0.0040 108 LYS A NZ  
785  N N   A LYS A 47 ? 0.2439 0.1673 0.1378 -0.0003 0.0150  0.0140  109 LYS A N   
786  N N   B LYS A 47 ? 0.2217 0.1621 0.1188 0.0084  0.0044  0.0187  109 LYS A N   
787  C CA  A LYS A 47 ? 0.2385 0.1810 0.1595 -0.0023 0.0253  0.0132  109 LYS A CA  
788  C CA  B LYS A 47 ? 0.2313 0.1744 0.1341 0.0073  0.0138  0.0144  109 LYS A CA  
789  C C   A LYS A 47 ? 0.2294 0.1540 0.1349 0.0060  0.0174  0.0274  109 LYS A C   
790  C C   B LYS A 47 ? 0.2188 0.1555 0.1156 0.0161  0.0077  0.0207  109 LYS A C   
791  O O   A LYS A 47 ? 0.2118 0.1430 0.1380 0.0059  0.0179  0.0389  109 LYS A O   
792  O O   B LYS A 47 ? 0.1962 0.1617 0.1148 0.0199  -0.0023 0.0225  109 LYS A O   
793  C CB  A LYS A 47 ? 0.2287 0.2168 0.1955 -0.0064 0.0282  0.0087  109 LYS A CB  
794  C CB  B LYS A 47 ? 0.2348 0.2036 0.1470 0.0096  -0.0149 0.0124  109 LYS A CB  
795  C CG  A LYS A 47 ? 0.2328 0.2441 0.2328 -0.0031 0.0347  0.0134  109 LYS A CG  
796  C CG  B LYS A 47 ? 0.2417 0.2236 0.1773 0.0222  -0.0280 0.0380  109 LYS A CG  
797  C CD  A LYS A 47 ? 0.2579 0.2733 0.2578 0.0093  0.0371  0.0114  109 LYS A CD  
798  C CD  B LYS A 47 ? 0.2571 0.2498 0.1963 0.0352  -0.0188 0.0608  109 LYS A CD  
799  C CE  A LYS A 47 ? 0.2885 0.2728 0.2644 -0.0001 0.0437  0.0014  109 LYS A CE  
800  C CE  B LYS A 47 ? 0.2802 0.2778 0.1927 0.0692  -0.0139 0.1037  109 LYS A CE  
801  N NZ  A LYS A 47 ? 0.3087 0.2813 0.2772 0.0057  0.0659  0.0068  109 LYS A NZ  
802  N NZ  B LYS A 47 ? 0.2979 0.3191 0.2023 0.0817  -0.0040 0.1002  109 LYS A NZ  
829  N N   . GLU A 48 ? 0.2446 0.1531 0.1232 0.0056  0.0006  0.0332  110 GLU A N   
830  C CA  . GLU A 48 ? 0.2301 0.1509 0.1541 0.0000  -0.0217 0.0256  110 GLU A CA  
831  C C   . GLU A 48 ? 0.2021 0.1573 0.1468 0.0101  -0.0443 0.0404  110 GLU A C   
832  O O   . GLU A 48 ? 0.2364 0.1519 0.1781 0.0039  -0.0253 0.0305  110 GLU A O   
833  C CB  . GLU A 48 ? 0.2381 0.1847 0.1721 0.0222  -0.0152 0.0084  110 GLU A CB  
834  C CG  . GLU A 48 ? 0.2934 0.2065 0.2328 0.0529  0.0273  0.0192  110 GLU A CG  
835  C CD  . GLU A 48 ? 0.3412 0.2640 0.2643 0.0866  0.0541  0.0158  110 GLU A CD  
836  O OE1 . GLU A 48 ? 0.3541 0.2802 0.2374 0.0631  0.0645  0.0261  110 GLU A OE1 
837  O OE2 . GLU A 48 ? 0.3754 0.2981 0.3105 0.0922  0.0728  0.0000  110 GLU A OE2 
844  N N   . GLY A 49 ? 0.1703 0.1416 0.1490 0.0000  0.0130  0.0218  111 GLY A N   
845  C CA  . GLY A 49 ? 0.1455 0.1382 0.1652 0.0196  0.0017  0.0346  111 GLY A CA  
846  C C   . GLY A 49 ? 0.1199 0.1482 0.1454 0.0225  -0.0075 0.0333  111 GLY A C   
847  O O   . GLY A 49 ? 0.1455 0.1484 0.1719 0.0336  -0.0104 0.0214  111 GLY A O   
851  N N   . PHE A 50 ? 0.1153 0.1233 0.1590 0.0190  0.0190  0.0382  112 PHE A N   
852  C CA  . PHE A 50 ? 0.1108 0.1227 0.1738 0.0120  0.0205  0.0303  112 PHE A CA  
853  C C   . PHE A 50 ? 0.0977 0.1302 0.1713 0.0009  0.0302  0.0243  112 PHE A C   
854  O O   . PHE A 50 ? 0.1407 0.1599 0.1415 0.0010  0.0317  0.0169  112 PHE A O   
855  C CB  . PHE A 50 ? 0.1268 0.1381 0.2091 0.0312  0.0257  0.0472  112 PHE A CB  
856  C CG  . PHE A 50 ? 0.1549 0.1568 0.2001 0.0149  0.0066  0.0701  112 PHE A CG  
857  C CD1 . PHE A 50 ? 0.1291 0.1874 0.2354 0.0165  -0.0022 0.0611  112 PHE A CD1 
858  C CD2 . PHE A 50 ? 0.1824 0.1987 0.1788 -0.0073 0.0003  0.0580  112 PHE A CD2 
859  C CE1 . PHE A 50 ? 0.1411 0.1836 0.2569 -0.0036 0.0042  0.0566  112 PHE A CE1 
860  C CE2 . PHE A 50 ? 0.1908 0.2252 0.2075 0.0040  -0.0031 0.0617  112 PHE A CE2 
861  C CZ  . PHE A 50 ? 0.1741 0.2286 0.2237 0.0188  0.0055  0.0617  112 PHE A CZ  
871  N N   . ILE A 51 ? 0.1281 0.1315 0.1486 0.0022  0.0101  0.0153  113 ILE A N   
872  C CA  . ILE A 51 ? 0.1434 0.1149 0.1632 0.0001  0.0096  -0.0013 113 ILE A CA  
873  C C   . ILE A 51 ? 0.1393 0.1085 0.1806 -0.0094 0.0213  0.0075  113 ILE A C   
874  O O   . ILE A 51 ? 0.1633 0.1177 0.1792 -0.0039 0.0144  0.0007  113 ILE A O   
875  C CB  . ILE A 51 ? 0.1565 0.1239 0.1717 0.0056  0.0243  -0.0044 113 ILE A CB  
876  C CG1 . ILE A 51 ? 0.1722 0.1359 0.1583 0.0206  0.0046  0.0033  113 ILE A CG1 
877  C CG2 . ILE A 51 ? 0.1742 0.1361 0.1480 -0.0014 0.0198  -0.0076 113 ILE A CG2 
878  C CD1 . ILE A 51 ? 0.2082 0.1508 0.1753 0.0200  0.0094  0.0092  113 ILE A CD1 
890  N N   . PRO A 52 ? 0.1822 0.1090 0.1707 -0.0070 0.0450  -0.0215 114 PRO A N   
891  C CA  . PRO A 52 ? 0.1911 0.1054 0.1997 0.0125  0.0531  -0.0119 114 PRO A CA  
892  C C   . PRO A 52 ? 0.1830 0.1067 0.1865 -0.0044 0.0410  -0.0149 114 PRO A C   
893  O O   . PRO A 52 ? 0.2060 0.1122 0.1945 -0.0152 0.0214  -0.0198 114 PRO A O   
894  C CB  . PRO A 52 ? 0.2004 0.1357 0.2079 0.0134  0.0633  -0.0179 114 PRO A CB  
895  C CG  . PRO A 52 ? 0.1657 0.1669 0.1970 0.0061  0.0339  -0.0380 114 PRO A CG  
896  C CD  . PRO A 52 ? 0.1718 0.1350 0.1943 -0.0145 0.0488  -0.0171 114 PRO A CD  
904  N N   . SER A 53 ? 0.1950 0.1418 0.1824 -0.0243 0.0477  -0.0154 115 SER A N   
905  C CA  . SER A 53 ? 0.1869 0.1608 0.1949 -0.0025 0.0172  -0.0237 115 SER A CA  
906  C C   . SER A 53 ? 0.1497 0.1371 0.2170 0.0193  0.0276  -0.0300 115 SER A C   
907  O O   . SER A 53 ? 0.1916 0.1462 0.2358 0.0263  -0.0078 -0.0377 115 SER A O   
908  C CB  . SER A 53 ? 0.2004 0.1742 0.2579 -0.0154 0.0308  0.0110  115 SER A CB  
909  O OG  . SER A 53 ? 0.2012 0.1810 0.2967 -0.0450 0.0187  -0.0106 115 SER A OG  
915  N N   . ASN A 54 ? 0.1885 0.1311 0.2027 -0.0090 0.0137  -0.0467 116 ASN A N   
916  C CA  . ASN A 54 ? 0.2386 0.1355 0.2148 -0.0310 0.0285  -0.0731 116 ASN A CA  
917  C C   . ASN A 54 ? 0.2323 0.1329 0.1782 -0.0238 0.0277  -0.0674 116 ASN A C   
918  O O   . ASN A 54 ? 0.2809 0.1839 0.1547 -0.0167 0.0385  -0.0440 116 ASN A O   
919  C CB  . ASN A 54 ? 0.2972 0.1773 0.2350 -0.0531 0.0802  -0.0958 116 ASN A CB  
920  C CG  . ASN A 54 ? 0.4475 0.2488 0.3216 -0.0254 0.1139  -0.0782 116 ASN A CG  
921  O OD1 . ASN A 54 ? 0.4845 0.2677 0.3897 -0.0280 0.1377  -0.0707 116 ASN A OD1 
922  N ND2 . ASN A 54 ? 0.5207 0.2625 0.3321 -0.0088 0.1184  -0.0822 116 ASN A ND2 
929  N N   . TYR A 55 ? 0.1868 0.1251 0.1764 -0.0037 0.0340  -0.0335 117 TYR A N   
930  C CA  . TYR A 55 ? 0.1889 0.1001 0.1581 -0.0082 0.0192  -0.0231 117 TYR A CA  
931  C C   . TYR A 55 ? 0.1898 0.1016 0.1655 -0.0111 0.0116  -0.0167 117 TYR A C   
932  O O   . TYR A 55 ? 0.2001 0.1140 0.1936 -0.0065 0.0306  0.0012  117 TYR A O   
933  C CB  . TYR A 55 ? 0.1841 0.0968 0.1595 0.0177  0.0166  -0.0183 117 TYR A CB  
934  C CG  . TYR A 55 ? 0.1935 0.1081 0.1862 0.0131  0.0363  -0.0128 117 TYR A CG  
935  C CD1 . TYR A 55 ? 0.2166 0.1260 0.2240 0.0144  0.0578  -0.0025 117 TYR A CD1 
936  C CD2 . TYR A 55 ? 0.2174 0.1170 0.2287 -0.0013 0.0554  -0.0201 117 TYR A CD2 
937  C CE1 . TYR A 55 ? 0.2190 0.1646 0.2653 0.0416  0.0562  0.0107  117 TYR A CE1 
938  C CE2 . TYR A 55 ? 0.2060 0.1435 0.2630 0.0104  0.0610  -0.0383 117 TYR A CE2 
939  C CZ  . TYR A 55 ? 0.1971 0.1804 0.2906 0.0285  0.0809  -0.0286 117 TYR A CZ  
940  O OH  . TYR A 55 ? 0.1964 0.2267 0.3536 0.0414  0.1112  -0.0243 117 TYR A OH  
950  N N   . VAL A 56 ? 0.1713 0.1056 0.1669 -0.0039 0.0067  -0.0094 118 VAL A N   
951  C CA  . VAL A 56 ? 0.1784 0.1197 0.1715 0.0028  -0.0043 -0.0267 118 VAL A CA  
952  C C   . VAL A 56 ? 0.1946 0.1300 0.1684 -0.0005 -0.0134 -0.0255 118 VAL A C   
953  O O   . VAL A 56 ? 0.2170 0.1359 0.2104 -0.0127 -0.0081 -0.0433 118 VAL A O   
954  C CB  . VAL A 56 ? 0.1705 0.1156 0.1838 -0.0156 0.0068  -0.0061 118 VAL A CB  
955  C CG1 . VAL A 56 ? 0.1752 0.1384 0.1751 -0.0264 0.0016  0.0111  118 VAL A CG1 
956  C CG2 . VAL A 56 ? 0.1725 0.1360 0.1965 0.0067  0.0200  -0.0133 118 VAL A CG2 
966  N N   . ALA A 57 ? 0.1805 0.1315 0.1825 0.0156  -0.0308 -0.0412 119 ALA A N   
967  C CA  . ALA A 57 ? 0.2285 0.1833 0.1652 0.0404  -0.0415 -0.0570 119 ALA A CA  
968  C C   . ALA A 57 ? 0.1935 0.1581 0.1607 0.0034  -0.0461 -0.0561 119 ALA A C   
969  O O   . ALA A 57 ? 0.1755 0.1414 0.1691 0.0054  -0.0197 -0.0333 119 ALA A O   
970  C CB  . ALA A 57 ? 0.2844 0.2446 0.1520 0.0593  -0.0385 -0.0406 119 ALA A CB  
976  N N   . LYS A 58 ? 0.1798 0.1688 0.2119 -0.0116 -0.0365 -0.0467 120 LYS A N   
977  C CA  . LYS A 58 ? 0.1782 0.1985 0.2189 -0.0041 -0.0397 -0.0380 120 LYS A CA  
978  C C   . LYS A 58 ? 0.1608 0.1972 0.1832 0.0186  -0.0123 -0.0330 120 LYS A C   
979  O O   . LYS A 58 ? 0.2136 0.2160 0.1886 0.0406  -0.0160 -0.0267 120 LYS A O   
980  C CB  . LYS A 58 ? 0.3022 0.2348 0.2848 -0.0174 -0.0226 -0.0409 120 LYS A CB  
981  C CG  . LYS A 58 ? 0.4721 0.3156 0.3577 0.0139  0.0426  -0.0022 120 LYS A CG  
982  C CD  . LYS A 58 ? 0.5600 0.3685 0.4123 0.0390  0.0669  0.0257  120 LYS A CD  
983  C CE  . LYS A 58 ? 0.6376 0.3933 0.4406 0.0500  0.0858  0.0314  120 LYS A CE  
984  N NZ  . LYS A 58 ? 0.6799 0.4152 0.4620 0.0459  0.1121  0.0238  120 LYS A NZ  
998  N N   . LEU A 59 ? 0.1671 0.1762 0.1863 0.0459  -0.0392 -0.0163 121 LEU A N   
999  C CA  . LEU A 59 ? 0.3367 0.1835 0.2339 0.0664  0.0301  0.0085  121 LEU A CA  
1000 C C   . LEU A 59 ? 0.3597 0.2783 0.2416 0.1285  -0.0491 0.0057  121 LEU A C   
1001 O O   . LEU A 59 ? 0.5044 0.3082 0.2905 0.1082  0.0448  0.0168  121 LEU A O   
1002 C CB  . LEU A 59 ? 0.3482 0.1861 0.2504 0.0235  0.0595  0.0461  121 LEU A CB  
1003 C CG  . LEU A 59 ? 0.2565 0.2277 0.2506 -0.0027 -0.0025 0.0185  121 LEU A CG  
1004 C CD1 . LEU A 59 ? 0.2572 0.2771 0.2658 0.0201  -0.0035 0.0193  121 LEU A CD1 
1005 C CD2 . LEU A 59 ? 0.2314 0.2444 0.2230 -0.0025 -0.0681 0.0043  121 LEU A CD2 
1017 N N   . ASN A 60 ? 0.3879 0.4206 0.3073 0.1472  -0.0299 -0.0408 122 ASN A N   
1018 C CA  . ASN A 60 ? 0.5168 0.5332 0.3656 0.1589  0.0546  -0.0685 122 ASN A CA  
1019 C C   . ASN A 60 ? 0.5677 0.5789 0.3969 0.1483  0.0583  -0.0596 122 ASN A C   
1020 O O   . ASN A 60 ? 0.6238 0.6229 0.4330 0.1452  0.0792  -0.0373 122 ASN A O   
1021 C CB  . ASN A 60 ? 0.5191 0.5827 0.3966 0.1602  0.1166  -0.0898 122 ASN A CB  
1022 C CG  . ASN A 60 ? 0.5568 0.6039 0.4419 0.1591  0.1694  -0.1001 122 ASN A CG  
1023 O OD1 . ASN A 60 ? 0.5825 0.5908 0.4646 0.1524  0.1626  -0.1008 122 ASN A OD1 
1024 N ND2 . ASN A 60 ? 0.5742 0.6158 0.4648 0.1569  0.1930  -0.1018 122 ASN A ND2 
1031 N N   A THR A 61 ? 0.5579 0.5819 0.3960 0.1425  0.0232  -0.0593 123 THR A N   
1032 C CA  A THR A 61 ? 0.5242 0.5746 0.4126 0.1314  -0.0085 -0.0532 123 THR A CA  
1033 C C   A THR A 61 ? 0.5205 0.5488 0.4511 0.1102  -0.0500 -0.0114 123 THR A C   
1034 O O   A THR A 61 ? 0.4872 0.5583 0.4630 0.1340  -0.0561 0.0133  123 THR A O   
1035 C CB  A THR A 61 ? 0.5106 0.5926 0.3783 0.1581  -0.0139 -0.0847 123 THR A CB  
1036 O OG1 A THR A 61 ? 0.4770 0.6076 0.3599 0.1731  -0.0282 -0.1096 123 THR A OG1 
1037 C CG2 A THR A 61 ? 0.5099 0.5765 0.3415 0.1439  -0.0053 -0.1002 123 THR A CG2 
1045 N N   A LEU A 62 ? 0.5416 0.5066 0.4718 0.0702  -0.0960 0.0022  124 LEU A N   
1046 C CA  A LEU A 62 ? 0.5858 0.4767 0.5073 0.0491  -0.1288 0.0326  124 LEU A CA  
1047 C C   A LEU A 62 ? 0.6376 0.4607 0.5609 0.0293  -0.1047 0.0726  124 LEU A C   
1048 O O   A LEU A 62 ? 0.6200 0.4515 0.5588 0.0213  -0.1279 0.0792  124 LEU A O   
1049 C CB  A LEU A 62 ? 0.5829 0.4630 0.4940 0.0444  -0.1800 0.0266  124 LEU A CB  
1050 C CG  A LEU A 62 ? 0.5878 0.4526 0.4911 0.0404  -0.2181 0.0213  124 LEU A CG  
1051 C CD1 A LEU A 62 ? 0.6337 0.4410 0.4907 0.0323  -0.1990 0.0255  124 LEU A CD1 
1052 C CD2 A LEU A 62 ? 0.5733 0.4508 0.4927 0.0432  -0.2498 0.0156  124 LEU A CD2 
1064 N N   . GLU A 63 ? 0.7032 0.4493 0.6121 0.0163  -0.0739 0.1007  125 GLU A N   
1065 C CA  . GLU A 63 ? 0.7451 0.4475 0.6683 0.0078  -0.0411 0.1303  125 GLU A CA  
1066 C C   . GLU A 63 ? 0.8241 0.4810 0.7184 0.0180  0.0331  0.1627  125 GLU A C   
1067 O O   . GLU A 63 ? 0.8265 0.4814 0.7311 0.0320  0.0303  0.1851  125 GLU A O   
1068 C CB  . GLU A 63 ? 0.6937 0.3943 0.6678 -0.0237 -0.0939 0.1289  125 GLU A CB  
1069 C CG  . GLU A 63 ? 0.6649 0.3141 0.6565 -0.0649 -0.1693 0.1365  125 GLU A CG  
1070 C CD  . GLU A 63 ? 0.5946 0.2790 0.6411 -0.0835 -0.2576 0.1427  125 GLU A CD  
1071 O OE1 . GLU A 63 ? 0.5691 0.2702 0.6121 -0.0991 -0.3295 0.1092  125 GLU A OE1 
1072 O OE2 . GLU A 63 ? 0.5554 0.2755 0.6181 -0.1074 -0.2910 0.1303  125 GLU A OE2 
1079 O O   . HOH B .  ? 0.4086 0.3017 0.6771 0.0511  0.0284  0.1435  201 HOH A O   
1080 O O   . HOH B .  ? 0.6942 0.4692 0.2122 -0.0869 0.0114  -0.0926 202 HOH A O   
1081 O O   . HOH B .  ? 0.4080 0.3891 0.1770 0.1949  0.0360  0.0699  203 HOH A O   
1082 O O   . HOH B .  ? 0.4645 0.3042 0.2924 0.1155  0.0686  0.0706  204 HOH A O   
1083 O O   . HOH B .  ? 0.3618 0.2375 0.2118 0.1251  0.1048  0.0783  205 HOH A O   
1084 O O   . HOH B .  ? 0.6660 0.2640 0.2349 -0.1871 -0.0912 0.0297  206 HOH A O   
1085 O O   . HOH B .  ? 0.4761 0.4581 0.4267 0.0399  -0.1121 0.1004  207 HOH A O   
1086 O O   . HOH B .  ? 0.1921 0.2216 0.2016 0.0262  0.0254  -0.0525 208 HOH A O   
1087 O O   . HOH B .  ? 0.2358 0.2798 0.6152 -0.0038 0.0975  -0.1749 209 HOH A O   
1088 O O   . HOH B .  ? 0.3886 0.4514 0.2010 0.0907  0.0148  0.0833  210 HOH A O   
1089 O O   . HOH B .  ? 0.2234 0.2495 0.3339 -0.0739 0.0143  0.0176  211 HOH A O   
1091 O O   . HOH B .  ? 0.2441 0.1941 0.2338 -0.0135 0.0635  -0.0073 213 HOH A O   
1092 O O   . HOH B .  ? 0.3399 0.6760 0.4531 0.0128  0.1169  -0.0737 214 HOH A O   
1093 O O   . HOH B .  ? 0.2343 0.2029 0.2202 -0.0322 -0.0314 0.0571  215 HOH A O   
1096 O O   . HOH B .  ? 0.3659 0.4048 0.3572 0.0157  0.0467  -0.1203 218 HOH A O   
1097 O O   . HOH B .  ? 0.1658 0.2460 0.5091 -0.0536 -0.0322 0.0994  219 HOH A O   
1098 O O   . HOH B .  ? 0.2505 0.2901 0.4624 0.0633  -0.0088 0.0793  220 HOH A O   
1099 O O   . HOH B .  ? 0.4701 0.2799 0.2120 0.0509  -0.0129 0.0600  221 HOH A O   
1100 O O   . HOH B .  ? 0.2005 0.2023 0.2854 -0.0101 0.0558  0.0081  222 HOH A O   
1101 O O   . HOH B .  ? 0.5634 0.1900 0.5542 -0.0839 -0.0515 0.0142  223 HOH A O   
1103 O O   . HOH B .  ? 0.2630 0.3645 0.1979 0.0662  0.0071  -0.0079 225 HOH A O   
1105 O O   . HOH B .  ? 0.2767 0.5027 0.3202 0.1429  0.0208  -0.1447 227 HOH A O   
1108 O O   . HOH B .  ? 0.1267 0.0974 0.1191 -0.0082 -0.0220 0.0193  230 HOH A O   
1109 O O   . HOH B .  ? 0.4791 0.1982 0.5159 0.0354  0.2728  0.0302  231 HOH A O   
1110 O O   . HOH B .  ? 0.1151 0.0593 0.1607 0.0088  0.0133  0.0409  232 HOH A O   
1111 O O   . HOH B .  ? 0.5624 0.2763 0.1702 -0.0480 -0.0916 0.0265  233 HOH A O   
1114 O O   . HOH B .  ? 0.5724 0.4408 0.3456 0.2051  0.0204  0.0177  236 HOH A O   
1115 O O   . HOH B .  ? 0.3135 0.6234 0.4160 -0.1261 -0.1034 0.2813  237 HOH A O   
# 
loop_
_pdbx_poly_seq_scheme.asym_id 
_pdbx_poly_seq_scheme.entity_id 
_pdbx_poly_seq_scheme.seq_id 
_pdbx_poly_seq_scheme.mon_id 
_pdbx_poly_seq_scheme.ndb_seq_num 
_pdbx_poly_seq_scheme.pdb_seq_num 
_pdbx_poly_seq_scheme.auth_seq_num 
_pdbx_poly_seq_scheme.pdb_mon_id 
_pdbx_poly_seq_scheme.auth_mon_id 
_pdbx_poly_seq_scheme.pdb_strand_id 
_pdbx_poly_seq_scheme.pdb_ins_code 
_pdbx_poly_seq_scheme.hetero 
A 1 1  GLU 1  63  63  GLU GLU A . n 
A 1 2  GLN 2  64  64  GLN GLN A . n 
A 1 3  GLY 3  65  65  GLY GLY A . n 
A 1 4  ASP 4  66  66  ASP ASP A . n 
A 1 5  ILE 5  67  67  ILE ILE A . n 
A 1 6  VAL 6  68  68  VAL VAL A . n 
A 1 7  VAL 7  69  69  VAL VAL A . n 
A 1 8  ALA 8  70  70  ALA ALA A . n 
A 1 9  LEU 9  71  71  LEU LEU A . n 
A 1 10 TYR 10 72  72  TYR TYR A . n 
A 1 11 PRO 11 73  73  PRO PRO A . n 
A 1 12 TYR 12 74  74  TYR TYR A . n 
A 1 13 ASP 13 75  75  ASP ASP A . n 
A 1 14 GLY 14 76  76  GLY GLY A . n 
A 1 15 ILE 15 77  77  ILE ILE A . n 
A 1 16 HIS 16 78  78  HIS HIS A . n 
A 1 17 PRO 17 79  79  PRO PRO A . n 
A 1 18 ASP 18 80  80  ASP ASP A . n 
A 1 19 ASP 19 81  81  ASP ASP A . n 
A 1 20 LEU 20 82  82  LEU LEU A . n 
A 1 21 SER 21 83  83  SER SER A . n 
A 1 22 PHE 22 84  84  PHE PHE A . n 
A 1 23 LYS 23 85  85  LYS LYS A . n 
A 1 24 LYS 24 86  86  LYS LYS A . n 
A 1 25 GLY 25 87  87  GLY GLY A . n 
A 1 26 GLU 26 88  88  GLU GLU A . n 
A 1 27 LYS 27 89  89  LYS LYS A . n 
A 1 28 MET 28 90  90  MET MET A . n 
A 1 29 LYS 29 91  91  LYS LYS A . n 
A 1 30 VAL 30 92  92  VAL VAL A . n 
A 1 31 LEU 31 93  93  LEU LEU A . n 
A 1 32 GLU 32 94  94  GLU GLU A . n 
A 1 33 GLU 33 95  95  GLU GLU A . n 
A 1 34 HIS 34 96  96  HIS HIS A . n 
A 1 35 GLY 35 97  97  GLY GLY A . n 
A 1 36 GLU 36 98  98  GLU GLU A . n 
A 1 37 TRP 37 99  99  TRP TRP A . n 
A 1 38 TRP 38 100 100 TRP TRP A . n 
A 1 39 LYS 39 101 101 LYS LYS A . n 
A 1 40 ALA 40 102 102 ALA ALA A . n 
A 1 41 LYS 41 103 103 LYS LYS A . n 
A 1 42 SER 42 104 104 SER SER A . n 
A 1 43 LEU 43 105 105 LEU LEU A . n 
A 1 44 LEU 44 106 106 LEU LEU A . n 
A 1 45 THR 45 107 107 THR THR A . n 
A 1 46 LYS 46 108 108 LYS LYS A . n 
A 1 47 LYS 47 109 109 LYS LYS A . n 
A 1 48 GLU 48 110 110 GLU GLU A . n 
A 1 49 GLY 49 111 111 GLY GLY A . n 
A 1 50 PHE 50 112 112 PHE PHE A . n 
A 1 51 ILE 51 113 113 ILE ILE A . n 
A 1 52 PRO 52 114 114 PRO PRO A . n 
A 1 53 SER 53 115 115 SER SER A . n 
A 1 54 ASN 54 116 116 ASN ASN A . n 
A 1 55 TYR 55 117 117 TYR TYR A . n 
A 1 56 VAL 56 118 118 VAL VAL A . n 
A 1 57 ALA 57 119 119 ALA ALA A . n 
A 1 58 LYS 58 120 120 LYS LYS A . n 
A 1 59 LEU 59 121 121 LEU LEU A . n 
A 1 60 ASN 60 122 122 ASN ASN A . n 
A 1 61 THR 61 123 123 THR THR A . n 
A 1 62 LEU 62 124 124 LEU LEU A . n 
A 1 63 GLU 63 125 125 GLU GLU A . n 
A 1 64 HIS 64 126 ?   ?   ?   A . n 
A 1 65 HIS 65 127 ?   ?   ?   A . n 
A 1 66 HIS 66 128 ?   ?   ?   A . n 
A 1 67 HIS 67 129 ?   ?   ?   A . n 
A 1 68 HIS 68 130 ?   ?   ?   A . n 
A 1 69 HIS 69 131 ?   ?   ?   A . n 
# 
loop_
_pdbx_nonpoly_scheme.asym_id 
_pdbx_nonpoly_scheme.entity_id 
_pdbx_nonpoly_scheme.mon_id 
_pdbx_nonpoly_scheme.ndb_seq_num 
_pdbx_nonpoly_scheme.pdb_seq_num 
_pdbx_nonpoly_scheme.auth_seq_num 
_pdbx_nonpoly_scheme.pdb_mon_id 
_pdbx_nonpoly_scheme.auth_mon_id 
_pdbx_nonpoly_scheme.pdb_strand_id 
_pdbx_nonpoly_scheme.pdb_ins_code 
B 2 HOH 1  201 27 HOH HOH A . 
B 2 HOH 2  202 30 HOH HOH A . 
B 2 HOH 3  203 9  HOH HOH A . 
B 2 HOH 4  204 18 HOH HOH A . 
B 2 HOH 5  205 5  HOH HOH A . 
B 2 HOH 6  206 25 HOH HOH A . 
B 2 HOH 7  207 23 HOH HOH A . 
B 2 HOH 8  208 3  HOH HOH A . 
B 2 HOH 9  209 16 HOH HOH A . 
B 2 HOH 10 210 17 HOH HOH A . 
B 2 HOH 11 211 13 HOH HOH A . 
B 2 HOH 12 212 35 HOH HOH A . 
B 2 HOH 13 213 6  HOH HOH A . 
B 2 HOH 14 214 29 HOH HOH A . 
B 2 HOH 15 215 4  HOH HOH A . 
B 2 HOH 16 216 50 HOH HOH A . 
B 2 HOH 17 217 34 HOH HOH A . 
B 2 HOH 18 218 19 HOH HOH A . 
B 2 HOH 19 219 7  HOH HOH A . 
B 2 HOH 20 220 26 HOH HOH A . 
B 2 HOH 21 221 14 HOH HOH A . 
B 2 HOH 22 222 8  HOH HOH A . 
B 2 HOH 23 223 21 HOH HOH A . 
B 2 HOH 24 224 49 HOH HOH A . 
B 2 HOH 25 225 15 HOH HOH A . 
B 2 HOH 26 226 33 HOH HOH A . 
B 2 HOH 27 227 11 HOH HOH A . 
B 2 HOH 28 228 54 HOH HOH A . 
B 2 HOH 29 229 45 HOH HOH A . 
B 2 HOH 30 230 2  HOH HOH A . 
B 2 HOH 31 231 12 HOH HOH A . 
B 2 HOH 32 232 1  HOH HOH A . 
B 2 HOH 33 233 10 HOH HOH A . 
B 2 HOH 34 234 37 HOH HOH A . 
B 2 HOH 35 235 48 HOH HOH A . 
B 2 HOH 36 236 20 HOH HOH A . 
B 2 HOH 37 237 22 HOH HOH A . 
B 2 HOH 38 238 46 HOH HOH A . 
B 2 HOH 39 239 62 HOH HOH A . 
B 2 HOH 40 240 38 HOH HOH A . 
# 
_pdbx_struct_assembly.id                   1 
_pdbx_struct_assembly.details              author_defined_assembly 
_pdbx_struct_assembly.method_details       ? 
_pdbx_struct_assembly.oligomeric_details   monomeric 
_pdbx_struct_assembly.oligomeric_count     1 
# 
_pdbx_struct_assembly_gen.assembly_id       1 
_pdbx_struct_assembly_gen.oper_expression   1 
_pdbx_struct_assembly_gen.asym_id_list      A,B 
# 
loop_
_pdbx_struct_assembly_prop.biol_id 
_pdbx_struct_assembly_prop.type 
_pdbx_struct_assembly_prop.value 
_pdbx_struct_assembly_prop.details 
1 'ABSA (A^2)' 0    ? 
1 MORE         0    ? 
1 'SSA (A^2)'  4260 ? 
# 
_pdbx_struct_oper_list.id                   1 
_pdbx_struct_oper_list.type                 'identity operation' 
_pdbx_struct_oper_list.name                 1_555 
_pdbx_struct_oper_list.symmetry_operation   x,y,z 
_pdbx_struct_oper_list.matrix[1][1]         1.0000000000 
_pdbx_struct_oper_list.matrix[1][2]         0.0000000000 
_pdbx_struct_oper_list.matrix[1][3]         0.0000000000 
_pdbx_struct_oper_list.vector[1]            0.0000000000 
_pdbx_struct_oper_list.matrix[2][1]         0.0000000000 
_pdbx_struct_oper_list.matrix[2][2]         1.0000000000 
_pdbx_struct_oper_list.matrix[2][3]         0.0000000000 
_pdbx_struct_oper_list.vector[2]            0.0000000000 
_pdbx_struct_oper_list.matrix[3][1]         0.0000000000 
_pdbx_struct_oper_list.matrix[3][2]         0.0000000000 
_pdbx_struct_oper_list.matrix[3][3]         1.0000000000 
_pdbx_struct_oper_list.vector[3]            0.0000000000 
# 
loop_
_pdbx_audit_revision_history.ordinal 
_pdbx_audit_revision_history.data_content_type 
_pdbx_audit_revision_history.major_revision 
_pdbx_audit_revision_history.minor_revision 
_pdbx_audit_revision_history.revision_date 
1 'Structure model' 1 0 2019-04-17 
2 'Structure model' 1 1 2019-04-24 
3 'Structure model' 1 2 2019-12-18 
4 'Structure model' 1 3 2023-10-11 
# 
_pdbx_audit_revision_details.ordinal             1 
_pdbx_audit_revision_details.revision_ordinal    1 
_pdbx_audit_revision_details.data_content_type   'Structure model' 
_pdbx_audit_revision_details.provider            repository 
_pdbx_audit_revision_details.type                'Initial release' 
_pdbx_audit_revision_details.description         ? 
_pdbx_audit_revision_details.details             ? 
# 
loop_
_pdbx_audit_revision_group.ordinal 
_pdbx_audit_revision_group.revision_ordinal 
_pdbx_audit_revision_group.data_content_type 
_pdbx_audit_revision_group.group 
1 2 'Structure model' 'Data collection'            
2 2 'Structure model' 'Database references'        
3 3 'Structure model' 'Author supporting evidence' 
4 4 'Structure model' 'Data collection'            
5 4 'Structure model' 'Database references'        
6 4 'Structure model' 'Refinement description'     
# 
loop_
_pdbx_audit_revision_category.ordinal 
_pdbx_audit_revision_category.revision_ordinal 
_pdbx_audit_revision_category.data_content_type 
_pdbx_audit_revision_category.category 
1 2 'Structure model' citation                      
2 2 'Structure model' citation_author               
3 3 'Structure model' pdbx_audit_support            
4 4 'Structure model' chem_comp_atom                
5 4 'Structure model' chem_comp_bond                
6 4 'Structure model' database_2                    
7 4 'Structure model' pdbx_initial_refinement_model 
# 
loop_
_pdbx_audit_revision_item.ordinal 
_pdbx_audit_revision_item.revision_ordinal 
_pdbx_audit_revision_item.data_content_type 
_pdbx_audit_revision_item.item 
1  2 'Structure model' '_citation.country'                        
2  2 'Structure model' '_citation.journal_abbrev'                 
3  2 'Structure model' '_citation.journal_id_CSD'                 
4  2 'Structure model' '_citation.journal_id_ISSN'                
5  2 'Structure model' '_citation.journal_volume'                 
6  2 'Structure model' '_citation.page_first'                     
7  2 'Structure model' '_citation.page_last'                      
8  2 'Structure model' '_citation.pdbx_database_id_DOI'           
9  2 'Structure model' '_citation.pdbx_database_id_PubMed'        
10 2 'Structure model' '_citation.title'                          
11 2 'Structure model' '_citation.year'                           
12 2 'Structure model' '_citation_author.identifier_ORCID'        
13 3 'Structure model' '_pdbx_audit_support.funding_organization' 
14 4 'Structure model' '_database_2.pdbx_DOI'                     
15 4 'Structure model' '_database_2.pdbx_database_accession'      
# 
loop_
_software.citation_id 
_software.classification 
_software.compiler_name 
_software.compiler_version 
_software.contact_author 
_software.contact_author_email 
_software.date 
_software.description 
_software.dependencies 
_software.hardware 
_software.language 
_software.location 
_software.mods 
_software.name 
_software.os 
_software.os_version 
_software.type 
_software.version 
_software.pdbx_ordinal 
? refinement       ? ? ? ? ? ? ? ? ? ? ? PHENIX   ? ? ? '(1.14_3260: ???)' 1 
? 'data reduction' ? ? ? ? ? ? ? ? ? ? ? HKL-2000 ? ? ? .                  2 
? 'data scaling'   ? ? ? ? ? ? ? ? ? ? ? HKL-2000 ? ? ? .                  3 
? phasing          ? ? ? ? ? ? ? ? ? ? ? PHASER   ? ? ? .                  4 
# 
loop_
_pdbx_validate_symm_contact.id 
_pdbx_validate_symm_contact.PDB_model_num 
_pdbx_validate_symm_contact.auth_atom_id_1 
_pdbx_validate_symm_contact.auth_asym_id_1 
_pdbx_validate_symm_contact.auth_comp_id_1 
_pdbx_validate_symm_contact.auth_seq_id_1 
_pdbx_validate_symm_contact.PDB_ins_code_1 
_pdbx_validate_symm_contact.label_alt_id_1 
_pdbx_validate_symm_contact.site_symmetry_1 
_pdbx_validate_symm_contact.auth_atom_id_2 
_pdbx_validate_symm_contact.auth_asym_id_2 
_pdbx_validate_symm_contact.auth_comp_id_2 
_pdbx_validate_symm_contact.auth_seq_id_2 
_pdbx_validate_symm_contact.PDB_ins_code_2 
_pdbx_validate_symm_contact.label_alt_id_2 
_pdbx_validate_symm_contact.site_symmetry_2 
_pdbx_validate_symm_contact.dist 
1 1 OH A TYR 74 ? ? 1_555 HD22 A ASN 122 ? ? 2_655 1.17 
2 1 OH A TYR 74 ? ? 1_555 ND2  A ASN 122 ? ? 2_655 1.36 
3 1 OH A TYR 74 ? ? 1_555 HD21 A ASN 122 ? ? 2_655 1.46 
# 
loop_
_pdbx_validate_main_chain_plane.id 
_pdbx_validate_main_chain_plane.PDB_model_num 
_pdbx_validate_main_chain_plane.auth_comp_id 
_pdbx_validate_main_chain_plane.auth_asym_id 
_pdbx_validate_main_chain_plane.auth_seq_id 
_pdbx_validate_main_chain_plane.PDB_ins_code 
_pdbx_validate_main_chain_plane.label_alt_id 
_pdbx_validate_main_chain_plane.improper_torsion_angle 
1 1 GLU A 98 ? A 13.41 
2 1 GLU A 98 ? B 13.16 
# 
loop_
_pdbx_unobs_or_zero_occ_residues.id 
_pdbx_unobs_or_zero_occ_residues.PDB_model_num 
_pdbx_unobs_or_zero_occ_residues.polymer_flag 
_pdbx_unobs_or_zero_occ_residues.occupancy_flag 
_pdbx_unobs_or_zero_occ_residues.auth_asym_id 
_pdbx_unobs_or_zero_occ_residues.auth_comp_id 
_pdbx_unobs_or_zero_occ_residues.auth_seq_id 
_pdbx_unobs_or_zero_occ_residues.PDB_ins_code 
_pdbx_unobs_or_zero_occ_residues.label_asym_id 
_pdbx_unobs_or_zero_occ_residues.label_comp_id 
_pdbx_unobs_or_zero_occ_residues.label_seq_id 
1 1 Y 1 A HIS 126 ? A HIS 64 
2 1 Y 1 A HIS 127 ? A HIS 65 
3 1 Y 1 A HIS 128 ? A HIS 66 
4 1 Y 1 A HIS 129 ? A HIS 67 
5 1 Y 1 A HIS 130 ? A HIS 68 
6 1 Y 1 A HIS 131 ? A HIS 69 
# 
loop_
_chem_comp_atom.comp_id 
_chem_comp_atom.atom_id 
_chem_comp_atom.type_symbol 
_chem_comp_atom.pdbx_aromatic_flag 
_chem_comp_atom.pdbx_stereo_config 
_chem_comp_atom.pdbx_ordinal 
ALA N    N N N 1   
ALA CA   C N S 2   
ALA C    C N N 3   
ALA O    O N N 4   
ALA CB   C N N 5   
ALA OXT  O N N 6   
ALA H    H N N 7   
ALA H2   H N N 8   
ALA HA   H N N 9   
ALA HB1  H N N 10  
ALA HB2  H N N 11  
ALA HB3  H N N 12  
ALA HXT  H N N 13  
ASN N    N N N 14  
ASN CA   C N S 15  
ASN C    C N N 16  
ASN O    O N N 17  
ASN CB   C N N 18  
ASN CG   C N N 19  
ASN OD1  O N N 20  
ASN ND2  N N N 21  
ASN OXT  O N N 22  
ASN H    H N N 23  
ASN H2   H N N 24  
ASN HA   H N N 25  
ASN HB2  H N N 26  
ASN HB3  H N N 27  
ASN HD21 H N N 28  
ASN HD22 H N N 29  
ASN HXT  H N N 30  
ASP N    N N N 31  
ASP CA   C N S 32  
ASP C    C N N 33  
ASP O    O N N 34  
ASP CB   C N N 35  
ASP CG   C N N 36  
ASP OD1  O N N 37  
ASP OD2  O N N 38  
ASP OXT  O N N 39  
ASP H    H N N 40  
ASP H2   H N N 41  
ASP HA   H N N 42  
ASP HB2  H N N 43  
ASP HB3  H N N 44  
ASP HD2  H N N 45  
ASP HXT  H N N 46  
GLN N    N N N 47  
GLN CA   C N S 48  
GLN C    C N N 49  
GLN O    O N N 50  
GLN CB   C N N 51  
GLN CG   C N N 52  
GLN CD   C N N 53  
GLN OE1  O N N 54  
GLN NE2  N N N 55  
GLN OXT  O N N 56  
GLN H    H N N 57  
GLN H2   H N N 58  
GLN HA   H N N 59  
GLN HB2  H N N 60  
GLN HB3  H N N 61  
GLN HG2  H N N 62  
GLN HG3  H N N 63  
GLN HE21 H N N 64  
GLN HE22 H N N 65  
GLN HXT  H N N 66  
GLU N    N N N 67  
GLU CA   C N S 68  
GLU C    C N N 69  
GLU O    O N N 70  
GLU CB   C N N 71  
GLU CG   C N N 72  
GLU CD   C N N 73  
GLU OE1  O N N 74  
GLU OE2  O N N 75  
GLU OXT  O N N 76  
GLU H    H N N 77  
GLU H2   H N N 78  
GLU HA   H N N 79  
GLU HB2  H N N 80  
GLU HB3  H N N 81  
GLU HG2  H N N 82  
GLU HG3  H N N 83  
GLU HE2  H N N 84  
GLU HXT  H N N 85  
GLY N    N N N 86  
GLY CA   C N N 87  
GLY C    C N N 88  
GLY O    O N N 89  
GLY OXT  O N N 90  
GLY H    H N N 91  
GLY H2   H N N 92  
GLY HA2  H N N 93  
GLY HA3  H N N 94  
GLY HXT  H N N 95  
HIS N    N N N 96  
HIS CA   C N S 97  
HIS C    C N N 98  
HIS O    O N N 99  
HIS CB   C N N 100 
HIS CG   C Y N 101 
HIS ND1  N Y N 102 
HIS CD2  C Y N 103 
HIS CE1  C Y N 104 
HIS NE2  N Y N 105 
HIS OXT  O N N 106 
HIS H    H N N 107 
HIS H2   H N N 108 
HIS HA   H N N 109 
HIS HB2  H N N 110 
HIS HB3  H N N 111 
HIS HD1  H N N 112 
HIS HD2  H N N 113 
HIS HE1  H N N 114 
HIS HE2  H N N 115 
HIS HXT  H N N 116 
HOH O    O N N 117 
HOH H1   H N N 118 
HOH H2   H N N 119 
ILE N    N N N 120 
ILE CA   C N S 121 
ILE C    C N N 122 
ILE O    O N N 123 
ILE CB   C N S 124 
ILE CG1  C N N 125 
ILE CG2  C N N 126 
ILE CD1  C N N 127 
ILE OXT  O N N 128 
ILE H    H N N 129 
ILE H2   H N N 130 
ILE HA   H N N 131 
ILE HB   H N N 132 
ILE HG12 H N N 133 
ILE HG13 H N N 134 
ILE HG21 H N N 135 
ILE HG22 H N N 136 
ILE HG23 H N N 137 
ILE HD11 H N N 138 
ILE HD12 H N N 139 
ILE HD13 H N N 140 
ILE HXT  H N N 141 
LEU N    N N N 142 
LEU CA   C N S 143 
LEU C    C N N 144 
LEU O    O N N 145 
LEU CB   C N N 146 
LEU CG   C N N 147 
LEU CD1  C N N 148 
LEU CD2  C N N 149 
LEU OXT  O N N 150 
LEU H    H N N 151 
LEU H2   H N N 152 
LEU HA   H N N 153 
LEU HB2  H N N 154 
LEU HB3  H N N 155 
LEU HG   H N N 156 
LEU HD11 H N N 157 
LEU HD12 H N N 158 
LEU HD13 H N N 159 
LEU HD21 H N N 160 
LEU HD22 H N N 161 
LEU HD23 H N N 162 
LEU HXT  H N N 163 
LYS N    N N N 164 
LYS CA   C N S 165 
LYS C    C N N 166 
LYS O    O N N 167 
LYS CB   C N N 168 
LYS CG   C N N 169 
LYS CD   C N N 170 
LYS CE   C N N 171 
LYS NZ   N N N 172 
LYS OXT  O N N 173 
LYS H    H N N 174 
LYS H2   H N N 175 
LYS HA   H N N 176 
LYS HB2  H N N 177 
LYS HB3  H N N 178 
LYS HG2  H N N 179 
LYS HG3  H N N 180 
LYS HD2  H N N 181 
LYS HD3  H N N 182 
LYS HE2  H N N 183 
LYS HE3  H N N 184 
LYS HZ1  H N N 185 
LYS HZ2  H N N 186 
LYS HZ3  H N N 187 
LYS HXT  H N N 188 
MET N    N N N 189 
MET CA   C N S 190 
MET C    C N N 191 
MET O    O N N 192 
MET CB   C N N 193 
MET CG   C N N 194 
MET SD   S N N 195 
MET CE   C N N 196 
MET OXT  O N N 197 
MET H    H N N 198 
MET H2   H N N 199 
MET HA   H N N 200 
MET HB2  H N N 201 
MET HB3  H N N 202 
MET HG2  H N N 203 
MET HG3  H N N 204 
MET HE1  H N N 205 
MET HE2  H N N 206 
MET HE3  H N N 207 
MET HXT  H N N 208 
PHE N    N N N 209 
PHE CA   C N S 210 
PHE C    C N N 211 
PHE O    O N N 212 
PHE CB   C N N 213 
PHE CG   C Y N 214 
PHE CD1  C Y N 215 
PHE CD2  C Y N 216 
PHE CE1  C Y N 217 
PHE CE2  C Y N 218 
PHE CZ   C Y N 219 
PHE OXT  O N N 220 
PHE H    H N N 221 
PHE H2   H N N 222 
PHE HA   H N N 223 
PHE HB2  H N N 224 
PHE HB3  H N N 225 
PHE HD1  H N N 226 
PHE HD2  H N N 227 
PHE HE1  H N N 228 
PHE HE2  H N N 229 
PHE HZ   H N N 230 
PHE HXT  H N N 231 
PRO N    N N N 232 
PRO CA   C N S 233 
PRO C    C N N 234 
PRO O    O N N 235 
PRO CB   C N N 236 
PRO CG   C N N 237 
PRO CD   C N N 238 
PRO OXT  O N N 239 
PRO H    H N N 240 
PRO HA   H N N 241 
PRO HB2  H N N 242 
PRO HB3  H N N 243 
PRO HG2  H N N 244 
PRO HG3  H N N 245 
PRO HD2  H N N 246 
PRO HD3  H N N 247 
PRO HXT  H N N 248 
SER N    N N N 249 
SER CA   C N S 250 
SER C    C N N 251 
SER O    O N N 252 
SER CB   C N N 253 
SER OG   O N N 254 
SER OXT  O N N 255 
SER H    H N N 256 
SER H2   H N N 257 
SER HA   H N N 258 
SER HB2  H N N 259 
SER HB3  H N N 260 
SER HG   H N N 261 
SER HXT  H N N 262 
THR N    N N N 263 
THR CA   C N S 264 
THR C    C N N 265 
THR O    O N N 266 
THR CB   C N R 267 
THR OG1  O N N 268 
THR CG2  C N N 269 
THR OXT  O N N 270 
THR H    H N N 271 
THR H2   H N N 272 
THR HA   H N N 273 
THR HB   H N N 274 
THR HG1  H N N 275 
THR HG21 H N N 276 
THR HG22 H N N 277 
THR HG23 H N N 278 
THR HXT  H N N 279 
TRP N    N N N 280 
TRP CA   C N S 281 
TRP C    C N N 282 
TRP O    O N N 283 
TRP CB   C N N 284 
TRP CG   C Y N 285 
TRP CD1  C Y N 286 
TRP CD2  C Y N 287 
TRP NE1  N Y N 288 
TRP CE2  C Y N 289 
TRP CE3  C Y N 290 
TRP CZ2  C Y N 291 
TRP CZ3  C Y N 292 
TRP CH2  C Y N 293 
TRP OXT  O N N 294 
TRP H    H N N 295 
TRP H2   H N N 296 
TRP HA   H N N 297 
TRP HB2  H N N 298 
TRP HB3  H N N 299 
TRP HD1  H N N 300 
TRP HE1  H N N 301 
TRP HE3  H N N 302 
TRP HZ2  H N N 303 
TRP HZ3  H N N 304 
TRP HH2  H N N 305 
TRP HXT  H N N 306 
TYR N    N N N 307 
TYR CA   C N S 308 
TYR C    C N N 309 
TYR O    O N N 310 
TYR CB   C N N 311 
TYR CG   C Y N 312 
TYR CD1  C Y N 313 
TYR CD2  C Y N 314 
TYR CE1  C Y N 315 
TYR CE2  C Y N 316 
TYR CZ   C Y N 317 
TYR OH   O N N 318 
TYR OXT  O N N 319 
TYR H    H N N 320 
TYR H2   H N N 321 
TYR HA   H N N 322 
TYR HB2  H N N 323 
TYR HB3  H N N 324 
TYR HD1  H N N 325 
TYR HD2  H N N 326 
TYR HE1  H N N 327 
TYR HE2  H N N 328 
TYR HH   H N N 329 
TYR HXT  H N N 330 
VAL N    N N N 331 
VAL CA   C N S 332 
VAL C    C N N 333 
VAL O    O N N 334 
VAL CB   C N N 335 
VAL CG1  C N N 336 
VAL CG2  C N N 337 
VAL OXT  O N N 338 
VAL H    H N N 339 
VAL H2   H N N 340 
VAL HA   H N N 341 
VAL HB   H N N 342 
VAL HG11 H N N 343 
VAL HG12 H N N 344 
VAL HG13 H N N 345 
VAL HG21 H N N 346 
VAL HG22 H N N 347 
VAL HG23 H N N 348 
VAL HXT  H N N 349 
# 
loop_
_chem_comp_bond.comp_id 
_chem_comp_bond.atom_id_1 
_chem_comp_bond.atom_id_2 
_chem_comp_bond.value_order 
_chem_comp_bond.pdbx_aromatic_flag 
_chem_comp_bond.pdbx_stereo_config 
_chem_comp_bond.pdbx_ordinal 
ALA N   CA   sing N N 1   
ALA N   H    sing N N 2   
ALA N   H2   sing N N 3   
ALA CA  C    sing N N 4   
ALA CA  CB   sing N N 5   
ALA CA  HA   sing N N 6   
ALA C   O    doub N N 7   
ALA C   OXT  sing N N 8   
ALA CB  HB1  sing N N 9   
ALA CB  HB2  sing N N 10  
ALA CB  HB3  sing N N 11  
ALA OXT HXT  sing N N 12  
ASN N   CA   sing N N 13  
ASN N   H    sing N N 14  
ASN N   H2   sing N N 15  
ASN CA  C    sing N N 16  
ASN CA  CB   sing N N 17  
ASN CA  HA   sing N N 18  
ASN C   O    doub N N 19  
ASN C   OXT  sing N N 20  
ASN CB  CG   sing N N 21  
ASN CB  HB2  sing N N 22  
ASN CB  HB3  sing N N 23  
ASN CG  OD1  doub N N 24  
ASN CG  ND2  sing N N 25  
ASN ND2 HD21 sing N N 26  
ASN ND2 HD22 sing N N 27  
ASN OXT HXT  sing N N 28  
ASP N   CA   sing N N 29  
ASP N   H    sing N N 30  
ASP N   H2   sing N N 31  
ASP CA  C    sing N N 32  
ASP CA  CB   sing N N 33  
ASP CA  HA   sing N N 34  
ASP C   O    doub N N 35  
ASP C   OXT  sing N N 36  
ASP CB  CG   sing N N 37  
ASP CB  HB2  sing N N 38  
ASP CB  HB3  sing N N 39  
ASP CG  OD1  doub N N 40  
ASP CG  OD2  sing N N 41  
ASP OD2 HD2  sing N N 42  
ASP OXT HXT  sing N N 43  
GLN N   CA   sing N N 44  
GLN N   H    sing N N 45  
GLN N   H2   sing N N 46  
GLN CA  C    sing N N 47  
GLN CA  CB   sing N N 48  
GLN CA  HA   sing N N 49  
GLN C   O    doub N N 50  
GLN C   OXT  sing N N 51  
GLN CB  CG   sing N N 52  
GLN CB  HB2  sing N N 53  
GLN CB  HB3  sing N N 54  
GLN CG  CD   sing N N 55  
GLN CG  HG2  sing N N 56  
GLN CG  HG3  sing N N 57  
GLN CD  OE1  doub N N 58  
GLN CD  NE2  sing N N 59  
GLN NE2 HE21 sing N N 60  
GLN NE2 HE22 sing N N 61  
GLN OXT HXT  sing N N 62  
GLU N   CA   sing N N 63  
GLU N   H    sing N N 64  
GLU N   H2   sing N N 65  
GLU CA  C    sing N N 66  
GLU CA  CB   sing N N 67  
GLU CA  HA   sing N N 68  
GLU C   O    doub N N 69  
GLU C   OXT  sing N N 70  
GLU CB  CG   sing N N 71  
GLU CB  HB2  sing N N 72  
GLU CB  HB3  sing N N 73  
GLU CG  CD   sing N N 74  
GLU CG  HG2  sing N N 75  
GLU CG  HG3  sing N N 76  
GLU CD  OE1  doub N N 77  
GLU CD  OE2  sing N N 78  
GLU OE2 HE2  sing N N 79  
GLU OXT HXT  sing N N 80  
GLY N   CA   sing N N 81  
GLY N   H    sing N N 82  
GLY N   H2   sing N N 83  
GLY CA  C    sing N N 84  
GLY CA  HA2  sing N N 85  
GLY CA  HA3  sing N N 86  
GLY C   O    doub N N 87  
GLY C   OXT  sing N N 88  
GLY OXT HXT  sing N N 89  
HIS N   CA   sing N N 90  
HIS N   H    sing N N 91  
HIS N   H2   sing N N 92  
HIS CA  C    sing N N 93  
HIS CA  CB   sing N N 94  
HIS CA  HA   sing N N 95  
HIS C   O    doub N N 96  
HIS C   OXT  sing N N 97  
HIS CB  CG   sing N N 98  
HIS CB  HB2  sing N N 99  
HIS CB  HB3  sing N N 100 
HIS CG  ND1  sing Y N 101 
HIS CG  CD2  doub Y N 102 
HIS ND1 CE1  doub Y N 103 
HIS ND1 HD1  sing N N 104 
HIS CD2 NE2  sing Y N 105 
HIS CD2 HD2  sing N N 106 
HIS CE1 NE2  sing Y N 107 
HIS CE1 HE1  sing N N 108 
HIS NE2 HE2  sing N N 109 
HIS OXT HXT  sing N N 110 
HOH O   H1   sing N N 111 
HOH O   H2   sing N N 112 
ILE N   CA   sing N N 113 
ILE N   H    sing N N 114 
ILE N   H2   sing N N 115 
ILE CA  C    sing N N 116 
ILE CA  CB   sing N N 117 
ILE CA  HA   sing N N 118 
ILE C   O    doub N N 119 
ILE C   OXT  sing N N 120 
ILE CB  CG1  sing N N 121 
ILE CB  CG2  sing N N 122 
ILE CB  HB   sing N N 123 
ILE CG1 CD1  sing N N 124 
ILE CG1 HG12 sing N N 125 
ILE CG1 HG13 sing N N 126 
ILE CG2 HG21 sing N N 127 
ILE CG2 HG22 sing N N 128 
ILE CG2 HG23 sing N N 129 
ILE CD1 HD11 sing N N 130 
ILE CD1 HD12 sing N N 131 
ILE CD1 HD13 sing N N 132 
ILE OXT HXT  sing N N 133 
LEU N   CA   sing N N 134 
LEU N   H    sing N N 135 
LEU N   H2   sing N N 136 
LEU CA  C    sing N N 137 
LEU CA  CB   sing N N 138 
LEU CA  HA   sing N N 139 
LEU C   O    doub N N 140 
LEU C   OXT  sing N N 141 
LEU CB  CG   sing N N 142 
LEU CB  HB2  sing N N 143 
LEU CB  HB3  sing N N 144 
LEU CG  CD1  sing N N 145 
LEU CG  CD2  sing N N 146 
LEU CG  HG   sing N N 147 
LEU CD1 HD11 sing N N 148 
LEU CD1 HD12 sing N N 149 
LEU CD1 HD13 sing N N 150 
LEU CD2 HD21 sing N N 151 
LEU CD2 HD22 sing N N 152 
LEU CD2 HD23 sing N N 153 
LEU OXT HXT  sing N N 154 
LYS N   CA   sing N N 155 
LYS N   H    sing N N 156 
LYS N   H2   sing N N 157 
LYS CA  C    sing N N 158 
LYS CA  CB   sing N N 159 
LYS CA  HA   sing N N 160 
LYS C   O    doub N N 161 
LYS C   OXT  sing N N 162 
LYS CB  CG   sing N N 163 
LYS CB  HB2  sing N N 164 
LYS CB  HB3  sing N N 165 
LYS CG  CD   sing N N 166 
LYS CG  HG2  sing N N 167 
LYS CG  HG3  sing N N 168 
LYS CD  CE   sing N N 169 
LYS CD  HD2  sing N N 170 
LYS CD  HD3  sing N N 171 
LYS CE  NZ   sing N N 172 
LYS CE  HE2  sing N N 173 
LYS CE  HE3  sing N N 174 
LYS NZ  HZ1  sing N N 175 
LYS NZ  HZ2  sing N N 176 
LYS NZ  HZ3  sing N N 177 
LYS OXT HXT  sing N N 178 
MET N   CA   sing N N 179 
MET N   H    sing N N 180 
MET N   H2   sing N N 181 
MET CA  C    sing N N 182 
MET CA  CB   sing N N 183 
MET CA  HA   sing N N 184 
MET C   O    doub N N 185 
MET C   OXT  sing N N 186 
MET CB  CG   sing N N 187 
MET CB  HB2  sing N N 188 
MET CB  HB3  sing N N 189 
MET CG  SD   sing N N 190 
MET CG  HG2  sing N N 191 
MET CG  HG3  sing N N 192 
MET SD  CE   sing N N 193 
MET CE  HE1  sing N N 194 
MET CE  HE2  sing N N 195 
MET CE  HE3  sing N N 196 
MET OXT HXT  sing N N 197 
PHE N   CA   sing N N 198 
PHE N   H    sing N N 199 
PHE N   H2   sing N N 200 
PHE CA  C    sing N N 201 
PHE CA  CB   sing N N 202 
PHE CA  HA   sing N N 203 
PHE C   O    doub N N 204 
PHE C   OXT  sing N N 205 
PHE CB  CG   sing N N 206 
PHE CB  HB2  sing N N 207 
PHE CB  HB3  sing N N 208 
PHE CG  CD1  doub Y N 209 
PHE CG  CD2  sing Y N 210 
PHE CD1 CE1  sing Y N 211 
PHE CD1 HD1  sing N N 212 
PHE CD2 CE2  doub Y N 213 
PHE CD2 HD2  sing N N 214 
PHE CE1 CZ   doub Y N 215 
PHE CE1 HE1  sing N N 216 
PHE CE2 CZ   sing Y N 217 
PHE CE2 HE2  sing N N 218 
PHE CZ  HZ   sing N N 219 
PHE OXT HXT  sing N N 220 
PRO N   CA   sing N N 221 
PRO N   CD   sing N N 222 
PRO N   H    sing N N 223 
PRO CA  C    sing N N 224 
PRO CA  CB   sing N N 225 
PRO CA  HA   sing N N 226 
PRO C   O    doub N N 227 
PRO C   OXT  sing N N 228 
PRO CB  CG   sing N N 229 
PRO CB  HB2  sing N N 230 
PRO CB  HB3  sing N N 231 
PRO CG  CD   sing N N 232 
PRO CG  HG2  sing N N 233 
PRO CG  HG3  sing N N 234 
PRO CD  HD2  sing N N 235 
PRO CD  HD3  sing N N 236 
PRO OXT HXT  sing N N 237 
SER N   CA   sing N N 238 
SER N   H    sing N N 239 
SER N   H2   sing N N 240 
SER CA  C    sing N N 241 
SER CA  CB   sing N N 242 
SER CA  HA   sing N N 243 
SER C   O    doub N N 244 
SER C   OXT  sing N N 245 
SER CB  OG   sing N N 246 
SER CB  HB2  sing N N 247 
SER CB  HB3  sing N N 248 
SER OG  HG   sing N N 249 
SER OXT HXT  sing N N 250 
THR N   CA   sing N N 251 
THR N   H    sing N N 252 
THR N   H2   sing N N 253 
THR CA  C    sing N N 254 
THR CA  CB   sing N N 255 
THR CA  HA   sing N N 256 
THR C   O    doub N N 257 
THR C   OXT  sing N N 258 
THR CB  OG1  sing N N 259 
THR CB  CG2  sing N N 260 
THR CB  HB   sing N N 261 
THR OG1 HG1  sing N N 262 
THR CG2 HG21 sing N N 263 
THR CG2 HG22 sing N N 264 
THR CG2 HG23 sing N N 265 
THR OXT HXT  sing N N 266 
TRP N   CA   sing N N 267 
TRP N   H    sing N N 268 
TRP N   H2   sing N N 269 
TRP CA  C    sing N N 270 
TRP CA  CB   sing N N 271 
TRP CA  HA   sing N N 272 
TRP C   O    doub N N 273 
TRP C   OXT  sing N N 274 
TRP CB  CG   sing N N 275 
TRP CB  HB2  sing N N 276 
TRP CB  HB3  sing N N 277 
TRP CG  CD1  doub Y N 278 
TRP CG  CD2  sing Y N 279 
TRP CD1 NE1  sing Y N 280 
TRP CD1 HD1  sing N N 281 
TRP CD2 CE2  doub Y N 282 
TRP CD2 CE3  sing Y N 283 
TRP NE1 CE2  sing Y N 284 
TRP NE1 HE1  sing N N 285 
TRP CE2 CZ2  sing Y N 286 
TRP CE3 CZ3  doub Y N 287 
TRP CE3 HE3  sing N N 288 
TRP CZ2 CH2  doub Y N 289 
TRP CZ2 HZ2  sing N N 290 
TRP CZ3 CH2  sing Y N 291 
TRP CZ3 HZ3  sing N N 292 
TRP CH2 HH2  sing N N 293 
TRP OXT HXT  sing N N 294 
TYR N   CA   sing N N 295 
TYR N   H    sing N N 296 
TYR N   H2   sing N N 297 
TYR CA  C    sing N N 298 
TYR CA  CB   sing N N 299 
TYR CA  HA   sing N N 300 
TYR C   O    doub N N 301 
TYR C   OXT  sing N N 302 
TYR CB  CG   sing N N 303 
TYR CB  HB2  sing N N 304 
TYR CB  HB3  sing N N 305 
TYR CG  CD1  doub Y N 306 
TYR CG  CD2  sing Y N 307 
TYR CD1 CE1  sing Y N 308 
TYR CD1 HD1  sing N N 309 
TYR CD2 CE2  doub Y N 310 
TYR CD2 HD2  sing N N 311 
TYR CE1 CZ   doub Y N 312 
TYR CE1 HE1  sing N N 313 
TYR CE2 CZ   sing Y N 314 
TYR CE2 HE2  sing N N 315 
TYR CZ  OH   sing N N 316 
TYR OH  HH   sing N N 317 
TYR OXT HXT  sing N N 318 
VAL N   CA   sing N N 319 
VAL N   H    sing N N 320 
VAL N   H2   sing N N 321 
VAL CA  C    sing N N 322 
VAL CA  CB   sing N N 323 
VAL CA  HA   sing N N 324 
VAL C   O    doub N N 325 
VAL C   OXT  sing N N 326 
VAL CB  CG1  sing N N 327 
VAL CB  CG2  sing N N 328 
VAL CB  HB   sing N N 329 
VAL CG1 HG11 sing N N 330 
VAL CG1 HG12 sing N N 331 
VAL CG1 HG13 sing N N 332 
VAL CG2 HG21 sing N N 333 
VAL CG2 HG22 sing N N 334 
VAL CG2 HG23 sing N N 335 
VAL OXT HXT  sing N N 336 
# 
loop_
_pdbx_audit_support.funding_organization 
_pdbx_audit_support.country 
_pdbx_audit_support.grant_number 
_pdbx_audit_support.ordinal 
'National Institutes of Health/National Institute of General Medical Sciences (NIH/NIGMS)' 'United States' GM120569  1 
'National Institutes of Health/National Human Genome Research Institute (NIH/NHGRI)'       'United States' GMI122491 2 
'National Institutes of Health/National Human Genome Research Institute (NIH/NHGRI)'       'United States' DA043680  3 
# 
_pdbx_entity_nonpoly.entity_id   2 
_pdbx_entity_nonpoly.name        water 
_pdbx_entity_nonpoly.comp_id     HOH 
# 
_pdbx_initial_refinement_model.id               1 
_pdbx_initial_refinement_model.entity_id_list   ? 
_pdbx_initial_refinement_model.type             'experimental model' 
_pdbx_initial_refinement_model.source_name      PDB 
_pdbx_initial_refinement_model.accession_code   2IIM 
_pdbx_initial_refinement_model.details          ? 
# 
_pdbx_struct_assembly_auth_evidence.id                     1 
_pdbx_struct_assembly_auth_evidence.assembly_id            1 
_pdbx_struct_assembly_auth_evidence.experimental_support   none 
_pdbx_struct_assembly_auth_evidence.details                ? 
# 
